data_2K52
#
_entry.id   2K52
#
_entity_poly.entity_id   1
_entity_poly.type   'polypeptide(L)'
_entity_poly.pdbx_seq_one_letter_code
;MDVEPGKFYKGVVTRIEKYGAFINLNEQVRGLLRPRDMISLRLENLNVGDEIIVQAIDVRPEKREIDFKYIPLEHHHHHH
;
_entity_poly.pdbx_strand_id   A
#
# COMPACT_ATOMS: atom_id res chain seq x y z
N MET A 1 8.50 12.21 -5.56
CA MET A 1 7.86 12.19 -4.21
C MET A 1 8.56 11.20 -3.26
N ASP A 2 8.86 11.64 -2.05
CA ASP A 2 9.40 10.77 -1.00
C ASP A 2 8.31 10.37 -0.01
N VAL A 3 8.48 9.25 0.68
CA VAL A 3 7.47 8.73 1.61
C VAL A 3 7.99 8.65 3.05
N GLU A 4 7.23 9.22 3.99
CA GLU A 4 7.57 9.18 5.41
C GLU A 4 6.71 8.13 6.14
N PRO A 5 7.29 7.41 7.12
CA PRO A 5 6.55 6.42 7.90
C PRO A 5 5.51 7.07 8.84
N GLY A 6 4.23 6.87 8.53
CA GLY A 6 3.16 7.47 9.33
C GLY A 6 2.34 8.52 8.57
N LYS A 7 2.74 8.82 7.33
CA LYS A 7 2.03 9.81 6.51
C LYS A 7 0.98 9.16 5.58
N PHE A 8 0.06 9.99 5.07
CA PHE A 8 -1.04 9.51 4.24
C PHE A 8 -0.71 9.65 2.74
N TYR A 9 -0.95 8.58 1.97
CA TYR A 9 -0.70 8.60 0.52
C TYR A 9 -1.71 7.71 -0.25
N LYS A 10 -1.94 8.05 -1.52
CA LYS A 10 -2.72 7.20 -2.43
C LYS A 10 -1.78 6.39 -3.32
N GLY A 11 -2.10 5.12 -3.56
CA GLY A 11 -1.28 4.28 -4.41
C GLY A 11 -2.10 3.42 -5.38
N VAL A 12 -1.44 2.84 -6.37
CA VAL A 12 -2.10 1.99 -7.35
C VAL A 12 -1.62 0.53 -7.26
N VAL A 13 -2.57 -0.41 -7.29
CA VAL A 13 -2.26 -1.84 -7.20
C VAL A 13 -1.61 -2.39 -8.48
N THR A 14 -0.44 -3.01 -8.34
CA THR A 14 0.28 -3.58 -9.48
C THR A 14 -0.10 -5.05 -9.73
N ARG A 15 -0.09 -5.86 -8.69
CA ARG A 15 -0.51 -7.27 -8.78
C ARG A 15 -1.03 -7.79 -7.44
N ILE A 16 -1.94 -8.75 -7.49
CA ILE A 16 -2.54 -9.33 -6.28
C ILE A 16 -1.83 -10.63 -5.86
N GLU A 17 -1.13 -10.58 -4.72
CA GLU A 17 -0.45 -11.77 -4.18
C GLU A 17 -1.35 -12.49 -3.16
N LYS A 18 -1.03 -13.75 -2.89
CA LYS A 18 -1.82 -14.54 -1.92
C LYS A 18 -1.46 -14.20 -0.47
N TYR A 19 -0.63 -13.16 -0.30
CA TYR A 19 -0.22 -12.68 1.03
C TYR A 19 -0.28 -11.14 1.10
N GLY A 20 -0.89 -10.52 0.10
CA GLY A 20 -0.98 -9.06 0.04
C GLY A 20 -1.01 -8.51 -1.38
N ALA A 21 -1.02 -7.19 -1.51
CA ALA A 21 -0.99 -6.54 -2.83
C ALA A 21 0.15 -5.52 -2.93
N PHE A 22 1.00 -5.66 -3.95
CA PHE A 22 2.10 -4.70 -4.17
C PHE A 22 1.58 -3.41 -4.83
N ILE A 23 1.82 -2.28 -4.17
CA ILE A 23 1.30 -0.98 -4.62
C ILE A 23 2.42 0.04 -4.88
N ASN A 24 2.33 0.77 -5.99
CA ASN A 24 3.28 1.84 -6.30
C ASN A 24 2.76 3.20 -5.81
N LEU A 25 3.62 3.95 -5.12
CA LEU A 25 3.31 5.32 -4.71
C LEU A 25 3.99 6.34 -5.64
N ASN A 26 5.20 5.99 -6.09
CA ASN A 26 6.02 6.89 -6.90
C ASN A 26 6.91 6.07 -7.86
N GLU A 27 7.50 6.76 -8.83
CA GLU A 27 8.39 6.17 -9.85
C GLU A 27 9.34 5.08 -9.28
N GLN A 28 10.03 5.39 -8.18
CA GLN A 28 10.95 4.42 -7.55
C GLN A 28 10.47 3.97 -6.16
N VAL A 29 9.18 4.15 -5.88
CA VAL A 29 8.63 3.82 -4.55
C VAL A 29 7.47 2.81 -4.64
N ARG A 30 7.70 1.59 -4.14
CA ARG A 30 6.69 0.54 -4.11
C ARG A 30 6.69 -0.19 -2.75
N GLY A 31 5.53 -0.70 -2.34
CA GLY A 31 5.43 -1.43 -1.08
C GLY A 31 4.38 -2.54 -1.11
N LEU A 32 4.12 -3.14 0.06
CA LEU A 32 3.18 -4.26 0.17
C LEU A 32 2.00 -3.92 1.11
N LEU A 33 0.79 -4.19 0.64
CA LEU A 33 -0.42 -4.00 1.45
C LEU A 33 -0.97 -5.36 1.92
N ARG A 34 -0.95 -5.59 3.23
CA ARG A 34 -1.34 -6.89 3.80
C ARG A 34 -2.82 -6.90 4.25
N PRO A 35 -3.49 -8.08 4.18
CA PRO A 35 -4.97 -8.19 4.39
C PRO A 35 -5.44 -7.85 5.80
N ARG A 36 -4.65 -8.18 6.83
CA ARG A 36 -5.05 -7.90 8.21
C ARG A 36 -4.92 -6.40 8.53
N ASP A 37 -4.22 -5.67 7.68
CA ASP A 37 -4.07 -4.23 7.81
C ASP A 37 -5.16 -3.50 7.01
N MET A 38 -6.05 -4.30 6.40
CA MET A 38 -7.15 -3.77 5.59
C MET A 38 -8.47 -3.73 6.39
N ILE A 39 -9.24 -2.66 6.21
CA ILE A 39 -10.53 -2.50 6.92
C ILE A 39 -11.72 -2.88 6.01
N SER A 40 -12.12 -1.96 5.14
CA SER A 40 -13.30 -2.15 4.28
C SER A 40 -13.01 -2.98 3.02
N LEU A 41 -11.77 -2.90 2.53
CA LEU A 41 -11.37 -3.61 1.30
C LEU A 41 -10.57 -4.89 1.59
N ARG A 42 -10.94 -5.99 0.93
CA ARG A 42 -10.21 -7.26 1.04
C ARG A 42 -9.39 -7.52 -0.23
N LEU A 43 -8.24 -8.21 -0.09
CA LEU A 43 -7.41 -8.58 -1.25
C LEU A 43 -8.26 -9.25 -2.34
N GLU A 44 -9.22 -10.04 -1.89
CA GLU A 44 -10.09 -10.83 -2.75
C GLU A 44 -10.91 -9.96 -3.72
N ASN A 45 -11.03 -8.68 -3.38
CA ASN A 45 -11.88 -7.74 -4.14
C ASN A 45 -11.02 -6.67 -4.86
N LEU A 46 -9.71 -6.71 -4.65
CA LEU A 46 -8.81 -5.72 -5.25
C LEU A 46 -8.36 -6.17 -6.65
N ASN A 47 -8.21 -5.22 -7.56
CA ASN A 47 -7.79 -5.51 -8.94
C ASN A 47 -6.56 -4.68 -9.33
N VAL A 48 -5.83 -5.15 -10.34
CA VAL A 48 -4.70 -4.40 -10.88
C VAL A 48 -5.16 -3.08 -11.50
N GLY A 49 -4.66 -1.96 -10.97
CA GLY A 49 -5.03 -0.65 -11.50
C GLY A 49 -5.93 0.17 -10.57
N ASP A 50 -6.41 -0.44 -9.48
CA ASP A 50 -7.25 0.27 -8.50
C ASP A 50 -6.42 1.25 -7.64
N GLU A 51 -6.91 2.49 -7.53
CA GLU A 51 -6.30 3.50 -6.65
C GLU A 51 -6.81 3.33 -5.21
N ILE A 52 -5.93 2.88 -4.32
CA ILE A 52 -6.31 2.70 -2.90
C ILE A 52 -5.60 3.73 -2.00
N ILE A 53 -6.37 4.38 -1.14
CA ILE A 53 -5.82 5.35 -0.17
C ILE A 53 -5.34 4.62 1.10
N VAL A 54 -4.03 4.73 1.37
CA VAL A 54 -3.43 4.02 2.52
C VAL A 54 -2.47 4.92 3.30
N GLN A 55 -2.16 4.51 4.52
CA GLN A 55 -1.17 5.20 5.34
C GLN A 55 0.10 4.36 5.47
N ALA A 56 1.26 5.01 5.33
CA ALA A 56 2.55 4.31 5.40
C ALA A 56 2.87 3.86 6.83
N ILE A 57 3.13 2.57 7.02
CA ILE A 57 3.49 2.04 8.34
C ILE A 57 5.01 2.18 8.60
N ASP A 58 5.81 1.44 7.84
CA ASP A 58 7.28 1.49 7.95
C ASP A 58 7.93 1.73 6.59
N VAL A 59 8.80 2.73 6.52
CA VAL A 59 9.60 2.99 5.32
C VAL A 59 11.06 2.57 5.57
N ARG A 60 11.46 1.45 4.99
CA ARG A 60 12.79 0.88 5.25
C ARG A 60 13.74 1.11 4.07
N PRO A 61 14.67 2.09 4.18
CA PRO A 61 15.61 2.42 3.08
C PRO A 61 16.48 1.21 2.69
N GLU A 62 16.93 0.46 3.68
CA GLU A 62 17.74 -0.75 3.45
C GLU A 62 16.96 -1.81 2.63
N LYS A 63 15.62 -1.76 2.71
CA LYS A 63 14.77 -2.73 2.00
C LYS A 63 14.11 -2.11 0.76
N ARG A 64 14.08 -0.77 0.71
CA ARG A 64 13.48 -0.04 -0.41
C ARG A 64 11.95 -0.24 -0.54
N GLU A 65 11.37 -1.06 0.35
CA GLU A 65 9.94 -1.37 0.32
C GLU A 65 9.22 -0.81 1.57
N ILE A 66 7.91 -0.67 1.48
CA ILE A 66 7.11 -0.04 2.54
C ILE A 66 5.85 -0.87 2.88
N ASP A 67 5.50 -0.93 4.16
CA ASP A 67 4.22 -1.53 4.58
C ASP A 67 3.07 -0.51 4.49
N PHE A 68 1.96 -0.93 3.92
CA PHE A 68 0.78 -0.06 3.79
C PHE A 68 -0.35 -0.50 4.73
N LYS A 69 -1.10 0.48 5.22
CA LYS A 69 -2.25 0.22 6.09
C LYS A 69 -3.51 0.89 5.54
N TYR A 70 -4.63 0.16 5.51
CA TYR A 70 -5.89 0.73 5.00
C TYR A 70 -6.66 1.41 6.14
N ILE A 71 -7.12 2.62 5.88
CA ILE A 71 -7.84 3.40 6.89
C ILE A 71 -9.24 3.83 6.38
N PRO A 72 -10.23 3.89 7.29
CA PRO A 72 -11.57 4.42 6.95
C PRO A 72 -11.54 5.91 6.58
N LEU A 73 -10.43 6.58 6.90
CA LEU A 73 -10.25 8.00 6.57
C LEU A 73 -9.77 8.10 5.11
N GLU A 74 -10.70 8.00 4.17
CA GLU A 74 -10.39 8.01 2.73
C GLU A 74 -10.59 9.41 2.11
N MET A 1 10.89 11.44 -4.09
CA MET A 1 9.94 11.54 -2.95
C MET A 1 10.17 10.39 -1.96
N ASP A 2 10.90 10.67 -0.88
CA ASP A 2 11.10 9.67 0.17
C ASP A 2 9.86 9.57 1.07
N VAL A 3 9.55 8.36 1.52
CA VAL A 3 8.35 8.13 2.31
C VAL A 3 8.67 7.93 3.79
N GLU A 4 8.04 8.72 4.64
CA GLU A 4 8.21 8.62 6.10
C GLU A 4 7.20 7.65 6.71
N PRO A 5 7.50 7.09 7.89
CA PRO A 5 6.52 6.31 8.66
C PRO A 5 5.39 7.20 9.21
N GLY A 6 4.20 7.06 8.63
CA GLY A 6 3.05 7.88 9.04
C GLY A 6 2.51 8.78 7.94
N LYS A 7 2.94 8.54 6.69
CA LYS A 7 2.50 9.34 5.55
C LYS A 7 1.17 8.83 4.96
N PHE A 8 0.50 9.69 4.19
CA PHE A 8 -0.76 9.35 3.52
C PHE A 8 -0.65 9.60 2.00
N TYR A 9 -0.89 8.56 1.20
CA TYR A 9 -0.85 8.68 -0.27
C TYR A 9 -1.93 7.80 -0.94
N LYS A 10 -2.36 8.18 -2.13
CA LYS A 10 -3.21 7.31 -2.96
C LYS A 10 -2.34 6.53 -3.95
N GLY A 11 -2.20 5.22 -3.71
CA GLY A 11 -1.39 4.38 -4.57
C GLY A 11 -2.20 3.44 -5.45
N VAL A 12 -1.57 2.89 -6.49
CA VAL A 12 -2.26 1.99 -7.41
C VAL A 12 -1.76 0.53 -7.26
N VAL A 13 -2.71 -0.41 -7.24
CA VAL A 13 -2.40 -1.83 -7.11
C VAL A 13 -1.84 -2.42 -8.42
N THR A 14 -0.61 -2.93 -8.36
CA THR A 14 0.02 -3.56 -9.53
C THR A 14 -0.42 -5.01 -9.71
N ARG A 15 -0.20 -5.84 -8.70
CA ARG A 15 -0.61 -7.25 -8.75
C ARG A 15 -0.98 -7.78 -7.36
N ILE A 16 -1.83 -8.81 -7.34
CA ILE A 16 -2.30 -9.41 -6.09
C ILE A 16 -1.47 -10.64 -5.70
N GLU A 17 -1.03 -10.69 -4.45
CA GLU A 17 -0.28 -11.84 -3.91
C GLU A 17 -1.06 -12.48 -2.76
N LYS A 18 -0.61 -13.66 -2.33
CA LYS A 18 -1.26 -14.38 -1.22
C LYS A 18 -0.80 -13.86 0.15
N TYR A 19 -0.07 -12.74 0.14
CA TYR A 19 0.39 -12.08 1.38
C TYR A 19 0.20 -10.55 1.31
N GLY A 20 -0.56 -10.09 0.32
CA GLY A 20 -0.78 -8.66 0.14
C GLY A 20 -0.75 -8.23 -1.32
N ALA A 21 -0.79 -6.93 -1.56
CA ALA A 21 -0.73 -6.38 -2.93
C ALA A 21 0.34 -5.27 -3.04
N PHE A 22 1.16 -5.35 -4.08
CA PHE A 22 2.22 -4.36 -4.32
C PHE A 22 1.63 -3.07 -4.92
N ILE A 23 1.76 -1.96 -4.18
CA ILE A 23 1.16 -0.68 -4.58
C ILE A 23 2.22 0.39 -4.92
N ASN A 24 1.98 1.13 -6.01
CA ASN A 24 2.87 2.23 -6.41
C ASN A 24 2.38 3.58 -5.85
N LEU A 25 3.25 4.28 -5.12
CA LEU A 25 2.95 5.65 -4.66
C LEU A 25 3.53 6.69 -5.62
N ASN A 26 4.57 6.30 -6.35
CA ASN A 26 5.26 7.20 -7.28
C ASN A 26 6.09 6.38 -8.29
N GLU A 27 6.54 7.05 -9.35
CA GLU A 27 7.37 6.42 -10.40
C GLU A 27 8.57 5.63 -9.81
N GLN A 28 9.07 6.07 -8.65
CA GLN A 28 10.22 5.42 -8.00
C GLN A 28 9.87 4.88 -6.59
N VAL A 29 8.59 4.88 -6.24
CA VAL A 29 8.16 4.49 -4.89
C VAL A 29 7.08 3.39 -4.91
N ARG A 30 7.36 2.29 -4.22
CA ARG A 30 6.44 1.14 -4.16
C ARG A 30 6.46 0.49 -2.77
N GLY A 31 5.35 -0.17 -2.40
CA GLY A 31 5.27 -0.87 -1.12
C GLY A 31 4.33 -2.07 -1.16
N LEU A 32 3.97 -2.58 0.00
CA LEU A 32 3.12 -3.77 0.11
C LEU A 32 1.96 -3.56 1.08
N LEU A 33 0.73 -3.73 0.59
CA LEU A 33 -0.46 -3.63 1.43
C LEU A 33 -0.99 -5.02 1.79
N ARG A 34 -0.94 -5.36 3.07
CA ARG A 34 -1.31 -6.70 3.54
C ARG A 34 -2.80 -6.78 3.95
N PRO A 35 -3.41 -7.98 3.93
CA PRO A 35 -4.82 -8.16 4.33
C PRO A 35 -5.05 -7.88 5.82
N ARG A 36 -3.97 -7.94 6.60
CA ARG A 36 -4.03 -7.64 8.03
C ARG A 36 -4.30 -6.15 8.29
N ASP A 37 -3.85 -5.31 7.36
CA ASP A 37 -3.97 -3.86 7.50
C ASP A 37 -5.23 -3.33 6.79
N MET A 38 -5.93 -4.22 6.09
CA MET A 38 -7.16 -3.89 5.38
C MET A 38 -8.37 -3.82 6.33
N ILE A 39 -8.87 -2.60 6.57
CA ILE A 39 -10.07 -2.41 7.38
C ILE A 39 -11.34 -2.88 6.64
N SER A 40 -11.69 -2.19 5.55
CA SER A 40 -12.93 -2.49 4.81
C SER A 40 -12.70 -3.46 3.64
N LEU A 41 -11.71 -3.17 2.80
CA LEU A 41 -11.48 -3.95 1.57
C LEU A 41 -10.73 -5.27 1.84
N ARG A 42 -10.98 -6.27 1.00
CA ARG A 42 -10.26 -7.55 1.05
C ARG A 42 -9.48 -7.80 -0.25
N LEU A 43 -8.37 -8.53 -0.17
CA LEU A 43 -7.54 -8.83 -1.36
C LEU A 43 -8.38 -9.50 -2.46
N GLU A 44 -9.33 -10.33 -2.03
CA GLU A 44 -10.20 -11.09 -2.92
C GLU A 44 -11.02 -10.18 -3.87
N ASN A 45 -11.10 -8.88 -3.53
CA ASN A 45 -11.91 -7.93 -4.31
C ASN A 45 -11.05 -6.88 -5.03
N LEU A 46 -9.73 -6.89 -4.79
CA LEU A 46 -8.83 -5.91 -5.40
C LEU A 46 -8.43 -6.33 -6.82
N ASN A 47 -8.35 -5.35 -7.72
CA ASN A 47 -8.00 -5.61 -9.13
C ASN A 47 -6.77 -4.80 -9.57
N VAL A 48 -6.05 -5.33 -10.54
CA VAL A 48 -4.91 -4.62 -11.13
C VAL A 48 -5.35 -3.30 -11.76
N GLY A 49 -4.90 -2.18 -11.16
CA GLY A 49 -5.29 -0.87 -11.65
C GLY A 49 -6.12 -0.06 -10.65
N ASP A 50 -6.62 -0.70 -9.60
CA ASP A 50 -7.39 0.01 -8.58
C ASP A 50 -6.49 0.90 -7.71
N GLU A 51 -6.87 2.17 -7.56
CA GLU A 51 -6.10 3.13 -6.77
C GLU A 51 -6.69 3.31 -5.37
N ILE A 52 -5.94 2.90 -4.36
CA ILE A 52 -6.42 2.92 -2.96
C ILE A 52 -5.62 3.94 -2.12
N ILE A 53 -6.32 4.66 -1.24
CA ILE A 53 -5.68 5.58 -0.29
C ILE A 53 -5.14 4.81 0.93
N VAL A 54 -3.82 4.74 1.05
CA VAL A 54 -3.18 3.96 2.10
C VAL A 54 -2.24 4.80 2.98
N GLN A 55 -2.12 4.40 4.25
CA GLN A 55 -1.18 5.04 5.17
C GLN A 55 0.06 4.16 5.35
N ALA A 56 1.24 4.74 5.14
CA ALA A 56 2.49 4.02 5.33
C ALA A 56 2.84 3.91 6.83
N ILE A 57 2.67 2.72 7.39
CA ILE A 57 2.97 2.50 8.82
C ILE A 57 4.48 2.59 9.07
N ASP A 58 5.23 1.72 8.39
CA ASP A 58 6.69 1.69 8.49
C ASP A 58 7.34 1.77 7.10
N VAL A 59 8.59 2.20 7.06
CA VAL A 59 9.35 2.28 5.81
C VAL A 59 10.71 1.61 5.97
N ARG A 60 11.02 0.65 5.09
CA ARG A 60 12.27 -0.11 5.16
C ARG A 60 13.32 0.46 4.20
N PRO A 61 14.25 1.30 4.69
CA PRO A 61 15.25 1.99 3.83
C PRO A 61 16.14 1.01 3.04
N GLU A 62 16.95 0.23 3.76
CA GLU A 62 17.87 -0.73 3.13
C GLU A 62 17.14 -1.79 2.30
N LYS A 63 15.98 -2.24 2.80
CA LYS A 63 15.20 -3.30 2.14
C LYS A 63 14.39 -2.77 0.95
N ARG A 64 14.21 -1.44 0.89
CA ARG A 64 13.47 -0.78 -0.19
C ARG A 64 12.00 -1.23 -0.27
N GLU A 65 11.40 -1.49 0.89
CA GLU A 65 9.99 -1.91 0.99
C GLU A 65 9.22 -1.00 1.94
N ILE A 66 7.93 -0.79 1.66
CA ILE A 66 7.10 0.09 2.51
C ILE A 66 5.87 -0.66 3.04
N ASP A 67 5.63 -0.53 4.34
CA ASP A 67 4.48 -1.15 5.01
C ASP A 67 3.23 -0.25 4.91
N PHE A 68 2.17 -0.74 4.27
CA PHE A 68 0.95 0.06 4.05
C PHE A 68 -0.23 -0.42 4.93
N LYS A 69 -1.18 0.49 5.15
CA LYS A 69 -2.41 0.18 5.87
C LYS A 69 -3.62 0.85 5.20
N TYR A 70 -4.78 0.20 5.28
CA TYR A 70 -6.01 0.77 4.74
C TYR A 70 -6.72 1.64 5.80
N ILE A 71 -7.17 2.82 5.41
CA ILE A 71 -7.86 3.73 6.34
C ILE A 71 -9.25 4.13 5.83
N PRO A 72 -10.27 4.09 6.70
CA PRO A 72 -11.61 4.63 6.39
C PRO A 72 -11.65 6.16 6.51
N LEU A 73 -11.92 6.84 5.40
CA LEU A 73 -11.88 8.31 5.37
C LEU A 73 -13.29 8.92 5.35
N GLU A 74 -13.38 10.21 5.66
CA GLU A 74 -14.65 10.94 5.69
C GLU A 74 -14.63 12.16 4.75
N MET A 1 10.07 13.81 -4.02
CA MET A 1 9.05 13.00 -3.31
C MET A 1 9.70 11.95 -2.40
N ASP A 2 9.27 11.89 -1.15
CA ASP A 2 9.78 10.89 -0.20
C ASP A 2 8.66 10.37 0.71
N VAL A 3 8.69 9.08 1.04
CA VAL A 3 7.63 8.46 1.85
C VAL A 3 7.93 8.55 3.36
N GLU A 4 6.91 8.90 4.14
CA GLU A 4 7.06 9.09 5.58
C GLU A 4 6.13 8.14 6.36
N PRO A 5 6.67 7.40 7.35
CA PRO A 5 5.85 6.49 8.18
C PRO A 5 4.83 7.26 9.03
N GLY A 6 3.55 6.91 8.87
CA GLY A 6 2.48 7.60 9.58
C GLY A 6 1.72 8.59 8.71
N LYS A 7 2.35 9.06 7.63
CA LYS A 7 1.72 10.03 6.72
C LYS A 7 0.79 9.34 5.71
N PHE A 8 0.00 10.16 5.01
CA PHE A 8 -1.03 9.66 4.08
C PHE A 8 -0.57 9.78 2.62
N TYR A 9 -0.75 8.69 1.84
CA TYR A 9 -0.38 8.67 0.43
C TYR A 9 -1.34 7.80 -0.41
N LYS A 10 -1.58 8.20 -1.65
CA LYS A 10 -2.38 7.40 -2.59
C LYS A 10 -1.48 6.59 -3.53
N GLY A 11 -1.90 5.38 -3.88
CA GLY A 11 -1.12 4.55 -4.79
C GLY A 11 -1.99 3.62 -5.65
N VAL A 12 -1.37 3.01 -6.66
CA VAL A 12 -2.07 2.08 -7.56
C VAL A 12 -1.59 0.64 -7.38
N VAL A 13 -2.52 -0.32 -7.36
CA VAL A 13 -2.20 -1.74 -7.21
C VAL A 13 -1.58 -2.32 -8.50
N THR A 14 -0.45 -3.03 -8.34
CA THR A 14 0.22 -3.68 -9.47
C THR A 14 -0.27 -5.12 -9.65
N ARG A 15 -0.01 -5.96 -8.65
CA ARG A 15 -0.46 -7.36 -8.68
C ARG A 15 -0.85 -7.83 -7.27
N ILE A 16 -1.69 -8.86 -7.20
CA ILE A 16 -2.15 -9.41 -5.91
C ILE A 16 -1.33 -10.64 -5.48
N GLU A 17 -0.71 -10.56 -4.31
CA GLU A 17 0.09 -11.66 -3.77
C GLU A 17 -0.63 -12.35 -2.60
N LYS A 18 -0.21 -13.57 -2.28
CA LYS A 18 -0.81 -14.33 -1.17
C LYS A 18 -0.34 -13.82 0.21
N TYR A 19 0.33 -12.67 0.21
CA TYR A 19 0.78 -12.03 1.46
C TYR A 19 0.51 -10.51 1.44
N GLY A 20 -0.22 -10.06 0.42
CA GLY A 20 -0.51 -8.63 0.25
C GLY A 20 -0.48 -8.19 -1.21
N ALA A 21 -0.75 -6.92 -1.46
CA ALA A 21 -0.70 -6.37 -2.83
C ALA A 21 0.36 -5.27 -2.95
N PHE A 22 1.21 -5.35 -3.97
CA PHE A 22 2.25 -4.34 -4.19
C PHE A 22 1.64 -3.06 -4.81
N ILE A 23 1.74 -1.96 -4.09
CA ILE A 23 1.18 -0.68 -4.53
C ILE A 23 2.27 0.35 -4.82
N ASN A 24 2.18 1.01 -5.97
CA ASN A 24 3.13 2.07 -6.33
C ASN A 24 2.56 3.46 -6.00
N LEU A 25 3.26 4.22 -5.16
CA LEU A 25 2.86 5.59 -4.85
C LEU A 25 3.31 6.56 -5.95
N ASN A 26 4.31 6.14 -6.72
CA ASN A 26 4.91 6.97 -7.77
C ASN A 26 5.75 6.10 -8.72
N GLU A 27 6.14 6.67 -9.86
CA GLU A 27 6.94 5.98 -10.88
C GLU A 27 8.18 5.25 -10.28
N GLN A 28 8.75 5.83 -9.22
CA GLN A 28 9.96 5.27 -8.60
C GLN A 28 9.73 4.83 -7.14
N VAL A 29 8.47 4.77 -6.72
CA VAL A 29 8.14 4.42 -5.32
C VAL A 29 7.20 3.21 -5.23
N ARG A 30 7.74 2.08 -4.74
CA ARG A 30 6.96 0.84 -4.58
C ARG A 30 6.70 0.54 -3.10
N GLY A 31 5.56 -0.09 -2.81
CA GLY A 31 5.24 -0.52 -1.45
C GLY A 31 4.40 -1.78 -1.41
N LEU A 32 4.01 -2.20 -0.21
CA LEU A 32 3.23 -3.43 -0.03
C LEU A 32 2.07 -3.23 0.96
N LEU A 33 0.85 -3.52 0.50
CA LEU A 33 -0.35 -3.42 1.33
C LEU A 33 -0.77 -4.81 1.82
N ARG A 34 -0.73 -5.02 3.14
CA ARG A 34 -0.98 -6.34 3.73
C ARG A 34 -2.42 -6.48 4.27
N PRO A 35 -3.06 -7.66 4.11
CA PRO A 35 -4.47 -7.88 4.48
C PRO A 35 -4.77 -7.65 5.99
N ARG A 36 -3.79 -7.91 6.85
CA ARG A 36 -3.97 -7.68 8.29
C ARG A 36 -3.97 -6.18 8.64
N ASP A 37 -3.46 -5.36 7.73
CA ASP A 37 -3.51 -3.89 7.88
C ASP A 37 -4.64 -3.28 7.03
N MET A 38 -5.51 -4.15 6.47
CA MET A 38 -6.65 -3.72 5.65
C MET A 38 -7.98 -3.89 6.39
N ILE A 39 -8.78 -2.82 6.44
CA ILE A 39 -10.09 -2.88 7.10
C ILE A 39 -11.20 -3.35 6.13
N SER A 40 -11.70 -2.43 5.30
CA SER A 40 -12.85 -2.70 4.43
C SER A 40 -12.48 -3.51 3.18
N LEU A 41 -11.42 -3.08 2.48
CA LEU A 41 -11.04 -3.68 1.21
C LEU A 41 -10.24 -4.99 1.39
N ARG A 42 -10.81 -6.08 0.88
CA ARG A 42 -10.13 -7.39 0.87
C ARG A 42 -9.30 -7.58 -0.40
N LEU A 43 -8.17 -8.28 -0.30
CA LEU A 43 -7.32 -8.57 -1.47
C LEU A 43 -8.13 -9.21 -2.60
N GLU A 44 -9.17 -9.96 -2.24
CA GLU A 44 -10.04 -10.65 -3.20
C GLU A 44 -10.73 -9.66 -4.15
N ASN A 45 -11.09 -8.49 -3.61
CA ASN A 45 -11.82 -7.47 -4.39
C ASN A 45 -10.84 -6.51 -5.10
N LEU A 46 -9.58 -6.55 -4.72
CA LEU A 46 -8.55 -5.69 -5.31
C LEU A 46 -8.00 -6.31 -6.61
N ASN A 47 -7.97 -5.52 -7.68
CA ASN A 47 -7.45 -5.98 -8.97
C ASN A 47 -6.39 -5.00 -9.51
N VAL A 48 -5.77 -5.36 -10.64
CA VAL A 48 -4.80 -4.47 -11.28
C VAL A 48 -5.45 -3.14 -11.71
N GLY A 49 -4.83 -2.02 -11.36
CA GLY A 49 -5.34 -0.72 -11.75
C GLY A 49 -6.16 -0.01 -10.67
N ASP A 50 -6.49 -0.73 -9.60
CA ASP A 50 -7.21 -0.12 -8.46
C ASP A 50 -6.32 0.89 -7.72
N GLU A 51 -6.74 2.15 -7.72
CA GLU A 51 -6.00 3.23 -7.04
C GLU A 51 -6.52 3.41 -5.60
N ILE A 52 -5.73 2.95 -4.63
CA ILE A 52 -6.16 2.94 -3.23
C ILE A 52 -5.44 4.00 -2.40
N ILE A 53 -6.19 4.71 -1.58
CA ILE A 53 -5.63 5.68 -0.64
C ILE A 53 -5.33 5.01 0.71
N VAL A 54 -4.09 5.12 1.19
CA VAL A 54 -3.67 4.41 2.41
C VAL A 54 -2.73 5.27 3.29
N GLN A 55 -2.50 4.78 4.50
CA GLN A 55 -1.51 5.38 5.41
C GLN A 55 -0.25 4.48 5.50
N ALA A 56 0.92 5.10 5.51
CA ALA A 56 2.18 4.35 5.60
C ALA A 56 2.45 3.89 7.05
N ILE A 57 2.89 2.65 7.20
CA ILE A 57 3.21 2.10 8.54
C ILE A 57 4.71 2.28 8.83
N ASP A 58 5.54 1.55 8.08
CA ASP A 58 6.99 1.64 8.21
C ASP A 58 7.65 1.75 6.83
N VAL A 59 8.71 2.55 6.73
CA VAL A 59 9.50 2.64 5.51
C VAL A 59 10.82 1.90 5.69
N ARG A 60 10.93 0.71 5.10
CA ARG A 60 12.12 -0.13 5.26
C ARG A 60 13.00 -0.13 4.00
N PRO A 61 14.05 0.72 3.96
CA PRO A 61 15.01 0.73 2.83
C PRO A 61 15.88 -0.52 2.82
N GLU A 62 16.10 -1.09 4.01
CA GLU A 62 16.86 -2.33 4.16
C GLU A 62 16.27 -3.47 3.32
N LYS A 63 14.95 -3.63 3.36
CA LYS A 63 14.26 -4.69 2.61
C LYS A 63 13.71 -4.15 1.28
N ARG A 64 13.88 -2.85 1.05
CA ARG A 64 13.33 -2.15 -0.13
C ARG A 64 11.80 -2.25 -0.18
N GLU A 65 11.18 -2.32 0.98
CA GLU A 65 9.72 -2.49 1.09
C GLU A 65 9.09 -1.44 2.03
N ILE A 66 8.09 -0.74 1.52
CA ILE A 66 7.33 0.23 2.32
C ILE A 66 5.93 -0.31 2.64
N ASP A 67 5.64 -0.47 3.92
CA ASP A 67 4.39 -1.12 4.35
C ASP A 67 3.22 -0.12 4.42
N PHE A 68 2.07 -0.50 3.86
CA PHE A 68 0.88 0.36 3.84
C PHE A 68 -0.23 -0.17 4.75
N LYS A 69 -1.19 0.68 5.05
CA LYS A 69 -2.30 0.34 5.95
C LYS A 69 -3.57 1.10 5.60
N TYR A 70 -4.69 0.40 5.53
CA TYR A 70 -5.99 1.03 5.28
C TYR A 70 -6.66 1.33 6.63
N ILE A 71 -6.86 2.60 6.95
CA ILE A 71 -7.48 2.98 8.22
C ILE A 71 -9.00 3.12 8.09
N PRO A 72 -9.76 2.87 9.18
CA PRO A 72 -11.24 2.84 9.15
C PRO A 72 -11.89 4.10 8.53
N LEU A 73 -11.12 5.17 8.39
CA LEU A 73 -11.60 6.39 7.74
C LEU A 73 -10.52 7.01 6.85
N GLU A 74 -10.64 6.81 5.53
CA GLU A 74 -9.73 7.42 4.56
C GLU A 74 -10.33 8.71 3.95
N MET A 1 8.25 13.24 -5.63
CA MET A 1 7.42 12.75 -4.49
C MET A 1 8.23 11.83 -3.57
N ASP A 2 8.42 12.26 -2.31
CA ASP A 2 9.15 11.46 -1.32
C ASP A 2 8.20 10.95 -0.22
N VAL A 3 8.45 9.74 0.27
CA VAL A 3 7.57 9.10 1.26
C VAL A 3 8.29 8.81 2.59
N GLU A 4 7.73 9.32 3.69
CA GLU A 4 8.22 9.02 5.03
C GLU A 4 7.24 8.10 5.79
N PRO A 5 7.69 7.44 6.86
CA PRO A 5 6.80 6.62 7.72
C PRO A 5 5.77 7.48 8.47
N GLY A 6 4.57 6.93 8.66
CA GLY A 6 3.49 7.65 9.34
C GLY A 6 2.81 8.71 8.46
N LYS A 7 3.04 8.66 7.14
CA LYS A 7 2.46 9.63 6.21
C LYS A 7 1.23 9.06 5.47
N PHE A 8 0.35 9.95 5.01
CA PHE A 8 -0.87 9.56 4.28
C PHE A 8 -0.69 9.77 2.77
N TYR A 9 -0.74 8.68 1.98
CA TYR A 9 -0.56 8.78 0.53
C TYR A 9 -1.46 7.80 -0.24
N LYS A 10 -1.97 8.27 -1.38
CA LYS A 10 -2.78 7.44 -2.27
C LYS A 10 -1.90 6.67 -3.27
N GLY A 11 -2.22 5.39 -3.49
CA GLY A 11 -1.44 4.58 -4.42
C GLY A 11 -2.32 3.74 -5.34
N VAL A 12 -1.69 2.93 -6.20
CA VAL A 12 -2.41 2.06 -7.14
C VAL A 12 -1.94 0.60 -7.05
N VAL A 13 -2.89 -0.34 -7.10
CA VAL A 13 -2.58 -1.78 -7.03
C VAL A 13 -1.97 -2.28 -8.36
N THR A 14 -0.81 -2.92 -8.28
CA THR A 14 -0.11 -3.44 -9.47
C THR A 14 -0.29 -4.96 -9.62
N ARG A 15 -0.19 -5.70 -8.51
CA ARG A 15 -0.33 -7.15 -8.54
C ARG A 15 -0.78 -7.72 -7.18
N ILE A 16 -1.57 -8.81 -7.23
CA ILE A 16 -2.07 -9.47 -6.01
C ILE A 16 -1.23 -10.71 -5.67
N GLU A 17 -0.58 -10.68 -4.51
CA GLU A 17 0.32 -11.77 -4.08
C GLU A 17 -0.30 -12.63 -2.97
N LYS A 18 0.43 -13.66 -2.55
CA LYS A 18 -0.01 -14.57 -1.48
C LYS A 18 0.31 -14.01 -0.09
N TYR A 19 0.76 -12.76 -0.04
CA TYR A 19 1.14 -12.10 1.22
C TYR A 19 0.74 -10.62 1.23
N GLY A 20 -0.11 -10.23 0.27
CA GLY A 20 -0.52 -8.84 0.15
C GLY A 20 -0.51 -8.35 -1.30
N ALA A 21 -0.79 -7.08 -1.51
CA ALA A 21 -0.77 -6.49 -2.85
C ALA A 21 0.29 -5.39 -2.96
N PHE A 22 1.09 -5.42 -4.02
CA PHE A 22 2.10 -4.38 -4.25
C PHE A 22 1.47 -3.10 -4.81
N ILE A 23 1.51 -2.05 -4.00
CA ILE A 23 0.93 -0.75 -4.38
C ILE A 23 2.02 0.31 -4.55
N ASN A 24 2.01 1.01 -5.68
CA ASN A 24 2.97 2.09 -5.93
C ASN A 24 2.36 3.46 -5.60
N LEU A 25 3.00 4.21 -4.71
CA LEU A 25 2.58 5.57 -4.40
C LEU A 25 3.10 6.55 -5.46
N ASN A 26 4.18 6.16 -6.12
CA ASN A 26 4.83 7.00 -7.13
C ASN A 26 5.72 6.14 -8.05
N GLU A 27 6.16 6.71 -9.16
CA GLU A 27 6.99 5.99 -10.15
C GLU A 27 8.12 5.18 -9.49
N GLN A 28 8.88 5.81 -8.59
CA GLN A 28 10.03 5.16 -7.92
C GLN A 28 9.68 4.60 -6.54
N VAL A 29 8.41 4.75 -6.16
CA VAL A 29 7.96 4.35 -4.81
C VAL A 29 7.05 3.11 -4.84
N ARG A 30 7.60 1.98 -4.43
CA ARG A 30 6.86 0.71 -4.36
C ARG A 30 6.60 0.31 -2.89
N GLY A 31 5.40 -0.21 -2.60
CA GLY A 31 5.09 -0.67 -1.26
C GLY A 31 4.21 -1.91 -1.22
N LEU A 32 3.94 -2.43 -0.02
CA LEU A 32 3.16 -3.65 0.15
C LEU A 32 1.98 -3.44 1.11
N LEU A 33 0.78 -3.80 0.65
CA LEU A 33 -0.42 -3.72 1.49
C LEU A 33 -0.84 -5.12 1.96
N ARG A 34 -0.77 -5.38 3.26
CA ARG A 34 -1.04 -6.70 3.83
C ARG A 34 -2.49 -6.85 4.31
N PRO A 35 -3.07 -8.07 4.19
CA PRO A 35 -4.50 -8.32 4.52
C PRO A 35 -4.93 -7.85 5.93
N ARG A 36 -4.02 -7.94 6.90
CA ARG A 36 -4.37 -7.60 8.29
C ARG A 36 -4.40 -6.08 8.53
N ASP A 37 -3.90 -5.31 7.57
CA ASP A 37 -3.93 -3.85 7.66
C ASP A 37 -5.14 -3.27 6.93
N MET A 38 -6.01 -4.15 6.43
CA MET A 38 -7.19 -3.74 5.67
C MET A 38 -8.42 -3.57 6.57
N ILE A 39 -9.33 -2.69 6.16
CA ILE A 39 -10.59 -2.46 6.91
C ILE A 39 -11.80 -3.10 6.20
N SER A 40 -12.17 -2.57 5.04
CA SER A 40 -13.37 -3.03 4.31
C SER A 40 -13.05 -3.69 2.95
N LEU A 41 -11.76 -3.72 2.58
CA LEU A 41 -11.36 -4.27 1.27
C LEU A 41 -10.50 -5.55 1.40
N ARG A 42 -10.88 -6.57 0.64
CA ARG A 42 -10.14 -7.84 0.57
C ARG A 42 -9.28 -7.91 -0.71
N LEU A 43 -8.12 -8.58 -0.63
CA LEU A 43 -7.28 -8.80 -1.82
C LEU A 43 -8.08 -9.50 -2.94
N GLU A 44 -9.07 -10.28 -2.51
CA GLU A 44 -9.93 -11.05 -3.42
C GLU A 44 -10.81 -10.14 -4.29
N ASN A 45 -10.86 -8.85 -3.93
CA ASN A 45 -11.67 -7.87 -4.66
C ASN A 45 -10.80 -6.85 -5.41
N LEU A 46 -9.55 -6.73 -5.01
CA LEU A 46 -8.64 -5.74 -5.59
C LEU A 46 -8.16 -6.17 -6.99
N ASN A 47 -8.12 -5.23 -7.92
CA ASN A 47 -7.67 -5.50 -9.29
C ASN A 47 -6.51 -4.58 -9.68
N VAL A 48 -5.75 -4.97 -10.69
CA VAL A 48 -4.67 -4.12 -11.21
C VAL A 48 -5.25 -2.82 -11.79
N GLY A 49 -4.95 -1.69 -11.15
CA GLY A 49 -5.51 -0.42 -11.58
C GLY A 49 -6.43 0.24 -10.55
N ASP A 50 -6.75 -0.49 -9.48
CA ASP A 50 -7.52 0.11 -8.37
C ASP A 50 -6.63 1.03 -7.51
N GLU A 51 -7.05 2.28 -7.40
CA GLU A 51 -6.31 3.27 -6.60
C GLU A 51 -6.87 3.34 -5.17
N ILE A 52 -6.01 3.10 -4.19
CA ILE A 52 -6.42 3.07 -2.78
C ILE A 52 -5.66 4.10 -1.92
N ILE A 53 -6.39 4.79 -1.04
CA ILE A 53 -5.77 5.74 -0.11
C ILE A 53 -5.24 5.00 1.14
N VAL A 54 -3.92 4.93 1.27
CA VAL A 54 -3.29 4.16 2.35
C VAL A 54 -2.33 5.02 3.19
N GLN A 55 -2.02 4.53 4.39
CA GLN A 55 -1.03 5.16 5.26
C GLN A 55 0.27 4.37 5.26
N ALA A 56 1.37 5.01 4.86
CA ALA A 56 2.69 4.39 4.87
C ALA A 56 3.22 4.27 6.30
N ILE A 57 2.99 3.11 6.94
CA ILE A 57 3.36 2.89 8.33
C ILE A 57 4.87 3.11 8.55
N ASP A 58 5.68 2.21 7.98
CA ASP A 58 7.15 2.34 8.06
C ASP A 58 7.79 2.12 6.69
N VAL A 59 8.89 2.84 6.44
CA VAL A 59 9.67 2.66 5.21
C VAL A 59 10.99 1.93 5.52
N ARG A 60 11.08 0.67 5.09
CA ARG A 60 12.26 -0.16 5.37
C ARG A 60 13.27 -0.08 4.22
N PRO A 61 14.35 0.73 4.36
CA PRO A 61 15.34 0.96 3.28
C PRO A 61 16.06 -0.34 2.86
N GLU A 62 16.81 -0.93 3.79
CA GLU A 62 17.57 -2.16 3.53
C GLU A 62 16.65 -3.33 3.13
N LYS A 63 15.44 -3.35 3.69
CA LYS A 63 14.49 -4.44 3.41
C LYS A 63 13.74 -4.22 2.08
N ARG A 64 13.79 -2.99 1.57
CA ARG A 64 13.12 -2.65 0.30
C ARG A 64 11.59 -2.85 0.40
N GLU A 65 11.04 -2.69 1.60
CA GLU A 65 9.61 -2.86 1.85
C GLU A 65 9.00 -1.62 2.53
N ILE A 66 7.93 -1.08 1.94
CA ILE A 66 7.17 0.00 2.56
C ILE A 66 5.80 -0.53 3.04
N ASP A 67 5.52 -0.33 4.32
CA ASP A 67 4.31 -0.91 4.93
C ASP A 67 3.08 -0.01 4.72
N PHE A 68 2.02 -0.58 4.16
CA PHE A 68 0.77 0.15 3.95
C PHE A 68 -0.36 -0.36 4.85
N LYS A 69 -1.26 0.56 5.22
CA LYS A 69 -2.48 0.23 5.95
C LYS A 69 -3.67 0.95 5.31
N TYR A 70 -4.87 0.36 5.39
CA TYR A 70 -6.06 0.99 4.82
C TYR A 70 -6.67 1.93 5.86
N ILE A 71 -6.74 3.21 5.51
CA ILE A 71 -7.25 4.23 6.43
C ILE A 71 -8.61 4.77 6.00
N PRO A 72 -9.60 4.78 6.91
CA PRO A 72 -10.89 5.43 6.67
C PRO A 72 -10.78 6.96 6.77
N LEU A 73 -10.51 7.62 5.64
CA LEU A 73 -10.37 9.07 5.61
C LEU A 73 -11.72 9.74 5.89
N GLU A 74 -12.00 9.97 7.17
CA GLU A 74 -13.29 10.55 7.61
C GLU A 74 -13.10 11.61 8.70
N MET A 1 7.85 13.27 -5.15
CA MET A 1 7.03 12.64 -4.07
C MET A 1 7.82 11.55 -3.33
N ASP A 2 8.23 11.85 -2.09
CA ASP A 2 8.88 10.84 -1.24
C ASP A 2 7.92 10.41 -0.11
N VAL A 3 8.16 9.22 0.44
CA VAL A 3 7.26 8.64 1.44
C VAL A 3 7.90 8.61 2.85
N GLU A 4 7.16 9.12 3.83
CA GLU A 4 7.57 9.08 5.23
C GLU A 4 6.67 8.12 6.03
N PRO A 5 7.19 7.53 7.13
CA PRO A 5 6.39 6.67 8.02
C PRO A 5 5.22 7.42 8.68
N GLY A 6 4.05 6.78 8.74
CA GLY A 6 2.87 7.40 9.35
C GLY A 6 2.11 8.34 8.41
N LYS A 7 2.56 8.46 7.16
CA LYS A 7 1.91 9.36 6.19
C LYS A 7 0.85 8.65 5.34
N PHE A 8 -0.22 9.37 5.01
CA PHE A 8 -1.30 8.82 4.18
C PHE A 8 -1.11 9.21 2.70
N TYR A 9 -1.13 8.24 1.81
CA TYR A 9 -0.98 8.49 0.36
C TYR A 9 -1.94 7.65 -0.49
N LYS A 10 -2.12 8.05 -1.74
CA LYS A 10 -2.84 7.23 -2.72
C LYS A 10 -1.85 6.47 -3.62
N GLY A 11 -1.94 5.14 -3.62
CA GLY A 11 -1.07 4.33 -4.47
C GLY A 11 -1.85 3.41 -5.39
N VAL A 12 -1.18 2.84 -6.39
CA VAL A 12 -1.85 1.98 -7.36
C VAL A 12 -1.47 0.50 -7.18
N VAL A 13 -2.47 -0.38 -7.25
CA VAL A 13 -2.25 -1.83 -7.15
C VAL A 13 -1.55 -2.37 -8.39
N THR A 14 -0.34 -2.92 -8.23
CA THR A 14 0.42 -3.48 -9.35
C THR A 14 0.09 -4.97 -9.58
N ARG A 15 0.15 -5.76 -8.51
CA ARG A 15 -0.22 -7.19 -8.60
C ARG A 15 -0.79 -7.68 -7.25
N ILE A 16 -1.74 -8.61 -7.31
CA ILE A 16 -2.34 -9.19 -6.11
C ILE A 16 -1.63 -10.49 -5.69
N GLU A 17 -0.98 -10.46 -4.53
CA GLU A 17 -0.30 -11.64 -4.00
C GLU A 17 -1.16 -12.36 -2.96
N LYS A 18 -0.91 -13.65 -2.79
CA LYS A 18 -1.63 -14.47 -1.81
C LYS A 18 -1.42 -13.99 -0.37
N TYR A 19 -0.44 -13.11 -0.17
CA TYR A 19 -0.11 -12.60 1.17
C TYR A 19 -0.23 -11.06 1.25
N GLY A 20 -0.82 -10.44 0.22
CA GLY A 20 -0.96 -8.99 0.19
C GLY A 20 -0.93 -8.41 -1.21
N ALA A 21 -1.13 -7.10 -1.35
CA ALA A 21 -1.08 -6.46 -2.65
C ALA A 21 0.08 -5.44 -2.74
N PHE A 22 0.93 -5.60 -3.76
CA PHE A 22 2.05 -4.68 -3.94
C PHE A 22 1.59 -3.37 -4.59
N ILE A 23 1.73 -2.27 -3.86
CA ILE A 23 1.22 -0.97 -4.28
C ILE A 23 2.36 0.06 -4.39
N ASN A 24 2.36 0.83 -5.48
CA ASN A 24 3.33 1.91 -5.67
C ASN A 24 2.66 3.27 -5.50
N LEU A 25 3.16 4.07 -4.55
CA LEU A 25 2.61 5.41 -4.30
C LEU A 25 3.17 6.43 -5.32
N ASN A 26 4.28 6.07 -5.94
CA ASN A 26 4.99 6.94 -6.89
C ASN A 26 5.97 6.09 -7.71
N GLU A 27 6.43 6.60 -8.85
CA GLU A 27 7.33 5.84 -9.73
C GLU A 27 8.57 5.28 -8.98
N GLN A 28 9.23 6.13 -8.18
CA GLN A 28 10.40 5.69 -7.42
C GLN A 28 10.02 5.03 -6.08
N VAL A 29 8.72 4.86 -5.84
CA VAL A 29 8.22 4.30 -4.57
C VAL A 29 7.62 2.89 -4.78
N ARG A 30 7.91 1.99 -3.84
CA ARG A 30 7.44 0.60 -3.90
C ARG A 30 7.09 0.06 -2.51
N GLY A 31 5.94 -0.58 -2.37
CA GLY A 31 5.54 -1.12 -1.06
C GLY A 31 4.56 -2.28 -1.13
N LEU A 32 4.14 -2.76 0.04
CA LEU A 32 3.23 -3.90 0.17
C LEU A 32 2.08 -3.61 1.14
N LEU A 33 0.85 -3.85 0.69
CA LEU A 33 -0.34 -3.67 1.52
C LEU A 33 -0.77 -5.01 2.15
N ARG A 34 -0.77 -5.06 3.48
CA ARG A 34 -1.05 -6.31 4.21
C ARG A 34 -2.56 -6.48 4.50
N PRO A 35 -3.11 -7.67 4.23
CA PRO A 35 -4.55 -7.94 4.44
C PRO A 35 -4.98 -7.79 5.91
N ARG A 36 -4.03 -8.00 6.82
CA ARG A 36 -4.29 -7.85 8.26
C ARG A 36 -4.59 -6.38 8.62
N ASP A 37 -4.11 -5.47 7.78
CA ASP A 37 -4.31 -4.03 7.99
C ASP A 37 -5.34 -3.45 7.01
N MET A 38 -6.09 -4.34 6.37
CA MET A 38 -7.17 -3.93 5.46
C MET A 38 -8.52 -3.84 6.18
N ILE A 39 -9.12 -2.65 6.18
CA ILE A 39 -10.40 -2.44 6.86
C ILE A 39 -11.60 -2.79 5.95
N SER A 40 -11.99 -1.85 5.08
CA SER A 40 -13.17 -2.04 4.21
C SER A 40 -12.91 -3.04 3.09
N LEU A 41 -11.81 -2.84 2.36
CA LEU A 41 -11.47 -3.69 1.23
C LEU A 41 -10.60 -4.90 1.63
N ARG A 42 -10.84 -6.05 1.00
CA ARG A 42 -10.00 -7.24 1.19
C ARG A 42 -9.28 -7.60 -0.13
N LEU A 43 -8.20 -8.39 -0.05
CA LEU A 43 -7.45 -8.80 -1.25
C LEU A 43 -8.37 -9.43 -2.31
N GLU A 44 -9.37 -10.15 -1.83
CA GLU A 44 -10.33 -10.85 -2.69
C GLU A 44 -11.07 -9.89 -3.65
N ASN A 45 -11.10 -8.60 -3.31
CA ASN A 45 -11.86 -7.61 -4.09
C ASN A 45 -10.95 -6.59 -4.80
N LEU A 46 -9.64 -6.69 -4.58
CA LEU A 46 -8.70 -5.71 -5.14
C LEU A 46 -8.27 -6.09 -6.56
N ASN A 47 -8.19 -5.10 -7.46
CA ASN A 47 -7.83 -5.34 -8.86
C ASN A 47 -6.62 -4.50 -9.30
N VAL A 48 -5.86 -5.01 -10.26
CA VAL A 48 -4.70 -4.30 -10.80
C VAL A 48 -5.13 -2.99 -11.49
N GLY A 49 -4.63 -1.86 -10.98
CA GLY A 49 -5.01 -0.56 -11.52
C GLY A 49 -5.76 0.32 -10.52
N ASP A 50 -6.38 -0.30 -9.51
CA ASP A 50 -7.09 0.45 -8.46
C ASP A 50 -6.11 1.34 -7.67
N GLU A 51 -6.31 2.65 -7.74
CA GLU A 51 -5.48 3.60 -6.98
C GLU A 51 -6.12 3.87 -5.61
N ILE A 52 -5.63 3.17 -4.58
CA ILE A 52 -6.26 3.17 -3.25
C ILE A 52 -5.46 4.02 -2.24
N ILE A 53 -6.19 4.69 -1.35
CA ILE A 53 -5.56 5.52 -0.30
C ILE A 53 -5.15 4.67 0.91
N VAL A 54 -3.85 4.55 1.11
CA VAL A 54 -3.29 3.74 2.20
C VAL A 54 -2.24 4.53 3.01
N GLN A 55 -2.05 4.15 4.26
CA GLN A 55 -1.05 4.79 5.12
C GLN A 55 0.26 4.00 5.12
N ALA A 56 1.36 4.67 4.81
CA ALA A 56 2.68 4.05 4.86
C ALA A 56 3.14 3.87 6.31
N ILE A 57 3.02 2.65 6.82
CA ILE A 57 3.37 2.34 8.22
C ILE A 57 4.84 2.70 8.52
N ASP A 58 5.77 1.95 7.92
CA ASP A 58 7.20 2.22 8.07
C ASP A 58 7.94 2.07 6.73
N VAL A 59 9.01 2.86 6.57
CA VAL A 59 9.83 2.82 5.36
C VAL A 59 11.15 2.08 5.62
N ARG A 60 11.47 1.11 4.77
CA ARG A 60 12.69 0.33 4.93
C ARG A 60 13.67 0.50 3.74
N PRO A 61 14.69 1.38 3.89
CA PRO A 61 15.75 1.52 2.86
C PRO A 61 16.62 0.26 2.76
N GLU A 62 16.65 -0.50 3.86
CA GLU A 62 17.37 -1.78 3.94
C GLU A 62 16.91 -2.75 2.83
N LYS A 63 15.61 -2.77 2.57
CA LYS A 63 15.01 -3.65 1.56
C LYS A 63 14.41 -2.85 0.39
N ARG A 64 14.29 -1.54 0.58
CA ARG A 64 13.58 -0.66 -0.35
C ARG A 64 12.10 -1.08 -0.48
N GLU A 65 11.51 -1.45 0.66
CA GLU A 65 10.10 -1.85 0.74
C GLU A 65 9.38 -1.00 1.80
N ILE A 66 8.09 -0.72 1.56
CA ILE A 66 7.27 0.06 2.51
C ILE A 66 5.94 -0.65 2.81
N ASP A 67 5.64 -0.87 4.08
CA ASP A 67 4.39 -1.54 4.48
C ASP A 67 3.23 -0.56 4.59
N PHE A 68 2.05 -0.95 4.07
CA PHE A 68 0.88 -0.06 4.03
C PHE A 68 -0.29 -0.58 4.88
N LYS A 69 -1.18 0.34 5.25
CA LYS A 69 -2.42 0.02 5.96
C LYS A 69 -3.63 0.71 5.29
N TYR A 70 -4.76 0.03 5.26
CA TYR A 70 -5.98 0.60 4.66
C TYR A 70 -6.80 1.38 5.71
N ILE A 71 -7.33 2.54 5.31
CA ILE A 71 -8.21 3.33 6.19
C ILE A 71 -9.48 3.77 5.44
N PRO A 72 -10.64 3.82 6.14
CA PRO A 72 -11.87 4.38 5.58
C PRO A 72 -11.78 5.90 5.36
N LEU A 73 -11.83 6.34 4.11
CA LEU A 73 -11.64 7.75 3.77
C LEU A 73 -12.72 8.66 4.35
N GLU A 74 -12.30 9.60 5.19
CA GLU A 74 -13.20 10.63 5.74
C GLU A 74 -12.68 12.04 5.43
N MET A 1 7.72 12.50 -5.90
CA MET A 1 7.09 12.43 -4.56
C MET A 1 7.73 11.32 -3.72
N ASP A 2 8.43 11.69 -2.65
CA ASP A 2 9.01 10.73 -1.71
C ASP A 2 8.05 10.50 -0.53
N VAL A 3 8.24 9.39 0.19
CA VAL A 3 7.30 8.99 1.25
C VAL A 3 8.01 8.72 2.59
N GLU A 4 7.59 9.43 3.63
CA GLU A 4 8.08 9.22 5.00
C GLU A 4 7.23 8.17 5.74
N PRO A 5 7.79 7.48 6.76
CA PRO A 5 7.03 6.51 7.57
C PRO A 5 5.90 7.16 8.40
N GLY A 6 4.68 6.68 8.22
CA GLY A 6 3.52 7.22 8.94
C GLY A 6 2.70 8.23 8.12
N LYS A 7 3.02 8.35 6.83
CA LYS A 7 2.38 9.36 5.95
C LYS A 7 1.16 8.79 5.19
N PHE A 8 0.30 9.72 4.74
CA PHE A 8 -0.93 9.37 4.02
C PHE A 8 -0.77 9.63 2.51
N TYR A 9 -0.97 8.60 1.68
CA TYR A 9 -0.84 8.73 0.21
C TYR A 9 -1.79 7.80 -0.55
N LYS A 10 -2.19 8.21 -1.75
CA LYS A 10 -2.95 7.35 -2.64
C LYS A 10 -2.00 6.60 -3.59
N GLY A 11 -2.15 5.29 -3.67
CA GLY A 11 -1.29 4.49 -4.53
C GLY A 11 -2.05 3.55 -5.44
N VAL A 12 -1.37 3.03 -6.46
CA VAL A 12 -2.00 2.11 -7.42
C VAL A 12 -1.48 0.68 -7.27
N VAL A 13 -2.40 -0.29 -7.27
CA VAL A 13 -2.05 -1.70 -7.15
C VAL A 13 -1.44 -2.25 -8.46
N THR A 14 -0.17 -2.63 -8.39
CA THR A 14 0.53 -3.18 -9.57
C THR A 14 0.16 -4.64 -9.83
N ARG A 15 0.09 -5.43 -8.76
CA ARG A 15 -0.30 -6.85 -8.88
C ARG A 15 -0.88 -7.40 -7.55
N ILE A 16 -1.72 -8.42 -7.67
CA ILE A 16 -2.37 -9.04 -6.51
C ILE A 16 -1.63 -10.33 -6.09
N GLU A 17 -1.19 -10.37 -4.83
CA GLU A 17 -0.47 -11.52 -4.29
C GLU A 17 -1.28 -12.20 -3.17
N LYS A 18 -1.02 -13.49 -2.97
CA LYS A 18 -1.71 -14.27 -1.93
C LYS A 18 -1.25 -13.85 -0.51
N TYR A 19 -0.28 -12.93 -0.45
CA TYR A 19 0.21 -12.40 0.83
C TYR A 19 0.06 -10.86 0.90
N GLY A 20 -0.67 -10.28 -0.06
CA GLY A 20 -0.87 -8.84 -0.09
C GLY A 20 -0.91 -8.27 -1.51
N ALA A 21 -0.84 -6.95 -1.63
CA ALA A 21 -0.80 -6.30 -2.94
C ALA A 21 0.33 -5.26 -3.02
N PHE A 22 1.18 -5.38 -4.04
CA PHE A 22 2.29 -4.43 -4.22
C PHE A 22 1.78 -3.12 -4.82
N ILE A 23 1.82 -2.06 -4.03
CA ILE A 23 1.28 -0.75 -4.43
C ILE A 23 2.38 0.28 -4.64
N ASN A 24 2.32 1.01 -5.75
CA ASN A 24 3.23 2.12 -6.01
C ASN A 24 2.58 3.46 -5.67
N LEU A 25 3.13 4.17 -4.68
CA LEU A 25 2.70 5.54 -4.40
C LEU A 25 3.33 6.51 -5.42
N ASN A 26 4.50 6.12 -5.89
CA ASN A 26 5.25 6.87 -6.91
C ASN A 26 6.07 5.89 -7.76
N GLU A 27 6.51 6.32 -8.94
CA GLU A 27 7.29 5.45 -9.84
C GLU A 27 8.52 4.84 -9.11
N GLN A 28 9.09 5.59 -8.17
CA GLN A 28 10.27 5.13 -7.42
C GLN A 28 9.94 4.86 -5.95
N VAL A 29 8.65 4.65 -5.65
CA VAL A 29 8.18 4.37 -4.29
C VAL A 29 7.17 3.21 -4.28
N ARG A 30 7.63 2.03 -3.85
CA ARG A 30 6.79 0.81 -3.86
C ARG A 30 6.70 0.16 -2.47
N GLY A 31 5.55 -0.41 -2.16
CA GLY A 31 5.36 -1.12 -0.89
C GLY A 31 4.40 -2.29 -0.98
N LEU A 32 4.08 -2.90 0.17
CA LEU A 32 3.19 -4.05 0.21
C LEU A 32 2.00 -3.83 1.15
N LEU A 33 0.80 -3.95 0.62
CA LEU A 33 -0.43 -3.86 1.42
C LEU A 33 -0.93 -5.26 1.82
N ARG A 34 -0.88 -5.56 3.11
CA ARG A 34 -1.25 -6.89 3.62
C ARG A 34 -2.74 -6.95 4.02
N PRO A 35 -3.38 -8.12 3.86
CA PRO A 35 -4.82 -8.29 4.16
C PRO A 35 -5.16 -8.02 5.64
N ARG A 36 -4.21 -8.34 6.52
CA ARG A 36 -4.42 -8.18 7.97
C ARG A 36 -4.33 -6.70 8.40
N ASP A 37 -3.77 -5.87 7.52
CA ASP A 37 -3.65 -4.43 7.77
C ASP A 37 -4.83 -3.67 7.11
N MET A 38 -5.78 -4.42 6.56
CA MET A 38 -6.94 -3.84 5.87
C MET A 38 -8.17 -3.75 6.79
N ILE A 39 -9.06 -2.80 6.52
CA ILE A 39 -10.30 -2.64 7.30
C ILE A 39 -11.53 -3.10 6.51
N SER A 40 -11.94 -2.30 5.53
CA SER A 40 -13.13 -2.62 4.70
C SER A 40 -12.76 -3.49 3.50
N LEU A 41 -11.75 -3.05 2.73
CA LEU A 41 -11.34 -3.75 1.52
C LEU A 41 -10.46 -4.98 1.81
N ARG A 42 -10.85 -6.13 1.27
CA ARG A 42 -10.03 -7.36 1.34
C ARG A 42 -9.34 -7.61 0.00
N LEU A 43 -8.27 -8.41 0.01
CA LEU A 43 -7.55 -8.75 -1.25
C LEU A 43 -8.51 -9.30 -2.32
N GLU A 44 -9.55 -10.00 -1.86
CA GLU A 44 -10.55 -10.61 -2.74
C GLU A 44 -11.26 -9.56 -3.63
N ASN A 45 -11.28 -8.31 -3.17
CA ASN A 45 -11.97 -7.23 -3.89
C ASN A 45 -10.99 -6.29 -4.60
N LEU A 46 -9.69 -6.57 -4.48
CA LEU A 46 -8.66 -5.70 -5.09
C LEU A 46 -8.22 -6.23 -6.46
N ASN A 47 -8.04 -5.32 -7.41
CA ASN A 47 -7.66 -5.70 -8.79
C ASN A 47 -6.42 -4.92 -9.25
N VAL A 48 -5.79 -5.40 -10.32
CA VAL A 48 -4.61 -4.75 -10.89
C VAL A 48 -4.98 -3.41 -11.55
N GLY A 49 -4.50 -2.31 -10.97
CA GLY A 49 -4.80 -0.98 -11.50
C GLY A 49 -5.62 -0.10 -10.56
N ASP A 50 -6.20 -0.70 -9.52
CA ASP A 50 -6.99 0.08 -8.54
C ASP A 50 -6.13 1.10 -7.78
N GLU A 51 -6.52 2.38 -7.83
CA GLU A 51 -5.87 3.42 -7.02
C GLU A 51 -6.57 3.54 -5.65
N ILE A 52 -5.89 3.06 -4.62
CA ILE A 52 -6.46 3.04 -3.27
C ILE A 52 -5.75 4.04 -2.33
N ILE A 53 -6.52 4.69 -1.46
CA ILE A 53 -5.97 5.62 -0.47
C ILE A 53 -5.49 4.85 0.77
N VAL A 54 -4.18 4.77 0.96
CA VAL A 54 -3.61 4.01 2.07
C VAL A 54 -2.63 4.85 2.90
N GLN A 55 -2.21 4.32 4.03
CA GLN A 55 -1.22 4.99 4.89
C GLN A 55 0.05 4.14 5.01
N ALA A 56 1.19 4.76 4.75
CA ALA A 56 2.49 4.09 4.90
C ALA A 56 2.84 3.92 6.38
N ILE A 57 2.71 2.70 6.89
CA ILE A 57 3.05 2.40 8.28
C ILE A 57 4.53 2.72 8.56
N ASP A 58 5.42 1.89 8.01
CA ASP A 58 6.86 2.06 8.17
C ASP A 58 7.59 1.92 6.82
N VAL A 59 8.67 2.67 6.64
CA VAL A 59 9.50 2.59 5.44
C VAL A 59 10.86 1.95 5.79
N ARG A 60 11.19 0.84 5.11
CA ARG A 60 12.43 0.11 5.41
C ARG A 60 13.53 0.44 4.38
N PRO A 61 14.46 1.35 4.69
CA PRO A 61 15.56 1.72 3.77
C PRO A 61 16.45 0.51 3.43
N GLU A 62 16.60 -0.39 4.42
CA GLU A 62 17.36 -1.63 4.25
C GLU A 62 16.79 -2.53 3.13
N LYS A 63 15.47 -2.61 3.04
CA LYS A 63 14.81 -3.50 2.08
C LYS A 63 14.20 -2.74 0.90
N ARG A 64 14.07 -1.41 1.03
CA ARG A 64 13.38 -0.57 0.04
C ARG A 64 11.87 -0.91 -0.03
N GLU A 65 11.38 -1.63 0.98
CA GLU A 65 9.98 -2.03 1.06
C GLU A 65 9.22 -1.16 2.06
N ILE A 66 8.00 -0.74 1.70
CA ILE A 66 7.16 0.07 2.58
C ILE A 66 5.92 -0.72 3.06
N ASP A 67 5.64 -0.67 4.35
CA ASP A 67 4.47 -1.32 4.93
C ASP A 67 3.23 -0.40 4.83
N PHE A 68 2.14 -0.92 4.26
CA PHE A 68 0.91 -0.12 4.10
C PHE A 68 -0.23 -0.60 5.02
N LYS A 69 -1.12 0.33 5.38
CA LYS A 69 -2.34 0.01 6.14
C LYS A 69 -3.55 0.72 5.52
N TYR A 70 -4.72 0.08 5.56
CA TYR A 70 -5.94 0.71 5.05
C TYR A 70 -6.64 1.50 6.16
N ILE A 71 -7.09 2.71 5.83
CA ILE A 71 -7.77 3.58 6.80
C ILE A 71 -9.05 4.19 6.21
N PRO A 72 -10.13 4.28 6.99
CA PRO A 72 -11.37 4.94 6.56
C PRO A 72 -11.27 6.48 6.63
N LEU A 73 -11.85 7.17 5.65
CA LEU A 73 -11.78 8.63 5.58
C LEU A 73 -13.19 9.24 5.48
N GLU A 74 -13.47 10.26 6.28
CA GLU A 74 -14.77 10.93 6.27
C GLU A 74 -14.63 12.47 6.21
N MET A 1 9.93 12.84 -4.69
CA MET A 1 8.92 12.30 -3.75
C MET A 1 9.47 11.11 -2.95
N ASP A 2 9.38 11.19 -1.62
CA ASP A 2 9.76 10.09 -0.73
C ASP A 2 8.71 9.92 0.37
N VAL A 3 8.53 8.67 0.84
CA VAL A 3 7.47 8.37 1.81
C VAL A 3 8.01 8.00 3.19
N GLU A 4 7.45 8.64 4.21
CA GLU A 4 7.83 8.38 5.60
C GLU A 4 6.75 7.55 6.32
N PRO A 5 7.13 6.76 7.34
CA PRO A 5 6.18 5.92 8.09
C PRO A 5 5.16 6.74 8.89
N GLY A 6 3.88 6.59 8.56
CA GLY A 6 2.82 7.34 9.23
C GLY A 6 2.17 8.40 8.34
N LYS A 7 2.74 8.63 7.17
CA LYS A 7 2.22 9.63 6.23
C LYS A 7 1.08 9.07 5.35
N PHE A 8 0.26 9.97 4.81
CA PHE A 8 -0.91 9.58 3.99
C PHE A 8 -0.65 9.78 2.49
N TYR A 9 -0.90 8.75 1.68
CA TYR A 9 -0.72 8.84 0.22
C TYR A 9 -1.70 7.91 -0.52
N LYS A 10 -1.96 8.23 -1.80
CA LYS A 10 -2.69 7.31 -2.68
C LYS A 10 -1.73 6.33 -3.33
N GLY A 11 -2.14 5.08 -3.46
CA GLY A 11 -1.32 4.07 -4.13
C GLY A 11 -2.09 3.29 -5.18
N VAL A 12 -1.39 2.84 -6.22
CA VAL A 12 -2.01 2.03 -7.27
C VAL A 12 -1.52 0.58 -7.22
N VAL A 13 -2.47 -0.36 -7.22
CA VAL A 13 -2.15 -1.80 -7.14
C VAL A 13 -1.49 -2.32 -8.43
N THR A 14 -0.35 -2.99 -8.27
CA THR A 14 0.37 -3.59 -9.40
C THR A 14 -0.04 -5.05 -9.62
N ARG A 15 0.04 -5.86 -8.57
CA ARG A 15 -0.32 -7.29 -8.65
C ARG A 15 -0.93 -7.81 -7.34
N ILE A 16 -1.80 -8.81 -7.46
CA ILE A 16 -2.49 -9.39 -6.30
C ILE A 16 -1.77 -10.64 -5.80
N GLU A 17 -1.37 -10.62 -4.53
CA GLU A 17 -0.63 -11.74 -3.90
C GLU A 17 -1.50 -12.51 -2.89
N LYS A 18 -1.05 -13.70 -2.53
CA LYS A 18 -1.72 -14.51 -1.50
C LYS A 18 -1.55 -13.87 -0.10
N TYR A 19 -0.56 -12.99 0.03
CA TYR A 19 -0.23 -12.34 1.30
C TYR A 19 -0.44 -10.81 1.24
N GLY A 20 -1.23 -10.36 0.28
CA GLY A 20 -1.51 -8.93 0.14
C GLY A 20 -1.46 -8.46 -1.31
N ALA A 21 -1.10 -7.20 -1.53
CA ALA A 21 -0.95 -6.66 -2.88
C ALA A 21 0.17 -5.61 -2.95
N PHE A 22 1.02 -5.70 -3.97
CA PHE A 22 2.09 -4.71 -4.16
C PHE A 22 1.54 -3.42 -4.76
N ILE A 23 1.98 -2.27 -4.23
CA ILE A 23 1.40 -0.97 -4.59
C ILE A 23 2.48 0.10 -4.82
N ASN A 24 2.26 0.96 -5.81
CA ASN A 24 3.13 2.11 -6.08
C ASN A 24 2.46 3.41 -5.61
N LEU A 25 3.13 4.17 -4.73
CA LEU A 25 2.66 5.51 -4.36
C LEU A 25 3.16 6.55 -5.39
N ASN A 26 4.15 6.12 -6.15
CA ASN A 26 4.75 6.93 -7.23
C ASN A 26 5.58 5.99 -8.12
N GLU A 27 5.72 6.32 -9.40
CA GLU A 27 6.50 5.47 -10.32
C GLU A 27 7.90 5.15 -9.75
N GLN A 28 8.39 6.03 -8.88
CA GLN A 28 9.67 5.82 -8.19
C GLN A 28 9.49 5.15 -6.81
N VAL A 29 8.35 5.39 -6.17
CA VAL A 29 8.10 4.88 -4.81
C VAL A 29 7.18 3.65 -4.80
N ARG A 30 7.71 2.51 -4.35
CA ARG A 30 6.97 1.24 -4.36
C ARG A 30 6.96 0.59 -2.98
N GLY A 31 5.92 -0.22 -2.71
CA GLY A 31 5.83 -0.92 -1.43
C GLY A 31 4.84 -2.10 -1.46
N LEU A 32 4.38 -2.52 -0.27
CA LEU A 32 3.49 -3.69 -0.15
C LEU A 32 2.33 -3.41 0.84
N LEU A 33 1.11 -3.75 0.41
CA LEU A 33 -0.09 -3.60 1.25
C LEU A 33 -0.41 -4.93 1.97
N ARG A 34 -0.57 -4.87 3.30
CA ARG A 34 -0.76 -6.07 4.11
C ARG A 34 -2.24 -6.30 4.48
N PRO A 35 -2.74 -7.55 4.34
CA PRO A 35 -4.16 -7.90 4.58
C PRO A 35 -4.64 -7.60 6.02
N ARG A 36 -3.74 -7.75 6.99
CA ARG A 36 -4.05 -7.52 8.40
C ARG A 36 -4.47 -6.06 8.64
N ASP A 37 -3.94 -5.16 7.82
CA ASP A 37 -4.20 -3.73 7.95
C ASP A 37 -5.28 -3.25 6.97
N MET A 38 -5.89 -4.19 6.26
CA MET A 38 -7.01 -3.87 5.35
C MET A 38 -8.35 -3.83 6.09
N ILE A 39 -8.87 -2.62 6.30
CA ILE A 39 -10.13 -2.42 7.04
C ILE A 39 -11.36 -2.87 6.23
N SER A 40 -11.63 -2.18 5.12
CA SER A 40 -12.85 -2.42 4.34
C SER A 40 -12.60 -3.31 3.10
N LEU A 41 -11.57 -2.99 2.32
CA LEU A 41 -11.30 -3.72 1.07
C LEU A 41 -10.57 -5.05 1.33
N ARG A 42 -11.22 -6.14 0.91
CA ARG A 42 -10.63 -7.49 1.02
C ARG A 42 -9.87 -7.84 -0.27
N LEU A 43 -8.81 -8.63 -0.16
CA LEU A 43 -8.00 -9.03 -1.34
C LEU A 43 -8.87 -9.62 -2.46
N GLU A 44 -9.97 -10.26 -2.07
CA GLU A 44 -10.89 -10.91 -3.02
C GLU A 44 -11.46 -9.91 -4.05
N ASN A 45 -11.54 -8.63 -3.66
CA ASN A 45 -12.19 -7.60 -4.48
C ASN A 45 -11.18 -6.71 -5.21
N LEU A 46 -9.89 -6.86 -4.90
CA LEU A 46 -8.85 -5.97 -5.46
C LEU A 46 -8.44 -6.40 -6.88
N ASN A 47 -8.13 -5.42 -7.72
CA ASN A 47 -7.72 -5.68 -9.11
C ASN A 47 -6.40 -4.97 -9.44
N VAL A 48 -5.88 -5.23 -10.64
CA VAL A 48 -4.66 -4.55 -11.11
C VAL A 48 -4.99 -3.13 -11.60
N GLY A 49 -4.48 -2.12 -10.88
CA GLY A 49 -4.69 -0.73 -11.29
C GLY A 49 -5.60 0.07 -10.35
N ASP A 50 -6.18 -0.59 -9.34
CA ASP A 50 -7.03 0.11 -8.37
C ASP A 50 -6.25 1.17 -7.56
N GLU A 51 -6.70 2.43 -7.65
CA GLU A 51 -6.12 3.53 -6.87
C GLU A 51 -6.71 3.55 -5.45
N ILE A 52 -5.97 3.01 -4.50
CA ILE A 52 -6.44 2.92 -3.11
C ILE A 52 -5.72 3.92 -2.19
N ILE A 53 -6.48 4.57 -1.30
CA ILE A 53 -5.92 5.53 -0.35
C ILE A 53 -5.37 4.81 0.91
N VAL A 54 -4.06 4.90 1.14
CA VAL A 54 -3.42 4.17 2.23
C VAL A 54 -2.52 5.06 3.10
N GLN A 55 -2.14 4.54 4.26
CA GLN A 55 -1.19 5.19 5.16
C GLN A 55 0.07 4.32 5.35
N ALA A 56 1.23 4.94 5.39
CA ALA A 56 2.49 4.20 5.55
C ALA A 56 2.67 3.66 6.97
N ILE A 57 3.08 2.40 7.08
CA ILE A 57 3.35 1.77 8.39
C ILE A 57 4.85 1.87 8.73
N ASP A 58 5.66 1.10 8.02
CA ASP A 58 7.12 1.12 8.22
C ASP A 58 7.86 1.34 6.89
N VAL A 59 8.93 2.13 6.94
CA VAL A 59 9.77 2.38 5.75
C VAL A 59 11.22 1.95 6.01
N ARG A 60 11.62 0.83 5.41
CA ARG A 60 12.98 0.30 5.57
C ARG A 60 13.81 0.55 4.31
N PRO A 61 14.63 1.63 4.27
CA PRO A 61 15.43 1.98 3.09
C PRO A 61 16.50 0.91 2.77
N GLU A 62 17.13 0.36 3.80
CA GLU A 62 18.14 -0.70 3.64
C GLU A 62 17.52 -1.98 3.05
N LYS A 63 16.20 -2.11 3.17
CA LYS A 63 15.47 -3.25 2.60
C LYS A 63 14.62 -2.81 1.39
N ARG A 64 14.51 -1.50 1.20
CA ARG A 64 13.66 -0.90 0.15
C ARG A 64 12.18 -1.30 0.33
N GLU A 65 11.81 -1.66 1.55
CA GLU A 65 10.44 -2.06 1.89
C GLU A 65 9.62 -0.90 2.43
N ILE A 66 8.41 -0.71 1.92
CA ILE A 66 7.45 0.25 2.47
C ILE A 66 6.09 -0.41 2.69
N ASP A 67 5.71 -0.59 3.96
CA ASP A 67 4.45 -1.27 4.30
C ASP A 67 3.27 -0.28 4.28
N PHE A 68 2.14 -0.70 3.69
CA PHE A 68 0.95 0.17 3.60
C PHE A 68 -0.19 -0.33 4.48
N LYS A 69 -1.07 0.59 4.87
CA LYS A 69 -2.25 0.27 5.69
C LYS A 69 -3.51 0.92 5.10
N TYR A 70 -4.63 0.21 5.14
CA TYR A 70 -5.90 0.75 4.63
C TYR A 70 -6.64 1.51 5.74
N ILE A 71 -7.11 2.72 5.44
CA ILE A 71 -7.81 3.54 6.43
C ILE A 71 -9.16 4.05 5.90
N PRO A 72 -10.21 4.06 6.75
CA PRO A 72 -11.52 4.62 6.40
C PRO A 72 -11.47 6.15 6.36
N LEU A 73 -11.54 6.73 5.17
CA LEU A 73 -11.46 8.19 5.01
C LEU A 73 -12.82 8.84 5.34
N GLU A 74 -12.89 9.50 6.49
CA GLU A 74 -14.10 10.20 6.93
C GLU A 74 -13.99 11.71 6.67
N MET A 1 9.51 13.88 -4.90
CA MET A 1 8.71 13.11 -3.92
C MET A 1 9.61 12.40 -2.90
N ASP A 2 9.13 12.29 -1.66
CA ASP A 2 9.86 11.59 -0.60
C ASP A 2 8.86 11.05 0.45
N VAL A 3 9.03 9.79 0.85
CA VAL A 3 8.07 9.13 1.75
C VAL A 3 8.69 8.66 3.07
N GLU A 4 8.10 9.12 4.17
CA GLU A 4 8.46 8.65 5.52
C GLU A 4 7.52 7.52 5.96
N PRO A 5 7.79 6.86 7.11
CA PRO A 5 6.80 5.96 7.74
C PRO A 5 5.61 6.75 8.34
N GLY A 6 4.47 6.09 8.46
CA GLY A 6 3.27 6.72 9.02
C GLY A 6 2.68 7.85 8.16
N LYS A 7 2.97 7.84 6.86
CA LYS A 7 2.49 8.90 5.96
C LYS A 7 1.19 8.51 5.23
N PHE A 8 0.38 9.52 4.91
CA PHE A 8 -0.89 9.31 4.18
C PHE A 8 -0.74 9.65 2.68
N TYR A 9 -0.99 8.66 1.82
CA TYR A 9 -0.93 8.87 0.35
C TYR A 9 -1.95 8.01 -0.39
N LYS A 10 -2.26 8.38 -1.63
CA LYS A 10 -3.10 7.55 -2.51
C LYS A 10 -2.23 6.79 -3.52
N GLY A 11 -2.33 5.47 -3.52
CA GLY A 11 -1.52 4.66 -4.42
C GLY A 11 -2.35 3.75 -5.31
N VAL A 12 -1.71 3.18 -6.33
CA VAL A 12 -2.40 2.28 -7.27
C VAL A 12 -1.95 0.82 -7.10
N VAL A 13 -2.92 -0.09 -7.05
CA VAL A 13 -2.62 -1.53 -6.95
C VAL A 13 -2.04 -2.08 -8.25
N THR A 14 -0.88 -2.75 -8.15
CA THR A 14 -0.18 -3.28 -9.33
C THR A 14 -0.36 -4.79 -9.48
N ARG A 15 0.15 -5.56 -8.51
CA ARG A 15 0.05 -7.02 -8.55
C ARG A 15 -0.54 -7.58 -7.24
N ILE A 16 -1.43 -8.56 -7.39
CA ILE A 16 -2.12 -9.17 -6.25
C ILE A 16 -1.43 -10.46 -5.80
N GLU A 17 -1.00 -10.49 -4.55
CA GLU A 17 -0.37 -11.67 -3.96
C GLU A 17 -1.32 -12.34 -2.94
N LYS A 18 -0.90 -13.46 -2.38
CA LYS A 18 -1.65 -14.11 -1.31
C LYS A 18 -1.22 -13.57 0.06
N TYR A 19 -0.02 -12.99 0.11
CA TYR A 19 0.51 -12.37 1.34
C TYR A 19 0.30 -10.84 1.35
N GLY A 20 -0.37 -10.32 0.33
CA GLY A 20 -0.60 -8.87 0.24
C GLY A 20 -0.78 -8.38 -1.19
N ALA A 21 -0.78 -7.06 -1.38
CA ALA A 21 -0.87 -6.47 -2.73
C ALA A 21 0.14 -5.31 -2.90
N PHE A 22 0.96 -5.38 -3.93
CA PHE A 22 1.98 -4.34 -4.17
C PHE A 22 1.36 -3.06 -4.74
N ILE A 23 1.59 -1.94 -4.06
CA ILE A 23 1.01 -0.65 -4.45
C ILE A 23 2.09 0.40 -4.73
N ASN A 24 1.90 1.19 -5.80
CA ASN A 24 2.81 2.28 -6.12
C ASN A 24 2.24 3.64 -5.67
N LEU A 25 3.02 4.37 -4.88
CA LEU A 25 2.70 5.78 -4.58
C LEU A 25 3.37 6.67 -5.64
N ASN A 26 4.28 6.06 -6.38
CA ASN A 26 5.06 6.72 -7.43
C ASN A 26 5.81 5.65 -8.24
N GLU A 27 6.24 5.98 -9.45
CA GLU A 27 7.02 5.04 -10.29
C GLU A 27 8.17 4.39 -9.49
N GLN A 28 8.82 5.18 -8.64
CA GLN A 28 9.95 4.70 -7.84
C GLN A 28 9.52 4.25 -6.43
N VAL A 29 8.41 4.81 -5.93
CA VAL A 29 7.91 4.48 -4.58
C VAL A 29 6.91 3.32 -4.63
N ARG A 30 7.36 2.13 -4.25
CA ARG A 30 6.55 0.91 -4.31
C ARG A 30 6.60 0.15 -2.98
N GLY A 31 5.45 -0.36 -2.53
CA GLY A 31 5.40 -1.12 -1.28
C GLY A 31 4.39 -2.27 -1.30
N LEU A 32 4.07 -2.79 -0.13
CA LEU A 32 3.16 -3.94 0.00
C LEU A 32 2.02 -3.65 0.98
N LEU A 33 0.79 -3.93 0.54
CA LEU A 33 -0.40 -3.78 1.39
C LEU A 33 -0.74 -5.11 2.06
N ARG A 34 -0.65 -5.14 3.39
CA ARG A 34 -0.84 -6.38 4.15
C ARG A 34 -2.33 -6.68 4.41
N PRO A 35 -2.74 -7.97 4.31
CA PRO A 35 -4.16 -8.37 4.43
C PRO A 35 -4.79 -7.99 5.78
N ARG A 36 -3.99 -8.04 6.83
CA ARG A 36 -4.48 -7.84 8.20
C ARG A 36 -4.67 -6.35 8.53
N ASP A 37 -4.11 -5.48 7.69
CA ASP A 37 -4.23 -4.02 7.86
C ASP A 37 -5.35 -3.44 6.98
N MET A 38 -6.14 -4.33 6.37
CA MET A 38 -7.26 -3.92 5.52
C MET A 38 -8.55 -3.75 6.34
N ILE A 39 -9.11 -2.53 6.32
CA ILE A 39 -10.36 -2.23 7.05
C ILE A 39 -11.60 -2.71 6.27
N SER A 40 -11.87 -2.09 5.12
CA SER A 40 -13.06 -2.41 4.32
C SER A 40 -12.78 -3.52 3.28
N LEU A 41 -11.87 -3.23 2.35
CA LEU A 41 -11.56 -4.14 1.24
C LEU A 41 -10.61 -5.28 1.65
N ARG A 42 -10.73 -6.42 0.98
CA ARG A 42 -9.77 -7.51 1.11
C ARG A 42 -9.06 -7.76 -0.23
N LEU A 43 -7.92 -8.47 -0.20
CA LEU A 43 -7.17 -8.78 -1.43
C LEU A 43 -8.07 -9.40 -2.50
N GLU A 44 -9.04 -10.18 -2.04
CA GLU A 44 -10.03 -10.84 -2.90
C GLU A 44 -10.74 -9.85 -3.85
N ASN A 45 -10.98 -8.63 -3.35
CA ASN A 45 -11.75 -7.64 -4.10
C ASN A 45 -10.86 -6.62 -4.83
N LEU A 46 -9.55 -6.73 -4.67
CA LEU A 46 -8.61 -5.78 -5.27
C LEU A 46 -8.22 -6.21 -6.70
N ASN A 47 -8.14 -5.24 -7.60
CA ASN A 47 -7.78 -5.50 -9.01
C ASN A 47 -6.60 -4.63 -9.44
N VAL A 48 -5.96 -5.02 -10.54
CA VAL A 48 -4.87 -4.23 -11.11
C VAL A 48 -5.38 -2.89 -11.64
N GLY A 49 -4.94 -1.80 -11.04
CA GLY A 49 -5.38 -0.47 -11.45
C GLY A 49 -6.19 0.26 -10.39
N ASP A 50 -6.68 -0.45 -9.38
CA ASP A 50 -7.44 0.17 -8.29
C ASP A 50 -6.59 1.18 -7.51
N GLU A 51 -6.86 2.47 -7.73
CA GLU A 51 -6.19 3.55 -7.00
C GLU A 51 -6.87 3.80 -5.65
N ILE A 52 -6.21 3.39 -4.56
CA ILE A 52 -6.79 3.45 -3.21
C ILE A 52 -5.93 4.32 -2.26
N ILE A 53 -6.58 4.92 -1.26
CA ILE A 53 -5.88 5.70 -0.24
C ILE A 53 -5.31 4.80 0.86
N VAL A 54 -3.99 4.77 1.00
CA VAL A 54 -3.33 3.90 1.98
C VAL A 54 -2.26 4.66 2.80
N GLN A 55 -2.04 4.22 4.04
CA GLN A 55 -1.01 4.80 4.89
C GLN A 55 0.27 3.95 4.87
N ALA A 56 1.40 4.58 4.55
CA ALA A 56 2.69 3.91 4.58
C ALA A 56 3.16 3.65 6.01
N ILE A 57 2.85 2.47 6.54
CA ILE A 57 3.18 2.12 7.93
C ILE A 57 4.68 2.32 8.22
N ASP A 58 5.51 1.48 7.61
CA ASP A 58 6.96 1.59 7.77
C ASP A 58 7.68 1.63 6.42
N VAL A 59 8.53 2.64 6.24
CA VAL A 59 9.41 2.73 5.07
C VAL A 59 10.85 2.43 5.48
N ARG A 60 11.34 1.23 5.12
CA ARG A 60 12.67 0.79 5.57
C ARG A 60 13.69 0.78 4.43
N PRO A 61 14.53 1.84 4.33
CA PRO A 61 15.56 1.94 3.28
C PRO A 61 16.59 0.80 3.34
N GLU A 62 16.72 0.18 4.52
CA GLU A 62 17.61 -0.97 4.71
C GLU A 62 17.17 -2.17 3.84
N LYS A 63 15.87 -2.30 3.63
CA LYS A 63 15.31 -3.42 2.86
C LYS A 63 14.53 -2.95 1.62
N ARG A 64 14.36 -1.64 1.47
CA ARG A 64 13.53 -1.05 0.40
C ARG A 64 12.04 -1.48 0.53
N GLU A 65 11.69 -2.05 1.68
CA GLU A 65 10.34 -2.55 1.92
C GLU A 65 9.46 -1.49 2.59
N ILE A 66 8.24 -1.32 2.07
CA ILE A 66 7.28 -0.37 2.62
C ILE A 66 5.94 -1.05 2.95
N ASP A 67 5.55 -1.03 4.21
CA ASP A 67 4.26 -1.63 4.63
C ASP A 67 3.10 -0.62 4.45
N PHE A 68 1.99 -1.08 3.88
CA PHE A 68 0.82 -0.22 3.68
C PHE A 68 -0.38 -0.70 4.51
N LYS A 69 -1.27 0.25 4.85
CA LYS A 69 -2.50 -0.04 5.58
C LYS A 69 -3.70 0.64 4.89
N TYR A 70 -4.87 0.00 4.96
CA TYR A 70 -6.09 0.57 4.35
C TYR A 70 -6.78 1.49 5.36
N ILE A 71 -6.77 2.79 5.08
CA ILE A 71 -7.31 3.78 6.01
C ILE A 71 -8.64 4.38 5.52
N PRO A 72 -9.73 4.24 6.31
CA PRO A 72 -11.03 4.86 5.99
C PRO A 72 -10.98 6.40 6.11
N LEU A 73 -11.54 7.09 5.12
CA LEU A 73 -11.54 8.56 5.10
C LEU A 73 -12.63 9.10 6.05
N GLU A 74 -12.24 9.98 6.97
CA GLU A 74 -13.19 10.59 7.92
C GLU A 74 -13.85 11.85 7.33
N MET A 1 8.89 12.85 -4.70
CA MET A 1 8.16 12.44 -3.48
C MET A 1 8.87 11.28 -2.75
N ASP A 2 9.06 11.44 -1.45
CA ASP A 2 9.66 10.38 -0.62
C ASP A 2 8.63 9.87 0.40
N VAL A 3 8.70 8.57 0.71
CA VAL A 3 7.73 7.94 1.62
C VAL A 3 8.22 7.93 3.07
N GLU A 4 7.33 8.28 4.00
CA GLU A 4 7.65 8.30 5.43
C GLU A 4 6.75 7.32 6.20
N PRO A 5 7.26 6.72 7.29
CA PRO A 5 6.47 5.79 8.13
C PRO A 5 5.34 6.51 8.90
N GLY A 6 4.09 6.09 8.67
CA GLY A 6 2.96 6.66 9.37
C GLY A 6 2.28 7.81 8.65
N LYS A 7 2.62 8.03 7.38
CA LYS A 7 2.08 9.16 6.60
C LYS A 7 1.02 8.72 5.56
N PHE A 8 0.24 9.68 5.08
CA PHE A 8 -0.90 9.41 4.18
C PHE A 8 -0.53 9.54 2.69
N TYR A 9 -0.69 8.45 1.93
CA TYR A 9 -0.41 8.45 0.48
C TYR A 9 -1.42 7.58 -0.29
N LYS A 10 -1.98 8.11 -1.39
CA LYS A 10 -2.83 7.30 -2.28
C LYS A 10 -1.96 6.62 -3.36
N GLY A 11 -2.35 5.41 -3.75
CA GLY A 11 -1.64 4.70 -4.80
C GLY A 11 -2.52 3.75 -5.59
N VAL A 12 -1.94 3.10 -6.59
CA VAL A 12 -2.68 2.15 -7.45
C VAL A 12 -2.09 0.74 -7.36
N VAL A 13 -2.97 -0.27 -7.30
CA VAL A 13 -2.54 -1.66 -7.19
C VAL A 13 -1.99 -2.20 -8.53
N THR A 14 -0.80 -2.80 -8.49
CA THR A 14 -0.16 -3.37 -9.68
C THR A 14 -0.49 -4.86 -9.85
N ARG A 15 -0.20 -5.64 -8.82
CA ARG A 15 -0.52 -7.08 -8.81
C ARG A 15 -0.90 -7.55 -7.40
N ILE A 16 -1.67 -8.64 -7.32
CA ILE A 16 -2.13 -9.18 -6.04
C ILE A 16 -1.25 -10.34 -5.57
N GLU A 17 -0.67 -10.19 -4.38
CA GLU A 17 0.19 -11.23 -3.79
C GLU A 17 -0.55 -11.98 -2.68
N LYS A 18 -0.08 -13.19 -2.37
CA LYS A 18 -0.68 -13.98 -1.27
C LYS A 18 -0.14 -13.54 0.10
N TYR A 19 0.60 -12.43 0.11
CA TYR A 19 1.09 -11.82 1.35
C TYR A 19 0.86 -10.29 1.34
N GLY A 20 0.04 -9.83 0.41
CA GLY A 20 -0.23 -8.40 0.25
C GLY A 20 -0.46 -7.99 -1.20
N ALA A 21 -0.36 -6.71 -1.50
CA ALA A 21 -0.47 -6.22 -2.88
C ALA A 21 0.51 -5.07 -3.14
N PHE A 22 1.22 -5.13 -4.27
CA PHE A 22 2.19 -4.07 -4.61
C PHE A 22 1.47 -2.83 -5.15
N ILE A 23 1.83 -1.66 -4.63
CA ILE A 23 1.19 -0.39 -5.00
C ILE A 23 2.24 0.67 -5.40
N ASN A 24 2.03 1.30 -6.55
CA ASN A 24 2.90 2.39 -7.00
C ASN A 24 2.33 3.76 -6.62
N LEU A 25 3.05 4.49 -5.76
CA LEU A 25 2.66 5.85 -5.38
C LEU A 25 3.20 6.87 -6.40
N ASN A 26 4.26 6.47 -7.10
CA ASN A 26 4.94 7.33 -8.08
C ASN A 26 5.79 6.45 -9.01
N GLU A 27 6.29 7.04 -10.12
CA GLU A 27 7.04 6.29 -11.13
C GLU A 27 8.16 5.41 -10.53
N GLN A 28 8.89 5.94 -9.54
CA GLN A 28 9.96 5.18 -8.87
C GLN A 28 9.64 4.87 -7.40
N VAL A 29 8.38 5.04 -7.01
CA VAL A 29 7.95 4.77 -5.63
C VAL A 29 6.95 3.60 -5.57
N ARG A 30 7.43 2.46 -5.09
CA ARG A 30 6.64 1.22 -5.04
C ARG A 30 6.69 0.57 -3.64
N GLY A 31 5.54 0.18 -3.10
CA GLY A 31 5.48 -0.43 -1.77
C GLY A 31 4.57 -1.66 -1.70
N LEU A 32 4.28 -2.11 -0.47
CA LEU A 32 3.48 -3.32 -0.26
C LEU A 32 2.32 -3.08 0.73
N LEU A 33 1.10 -3.36 0.29
CA LEU A 33 -0.10 -3.24 1.14
C LEU A 33 -0.44 -4.59 1.80
N ARG A 34 -0.68 -4.57 3.11
CA ARG A 34 -0.94 -5.81 3.86
C ARG A 34 -2.43 -6.05 4.13
N PRO A 35 -2.91 -7.31 3.99
CA PRO A 35 -4.35 -7.65 4.08
C PRO A 35 -4.99 -7.34 5.45
N ARG A 36 -4.31 -7.68 6.54
CA ARG A 36 -4.87 -7.50 7.88
C ARG A 36 -4.95 -6.02 8.27
N ASP A 37 -4.25 -5.17 7.52
CA ASP A 37 -4.30 -3.72 7.74
C ASP A 37 -5.36 -3.06 6.83
N MET A 38 -6.11 -3.90 6.11
CA MET A 38 -7.18 -3.43 5.24
C MET A 38 -8.55 -3.52 5.93
N ILE A 39 -9.16 -2.38 6.20
CA ILE A 39 -10.45 -2.32 6.89
C ILE A 39 -11.62 -2.82 6.00
N SER A 40 -11.81 -2.19 4.85
CA SER A 40 -12.92 -2.53 3.95
C SER A 40 -12.47 -3.45 2.81
N LEU A 41 -11.52 -2.98 2.00
CA LEU A 41 -11.06 -3.72 0.82
C LEU A 41 -10.06 -4.84 1.19
N ARG A 42 -10.43 -6.09 0.91
CA ARG A 42 -9.55 -7.24 1.17
C ARG A 42 -8.83 -7.68 -0.12
N LEU A 43 -7.68 -8.35 0.02
CA LEU A 43 -6.92 -8.85 -1.15
C LEU A 43 -7.81 -9.68 -2.08
N GLU A 44 -8.74 -10.42 -1.48
CA GLU A 44 -9.69 -11.26 -2.21
C GLU A 44 -10.56 -10.44 -3.17
N ASN A 45 -10.69 -9.15 -2.90
CA ASN A 45 -11.55 -8.25 -3.68
C ASN A 45 -10.75 -7.21 -4.48
N LEU A 46 -9.42 -7.18 -4.30
CA LEU A 46 -8.58 -6.19 -4.99
C LEU A 46 -8.28 -6.61 -6.43
N ASN A 47 -8.23 -5.62 -7.33
CA ASN A 47 -7.97 -5.86 -8.75
C ASN A 47 -6.81 -4.97 -9.25
N VAL A 48 -6.23 -5.33 -10.39
CA VAL A 48 -5.18 -4.53 -11.00
C VAL A 48 -5.76 -3.21 -11.53
N GLY A 49 -5.35 -2.09 -10.93
CA GLY A 49 -5.83 -0.78 -11.37
C GLY A 49 -6.74 -0.08 -10.36
N ASP A 50 -6.95 -0.68 -9.19
CA ASP A 50 -7.75 -0.03 -8.14
C ASP A 50 -6.93 1.04 -7.41
N GLU A 51 -7.55 2.19 -7.15
CA GLU A 51 -6.90 3.33 -6.49
C GLU A 51 -7.25 3.39 -5.01
N ILE A 52 -6.33 2.96 -4.16
CA ILE A 52 -6.59 2.85 -2.72
C ILE A 52 -5.85 3.92 -1.91
N ILE A 53 -6.57 4.58 -1.00
CA ILE A 53 -5.97 5.55 -0.08
C ILE A 53 -5.36 4.83 1.13
N VAL A 54 -4.02 4.80 1.21
CA VAL A 54 -3.34 4.06 2.26
C VAL A 54 -2.42 4.94 3.13
N GLN A 55 -2.35 4.62 4.40
CA GLN A 55 -1.38 5.25 5.31
C GLN A 55 -0.20 4.31 5.53
N ALA A 56 1.00 4.76 5.16
CA ALA A 56 2.21 3.94 5.30
C ALA A 56 2.44 3.53 6.77
N ILE A 57 2.83 2.28 6.99
CA ILE A 57 3.11 1.79 8.35
C ILE A 57 4.59 2.01 8.71
N ASP A 58 5.48 1.21 8.12
CA ASP A 58 6.93 1.35 8.36
C ASP A 58 7.69 1.44 7.02
N VAL A 59 8.82 2.14 7.04
CA VAL A 59 9.71 2.21 5.86
C VAL A 59 11.12 1.73 6.26
N ARG A 60 11.51 0.55 5.76
CA ARG A 60 12.81 -0.05 6.09
C ARG A 60 13.75 -0.04 4.89
N PRO A 61 14.68 0.94 4.79
CA PRO A 61 15.65 1.04 3.69
C PRO A 61 16.48 -0.25 3.49
N GLU A 62 17.08 -0.75 4.58
CA GLU A 62 17.91 -1.97 4.52
C GLU A 62 17.11 -3.21 4.11
N LYS A 63 15.79 -3.17 4.31
CA LYS A 63 14.90 -4.27 3.88
C LYS A 63 14.28 -3.98 2.51
N ARG A 64 14.34 -2.71 2.09
CA ARG A 64 13.68 -2.24 0.85
C ARG A 64 12.16 -2.45 0.92
N GLU A 65 11.62 -2.41 2.13
CA GLU A 65 10.18 -2.62 2.35
C GLU A 65 9.46 -1.34 2.79
N ILE A 66 8.35 -1.04 2.13
CA ILE A 66 7.46 0.04 2.54
C ILE A 66 6.04 -0.51 2.75
N ASP A 67 5.59 -0.57 4.00
CA ASP A 67 4.29 -1.18 4.33
C ASP A 67 3.15 -0.16 4.19
N PHE A 68 2.00 -0.61 3.69
CA PHE A 68 0.82 0.25 3.58
C PHE A 68 -0.35 -0.28 4.44
N LYS A 69 -1.22 0.64 4.87
CA LYS A 69 -2.39 0.31 5.70
C LYS A 69 -3.63 1.06 5.18
N TYR A 70 -4.79 0.40 5.23
CA TYR A 70 -6.04 1.03 4.76
C TYR A 70 -6.73 1.80 5.88
N ILE A 71 -7.20 3.01 5.57
CA ILE A 71 -7.91 3.84 6.53
C ILE A 71 -9.21 4.42 5.92
N PRO A 72 -10.35 4.34 6.64
CA PRO A 72 -11.59 4.96 6.18
C PRO A 72 -11.53 6.50 6.27
N LEU A 73 -10.81 7.10 5.33
CA LEU A 73 -10.59 8.56 5.33
C LEU A 73 -11.86 9.33 4.96
N GLU A 74 -12.21 10.33 5.78
CA GLU A 74 -13.37 11.19 5.53
C GLU A 74 -13.17 12.60 6.12
N MET A 1 9.63 13.72 -4.11
CA MET A 1 8.60 12.98 -3.33
C MET A 1 9.24 11.92 -2.42
N ASP A 2 9.17 12.13 -1.11
CA ASP A 2 9.72 11.17 -0.14
C ASP A 2 8.62 10.62 0.79
N VAL A 3 8.72 9.34 1.14
CA VAL A 3 7.71 8.68 1.98
C VAL A 3 8.24 8.36 3.39
N GLU A 4 7.58 8.91 4.41
CA GLU A 4 7.94 8.66 5.81
C GLU A 4 6.94 7.70 6.47
N PRO A 5 7.39 6.89 7.46
CA PRO A 5 6.51 5.97 8.19
C PRO A 5 5.44 6.70 9.02
N GLY A 6 4.20 6.69 8.56
CA GLY A 6 3.10 7.35 9.26
C GLY A 6 2.42 8.44 8.44
N LYS A 7 2.81 8.59 7.17
CA LYS A 7 2.23 9.61 6.30
C LYS A 7 1.09 9.06 5.43
N PHE A 8 0.20 9.95 5.00
CA PHE A 8 -0.97 9.58 4.18
C PHE A 8 -0.69 9.75 2.68
N TYR A 9 -0.84 8.68 1.90
CA TYR A 9 -0.63 8.73 0.44
C TYR A 9 -1.70 7.95 -0.33
N LYS A 10 -1.83 8.24 -1.62
CA LYS A 10 -2.69 7.48 -2.52
C LYS A 10 -1.84 6.69 -3.52
N GLY A 11 -2.16 5.42 -3.71
CA GLY A 11 -1.38 4.58 -4.62
C GLY A 11 -2.23 3.61 -5.42
N VAL A 12 -1.64 2.99 -6.45
CA VAL A 12 -2.35 2.05 -7.31
C VAL A 12 -1.81 0.62 -7.18
N VAL A 13 -2.72 -0.35 -7.09
CA VAL A 13 -2.35 -1.77 -7.02
C VAL A 13 -1.86 -2.29 -8.39
N THR A 14 -0.67 -2.90 -8.40
CA THR A 14 -0.08 -3.42 -9.65
C THR A 14 -0.18 -4.95 -9.75
N ARG A 15 0.01 -5.63 -8.63
CA ARG A 15 -0.04 -7.11 -8.59
C ARG A 15 -0.57 -7.63 -7.25
N ILE A 16 -1.33 -8.72 -7.31
CA ILE A 16 -1.94 -9.32 -6.10
C ILE A 16 -1.18 -10.59 -5.66
N GLU A 17 -0.65 -10.55 -4.44
CA GLU A 17 0.06 -11.69 -3.87
C GLU A 17 -0.84 -12.50 -2.92
N LYS A 18 -0.32 -13.61 -2.40
CA LYS A 18 -1.04 -14.41 -1.40
C LYS A 18 -0.87 -13.83 0.02
N TYR A 19 0.06 -12.89 0.16
CA TYR A 19 0.37 -12.28 1.47
C TYR A 19 0.13 -10.76 1.46
N GLY A 20 -0.49 -10.26 0.40
CA GLY A 20 -0.74 -8.83 0.27
C GLY A 20 -0.80 -8.35 -1.18
N ALA A 21 -0.77 -7.04 -1.39
CA ALA A 21 -0.77 -6.48 -2.75
C ALA A 21 0.26 -5.36 -2.90
N PHE A 22 1.06 -5.40 -3.97
CA PHE A 22 2.06 -4.36 -4.23
C PHE A 22 1.41 -3.09 -4.80
N ILE A 23 1.71 -1.95 -4.18
CA ILE A 23 1.12 -0.67 -4.57
C ILE A 23 2.20 0.38 -4.91
N ASN A 24 2.04 1.07 -6.04
CA ASN A 24 2.92 2.17 -6.41
C ASN A 24 2.29 3.52 -6.04
N LEU A 25 2.98 4.28 -5.19
CA LEU A 25 2.58 5.66 -4.89
C LEU A 25 3.05 6.59 -6.03
N ASN A 26 4.15 6.18 -6.65
CA ASN A 26 4.75 6.90 -7.78
C ASN A 26 5.67 5.94 -8.55
N GLU A 27 6.05 6.31 -9.77
CA GLU A 27 6.93 5.46 -10.61
C GLU A 27 8.19 4.98 -9.85
N GLN A 28 8.67 5.82 -8.92
CA GLN A 28 9.90 5.53 -8.16
C GLN A 28 9.60 5.00 -6.73
N VAL A 29 8.32 4.97 -6.35
CA VAL A 29 7.92 4.59 -4.98
C VAL A 29 6.90 3.44 -4.97
N ARG A 30 7.30 2.31 -4.37
CA ARG A 30 6.44 1.10 -4.29
C ARG A 30 6.45 0.50 -2.88
N GLY A 31 5.35 -0.18 -2.52
CA GLY A 31 5.28 -0.85 -1.23
C GLY A 31 4.33 -2.06 -1.22
N LEU A 32 4.02 -2.56 -0.03
CA LEU A 32 3.17 -3.76 0.11
C LEU A 32 2.01 -3.52 1.09
N LEU A 33 0.79 -3.73 0.61
CA LEU A 33 -0.42 -3.60 1.44
C LEU A 33 -0.82 -4.95 2.04
N ARG A 34 -0.95 -5.02 3.36
CA ARG A 34 -1.21 -6.28 4.07
C ARG A 34 -2.70 -6.41 4.45
N PRO A 35 -3.31 -7.61 4.25
CA PRO A 35 -4.76 -7.82 4.45
C PRO A 35 -5.26 -7.49 5.87
N ARG A 36 -4.49 -7.83 6.89
CA ARG A 36 -4.90 -7.58 8.28
C ARG A 36 -4.78 -6.08 8.65
N ASP A 37 -4.14 -5.30 7.77
CA ASP A 37 -4.09 -3.84 7.93
C ASP A 37 -5.19 -3.17 7.09
N MET A 38 -6.05 -3.99 6.50
CA MET A 38 -7.20 -3.51 5.72
C MET A 38 -8.44 -3.40 6.62
N ILE A 39 -9.31 -2.45 6.30
CA ILE A 39 -10.58 -2.27 7.04
C ILE A 39 -11.76 -2.88 6.27
N SER A 40 -11.99 -2.38 5.05
CA SER A 40 -13.15 -2.80 4.25
C SER A 40 -12.77 -3.70 3.07
N LEU A 41 -11.75 -3.30 2.31
CA LEU A 41 -11.37 -4.00 1.07
C LEU A 41 -10.55 -5.28 1.32
N ARG A 42 -11.05 -6.40 0.79
CA ARG A 42 -10.34 -7.69 0.82
C ARG A 42 -9.39 -7.83 -0.38
N LEU A 43 -8.26 -8.51 -0.21
CA LEU A 43 -7.35 -8.81 -1.33
C LEU A 43 -8.10 -9.49 -2.48
N GLU A 44 -9.07 -10.32 -2.11
CA GLU A 44 -9.93 -11.02 -3.07
C GLU A 44 -10.60 -10.05 -4.05
N ASN A 45 -10.87 -8.84 -3.59
CA ASN A 45 -11.60 -7.84 -4.39
C ASN A 45 -10.66 -6.81 -5.04
N LEU A 46 -9.36 -6.92 -4.75
CA LEU A 46 -8.38 -5.98 -5.30
C LEU A 46 -7.83 -6.46 -6.64
N ASN A 47 -7.82 -5.59 -7.64
CA ASN A 47 -7.31 -5.90 -8.97
C ASN A 47 -6.28 -4.86 -9.43
N VAL A 48 -5.61 -5.15 -10.54
CA VAL A 48 -4.63 -4.23 -11.12
C VAL A 48 -5.32 -2.94 -11.60
N GLY A 49 -4.96 -1.81 -11.00
CA GLY A 49 -5.56 -0.53 -11.35
C GLY A 49 -6.35 0.10 -10.21
N ASP A 50 -6.63 -0.67 -9.16
CA ASP A 50 -7.32 -0.14 -7.98
C ASP A 50 -6.48 0.94 -7.27
N GLU A 51 -6.95 2.18 -7.34
CA GLU A 51 -6.27 3.32 -6.69
C GLU A 51 -6.78 3.50 -5.25
N ILE A 52 -5.99 3.05 -4.29
CA ILE A 52 -6.39 3.07 -2.88
C ILE A 52 -5.58 4.09 -2.06
N ILE A 53 -6.25 4.80 -1.15
CA ILE A 53 -5.58 5.73 -0.24
C ILE A 53 -5.05 4.98 1.00
N VAL A 54 -3.73 4.85 1.09
CA VAL A 54 -3.09 4.05 2.14
C VAL A 54 -2.09 4.86 2.97
N GLN A 55 -1.94 4.50 4.25
CA GLN A 55 -0.94 5.11 5.11
C GLN A 55 0.30 4.21 5.22
N ALA A 56 1.47 4.77 5.00
CA ALA A 56 2.72 4.02 5.07
C ALA A 56 3.08 3.66 6.52
N ILE A 57 2.88 2.40 6.89
CA ILE A 57 3.18 1.93 8.27
C ILE A 57 4.68 2.09 8.59
N ASP A 58 5.52 1.40 7.83
CA ASP A 58 6.98 1.48 8.01
C ASP A 58 7.71 1.59 6.66
N VAL A 59 8.82 2.32 6.66
CA VAL A 59 9.68 2.46 5.48
C VAL A 59 11.04 1.81 5.74
N ARG A 60 11.30 0.67 5.09
CA ARG A 60 12.55 -0.08 5.30
C ARG A 60 13.57 0.25 4.19
N PRO A 61 14.53 1.15 4.46
CA PRO A 61 15.51 1.61 3.44
C PRO A 61 16.35 0.46 2.85
N GLU A 62 17.07 -0.26 3.71
CA GLU A 62 17.93 -1.37 3.27
C GLU A 62 17.11 -2.50 2.62
N LYS A 63 15.95 -2.81 3.22
CA LYS A 63 15.11 -3.90 2.71
C LYS A 63 14.28 -3.47 1.50
N ARG A 64 14.19 -2.14 1.27
CA ARG A 64 13.46 -1.58 0.13
C ARG A 64 11.95 -1.94 0.17
N GLU A 65 11.45 -2.17 1.39
CA GLU A 65 10.05 -2.53 1.61
C GLU A 65 9.29 -1.41 2.35
N ILE A 66 8.18 -0.95 1.79
CA ILE A 66 7.33 0.03 2.46
C ILE A 66 5.94 -0.58 2.75
N ASP A 67 5.59 -0.69 4.02
CA ASP A 67 4.32 -1.32 4.42
C ASP A 67 3.16 -0.31 4.36
N PHE A 68 2.01 -0.75 3.83
CA PHE A 68 0.84 0.12 3.71
C PHE A 68 -0.33 -0.38 4.57
N LYS A 69 -1.17 0.57 5.00
CA LYS A 69 -2.37 0.28 5.77
C LYS A 69 -3.60 0.95 5.13
N TYR A 70 -4.76 0.30 5.20
CA TYR A 70 -5.98 0.83 4.59
C TYR A 70 -6.72 1.76 5.55
N ILE A 71 -6.85 3.03 5.18
CA ILE A 71 -7.55 4.03 5.98
C ILE A 71 -8.87 4.45 5.32
N PRO A 72 -9.99 4.48 6.06
CA PRO A 72 -11.30 4.93 5.55
C PRO A 72 -11.34 6.45 5.31
N LEU A 73 -10.58 6.91 4.33
CA LEU A 73 -10.51 8.34 4.00
C LEU A 73 -11.38 8.65 2.78
N GLU A 74 -12.44 9.42 2.99
CA GLU A 74 -13.36 9.81 1.91
C GLU A 74 -13.37 11.34 1.67
N MET A 1 9.56 12.87 -4.98
CA MET A 1 8.61 12.40 -3.95
C MET A 1 9.24 11.34 -3.04
N ASP A 2 9.02 11.46 -1.74
CA ASP A 2 9.51 10.48 -0.77
C ASP A 2 8.47 10.29 0.36
N VAL A 3 8.52 9.16 1.04
CA VAL A 3 7.51 8.82 2.06
C VAL A 3 8.11 8.72 3.47
N GLU A 4 7.42 9.29 4.45
CA GLU A 4 7.78 9.17 5.88
C GLU A 4 6.88 8.12 6.56
N PRO A 5 7.38 7.41 7.59
CA PRO A 5 6.59 6.40 8.31
C PRO A 5 5.36 7.01 9.04
N GLY A 6 4.22 7.00 8.36
CA GLY A 6 3.00 7.57 8.93
C GLY A 6 2.30 8.56 8.02
N LYS A 7 2.75 8.66 6.76
CA LYS A 7 2.17 9.60 5.79
C LYS A 7 0.96 9.01 5.05
N PHE A 8 -0.04 9.86 4.81
CA PHE A 8 -1.24 9.49 4.06
C PHE A 8 -1.02 9.69 2.55
N TYR A 9 -1.24 8.64 1.76
CA TYR A 9 -1.10 8.74 0.29
C TYR A 9 -2.14 7.88 -0.44
N LYS A 10 -2.30 8.16 -1.74
CA LYS A 10 -3.13 7.35 -2.63
C LYS A 10 -2.24 6.72 -3.72
N GLY A 11 -2.33 5.40 -3.86
CA GLY A 11 -1.50 4.70 -4.85
C GLY A 11 -2.29 3.71 -5.70
N VAL A 12 -1.64 3.18 -6.73
CA VAL A 12 -2.30 2.24 -7.64
C VAL A 12 -1.74 0.81 -7.46
N VAL A 13 -2.64 -0.18 -7.48
CA VAL A 13 -2.25 -1.59 -7.33
C VAL A 13 -1.58 -2.13 -8.60
N THR A 14 -0.34 -2.62 -8.46
CA THR A 14 0.40 -3.18 -9.60
C THR A 14 0.06 -4.66 -9.83
N ARG A 15 0.13 -5.46 -8.77
CA ARG A 15 -0.25 -6.88 -8.86
C ARG A 15 -0.74 -7.40 -7.49
N ILE A 16 -1.54 -8.45 -7.52
CA ILE A 16 -2.10 -9.05 -6.29
C ILE A 16 -1.30 -10.27 -5.82
N GLU A 17 -0.70 -10.16 -4.64
CA GLU A 17 0.03 -11.28 -4.02
C GLU A 17 -0.88 -12.04 -3.04
N LYS A 18 -0.51 -13.28 -2.72
CA LYS A 18 -1.29 -14.07 -1.77
C LYS A 18 -0.92 -13.73 -0.31
N TYR A 19 -0.06 -12.74 -0.14
CA TYR A 19 0.31 -12.21 1.18
C TYR A 19 0.14 -10.68 1.24
N GLY A 20 -0.51 -10.12 0.22
CA GLY A 20 -0.71 -8.67 0.14
C GLY A 20 -0.78 -8.17 -1.30
N ALA A 21 -0.69 -6.86 -1.49
CA ALA A 21 -0.66 -6.28 -2.84
C ALA A 21 0.40 -5.16 -2.94
N PHE A 22 1.22 -5.21 -3.98
CA PHE A 22 2.24 -4.18 -4.21
C PHE A 22 1.63 -2.92 -4.84
N ILE A 23 1.64 -1.83 -4.10
CA ILE A 23 1.05 -0.56 -4.55
C ILE A 23 2.13 0.52 -4.79
N ASN A 24 2.00 1.26 -5.88
CA ASN A 24 2.91 2.38 -6.17
C ASN A 24 2.28 3.73 -5.79
N LEU A 25 2.93 4.43 -4.85
CA LEU A 25 2.55 5.82 -4.54
C LEU A 25 3.23 6.76 -5.54
N ASN A 26 4.27 6.25 -6.19
CA ASN A 26 5.02 6.95 -7.24
C ASN A 26 5.82 5.91 -8.05
N GLU A 27 6.25 6.29 -9.24
CA GLU A 27 7.05 5.38 -10.11
C GLU A 27 8.15 4.64 -9.31
N GLN A 28 8.82 5.36 -8.41
CA GLN A 28 9.88 4.78 -7.58
C GLN A 28 9.35 4.18 -6.26
N VAL A 29 8.30 4.78 -5.71
CA VAL A 29 7.78 4.36 -4.40
C VAL A 29 6.82 3.16 -4.49
N ARG A 30 7.31 1.98 -4.12
CA ARG A 30 6.49 0.75 -4.13
C ARG A 30 6.50 0.06 -2.75
N GLY A 31 5.31 -0.25 -2.24
CA GLY A 31 5.21 -0.91 -0.93
C GLY A 31 4.24 -2.09 -0.94
N LEU A 32 4.07 -2.73 0.21
CA LEU A 32 3.22 -3.91 0.34
C LEU A 32 2.01 -3.65 1.25
N LEU A 33 0.81 -3.78 0.69
CA LEU A 33 -0.43 -3.68 1.46
C LEU A 33 -0.91 -5.07 1.89
N ARG A 34 -0.91 -5.34 3.19
CA ARG A 34 -1.25 -6.67 3.72
C ARG A 34 -2.71 -6.76 4.18
N PRO A 35 -3.36 -7.93 3.99
CA PRO A 35 -4.79 -8.12 4.32
C PRO A 35 -5.12 -7.86 5.80
N ARG A 36 -4.11 -7.98 6.66
CA ARG A 36 -4.31 -7.76 8.11
C ARG A 36 -4.35 -6.27 8.45
N ASP A 37 -3.65 -5.46 7.66
CA ASP A 37 -3.60 -4.01 7.87
C ASP A 37 -4.74 -3.28 7.13
N MET A 38 -5.74 -4.05 6.68
CA MET A 38 -6.90 -3.50 5.95
C MET A 38 -8.10 -3.26 6.88
N ILE A 39 -8.90 -2.24 6.57
CA ILE A 39 -10.11 -1.93 7.34
C ILE A 39 -11.37 -2.56 6.71
N SER A 40 -11.54 -2.40 5.39
CA SER A 40 -12.74 -2.90 4.69
C SER A 40 -12.39 -3.78 3.48
N LEU A 41 -11.41 -3.37 2.69
CA LEU A 41 -11.07 -4.06 1.44
C LEU A 41 -10.21 -5.33 1.69
N ARG A 42 -10.66 -6.45 1.14
CA ARG A 42 -9.89 -7.70 1.15
C ARG A 42 -9.14 -7.89 -0.19
N LEU A 43 -8.03 -8.62 -0.17
CA LEU A 43 -7.25 -8.89 -1.39
C LEU A 43 -8.14 -9.51 -2.48
N GLU A 44 -9.09 -10.32 -2.03
CA GLU A 44 -10.04 -11.02 -2.90
C GLU A 44 -10.85 -10.06 -3.78
N ASN A 45 -10.91 -8.78 -3.38
CA ASN A 45 -11.72 -7.78 -4.08
C ASN A 45 -10.84 -6.67 -4.71
N LEU A 46 -9.53 -6.87 -4.70
CA LEU A 46 -8.59 -5.88 -5.28
C LEU A 46 -8.14 -6.30 -6.68
N ASN A 47 -8.10 -5.35 -7.62
CA ASN A 47 -7.70 -5.64 -9.00
C ASN A 47 -6.50 -4.78 -9.41
N VAL A 48 -5.76 -5.23 -10.43
CA VAL A 48 -4.66 -4.45 -10.99
C VAL A 48 -5.17 -3.15 -11.64
N GLY A 49 -4.63 -2.01 -11.20
CA GLY A 49 -5.04 -0.73 -11.76
C GLY A 49 -5.97 0.07 -10.86
N ASP A 50 -6.38 -0.50 -9.73
CA ASP A 50 -7.25 0.23 -8.79
C ASP A 50 -6.45 1.20 -7.90
N GLU A 51 -6.98 2.41 -7.72
CA GLU A 51 -6.36 3.40 -6.83
C GLU A 51 -6.86 3.24 -5.39
N ILE A 52 -5.98 2.80 -4.50
CA ILE A 52 -6.32 2.61 -3.08
C ILE A 52 -5.62 3.63 -2.18
N ILE A 53 -6.35 4.20 -1.22
CA ILE A 53 -5.80 5.16 -0.26
C ILE A 53 -5.16 4.44 0.94
N VAL A 54 -3.84 4.53 1.05
CA VAL A 54 -3.11 3.80 2.09
C VAL A 54 -2.14 4.70 2.88
N GLN A 55 -1.98 4.41 4.16
CA GLN A 55 -0.99 5.07 5.01
C GLN A 55 0.25 4.20 5.17
N ALA A 56 1.42 4.77 4.91
CA ALA A 56 2.69 4.04 5.04
C ALA A 56 3.09 3.89 6.52
N ILE A 57 2.89 2.69 7.08
CA ILE A 57 3.21 2.41 8.48
C ILE A 57 4.70 2.66 8.78
N ASP A 58 5.57 1.96 8.04
CA ASP A 58 7.02 2.13 8.15
C ASP A 58 7.70 2.05 6.78
N VAL A 59 8.87 2.68 6.67
CA VAL A 59 9.66 2.65 5.45
C VAL A 59 10.98 1.92 5.70
N ARG A 60 11.20 0.80 5.00
CA ARG A 60 12.41 -0.02 5.21
C ARG A 60 13.36 0.08 4.01
N PRO A 61 14.39 0.95 4.07
CA PRO A 61 15.35 1.13 2.95
C PRO A 61 16.19 -0.13 2.69
N GLU A 62 16.73 -0.69 3.77
CA GLU A 62 17.54 -1.92 3.71
C GLU A 62 16.79 -3.07 2.98
N LYS A 63 15.49 -3.16 3.20
CA LYS A 63 14.67 -4.21 2.57
C LYS A 63 13.98 -3.69 1.29
N ARG A 64 14.03 -2.38 1.08
CA ARG A 64 13.33 -1.71 -0.03
C ARG A 64 11.80 -1.88 0.07
N GLU A 65 11.32 -2.24 1.26
CA GLU A 65 9.90 -2.51 1.48
C GLU A 65 9.23 -1.42 2.33
N ILE A 66 8.08 -0.93 1.89
CA ILE A 66 7.28 0.02 2.66
C ILE A 66 5.97 -0.65 3.12
N ASP A 67 5.63 -0.49 4.39
CA ASP A 67 4.41 -1.11 4.94
C ASP A 67 3.19 -0.22 4.68
N PHE A 68 2.16 -0.78 4.05
CA PHE A 68 0.92 -0.04 3.78
C PHE A 68 -0.26 -0.50 4.65
N LYS A 69 -1.05 0.45 5.09
CA LYS A 69 -2.27 0.19 5.86
C LYS A 69 -3.47 0.89 5.19
N TYR A 70 -4.65 0.30 5.26
CA TYR A 70 -5.82 0.91 4.64
C TYR A 70 -6.51 1.88 5.62
N ILE A 71 -6.85 3.07 5.12
CA ILE A 71 -7.49 4.10 5.94
C ILE A 71 -8.80 4.59 5.31
N PRO A 72 -9.85 4.82 6.13
CA PRO A 72 -11.17 5.28 5.66
C PRO A 72 -11.20 6.77 5.23
N LEU A 73 -10.14 7.21 4.55
CA LEU A 73 -10.06 8.59 4.05
C LEU A 73 -10.97 8.77 2.83
N GLU A 74 -11.84 9.77 2.87
CA GLU A 74 -12.81 10.00 1.78
C GLU A 74 -12.71 11.44 1.21
N MET A 1 9.76 14.63 -3.39
CA MET A 1 8.83 13.62 -2.78
C MET A 1 9.59 12.62 -1.90
N ASP A 2 9.56 12.82 -0.59
CA ASP A 2 10.16 11.87 0.36
C ASP A 2 9.08 11.21 1.23
N VAL A 3 9.07 9.88 1.27
CA VAL A 3 8.04 9.13 2.01
C VAL A 3 8.45 8.89 3.47
N GLU A 4 7.57 9.25 4.40
CA GLU A 4 7.81 9.07 5.83
C GLU A 4 6.83 8.07 6.45
N PRO A 5 7.31 7.19 7.35
CA PRO A 5 6.46 6.18 8.00
C PRO A 5 5.33 6.80 8.86
N GLY A 6 4.14 6.94 8.27
CA GLY A 6 3.01 7.52 8.98
C GLY A 6 2.19 8.48 8.11
N LYS A 7 2.73 8.86 6.96
CA LYS A 7 2.07 9.82 6.06
C LYS A 7 0.94 9.17 5.22
N PHE A 8 -0.07 9.96 4.88
CA PHE A 8 -1.21 9.50 4.08
C PHE A 8 -0.97 9.75 2.58
N TYR A 9 -1.19 8.73 1.74
CA TYR A 9 -1.02 8.85 0.28
C TYR A 9 -2.14 8.12 -0.49
N LYS A 10 -2.26 8.41 -1.78
CA LYS A 10 -3.09 7.61 -2.69
C LYS A 10 -2.21 6.79 -3.64
N GLY A 11 -2.37 5.48 -3.63
CA GLY A 11 -1.58 4.62 -4.50
C GLY A 11 -2.43 3.70 -5.36
N VAL A 12 -1.80 3.10 -6.37
CA VAL A 12 -2.51 2.18 -7.29
C VAL A 12 -2.02 0.73 -7.12
N VAL A 13 -2.97 -0.21 -7.06
CA VAL A 13 -2.65 -1.63 -6.95
C VAL A 13 -2.01 -2.16 -8.24
N THR A 14 -0.79 -2.70 -8.11
CA THR A 14 -0.03 -3.19 -9.27
C THR A 14 -0.14 -4.71 -9.45
N ARG A 15 0.01 -5.46 -8.37
CA ARG A 15 -0.11 -6.92 -8.43
C ARG A 15 -0.70 -7.51 -7.13
N ILE A 16 -1.51 -8.55 -7.28
CA ILE A 16 -2.13 -9.22 -6.15
C ILE A 16 -1.32 -10.46 -5.72
N GLU A 17 -0.76 -10.41 -4.52
CA GLU A 17 -0.03 -11.55 -3.95
C GLU A 17 -0.82 -12.20 -2.81
N LYS A 18 -0.57 -13.49 -2.57
CA LYS A 18 -1.26 -14.23 -1.51
C LYS A 18 -0.87 -13.72 -0.11
N TYR A 19 0.07 -12.79 -0.05
CA TYR A 19 0.51 -12.19 1.21
C TYR A 19 0.35 -10.66 1.19
N GLY A 20 -0.43 -10.16 0.23
CA GLY A 20 -0.68 -8.72 0.13
C GLY A 20 -0.64 -8.19 -1.31
N ALA A 21 -1.12 -6.97 -1.51
CA ALA A 21 -1.09 -6.35 -2.84
C ALA A 21 -0.04 -5.24 -2.92
N PHE A 22 0.85 -5.32 -3.91
CA PHE A 22 1.89 -4.29 -4.09
C PHE A 22 1.31 -3.02 -4.74
N ILE A 23 1.65 -1.86 -4.18
CA ILE A 23 1.05 -0.59 -4.60
C ILE A 23 2.11 0.46 -4.98
N ASN A 24 1.86 1.21 -6.05
CA ASN A 24 2.71 2.35 -6.44
C ASN A 24 2.13 3.68 -5.96
N LEU A 25 2.90 4.43 -5.18
CA LEU A 25 2.56 5.83 -4.88
C LEU A 25 3.12 6.74 -5.98
N ASN A 26 4.26 6.33 -6.50
CA ASN A 26 4.97 7.02 -7.58
C ASN A 26 5.91 6.03 -8.28
N GLU A 27 6.38 6.36 -9.47
CA GLU A 27 7.27 5.47 -10.24
C GLU A 27 8.39 4.85 -9.36
N GLN A 28 9.10 5.70 -8.62
CA GLN A 28 10.23 5.26 -7.78
C GLN A 28 9.77 4.72 -6.41
N VAL A 29 8.47 4.77 -6.12
CA VAL A 29 7.93 4.36 -4.81
C VAL A 29 6.90 3.23 -4.93
N ARG A 30 7.32 2.01 -4.57
CA ARG A 30 6.42 0.83 -4.62
C ARG A 30 6.51 0.04 -3.30
N GLY A 31 5.36 -0.26 -2.69
CA GLY A 31 5.34 -0.98 -1.42
C GLY A 31 4.33 -2.11 -1.39
N LEU A 32 3.99 -2.58 -0.18
CA LEU A 32 3.10 -3.75 -0.01
C LEU A 32 1.94 -3.45 0.96
N LEU A 33 0.73 -3.82 0.55
CA LEU A 33 -0.47 -3.70 1.40
C LEU A 33 -0.96 -5.10 1.80
N ARG A 34 -0.88 -5.42 3.09
CA ARG A 34 -1.19 -6.77 3.59
C ARG A 34 -2.64 -6.90 4.10
N PRO A 35 -3.22 -8.13 4.07
CA PRO A 35 -4.62 -8.37 4.48
C PRO A 35 -4.90 -7.97 5.94
N ARG A 36 -3.90 -8.14 6.83
CA ARG A 36 -4.05 -7.74 8.23
C ARG A 36 -4.11 -6.21 8.38
N ASP A 37 -3.54 -5.49 7.41
CA ASP A 37 -3.57 -4.03 7.40
C ASP A 37 -4.79 -3.48 6.62
N MET A 38 -5.67 -4.39 6.19
CA MET A 38 -6.88 -4.02 5.46
C MET A 38 -8.09 -3.87 6.41
N ILE A 39 -8.95 -2.88 6.14
CA ILE A 39 -10.16 -2.67 6.96
C ILE A 39 -11.43 -3.15 6.23
N SER A 40 -11.94 -2.33 5.31
CA SER A 40 -13.17 -2.67 4.57
C SER A 40 -12.88 -3.66 3.44
N LEU A 41 -11.95 -3.30 2.56
CA LEU A 41 -11.56 -4.16 1.43
C LEU A 41 -10.59 -5.27 1.85
N ARG A 42 -10.76 -6.45 1.28
CA ARG A 42 -9.81 -7.56 1.45
C ARG A 42 -9.14 -7.90 0.12
N LEU A 43 -8.02 -8.63 0.16
CA LEU A 43 -7.29 -9.03 -1.07
C LEU A 43 -8.24 -9.66 -2.09
N GLU A 44 -9.29 -10.32 -1.59
CA GLU A 44 -10.26 -11.04 -2.42
C GLU A 44 -10.89 -10.14 -3.50
N ASN A 45 -11.07 -8.86 -3.20
CA ASN A 45 -11.82 -7.94 -4.08
C ASN A 45 -10.93 -6.87 -4.72
N LEU A 46 -9.61 -7.02 -4.62
CA LEU A 46 -8.68 -6.02 -5.14
C LEU A 46 -8.26 -6.34 -6.59
N ASN A 47 -8.22 -5.31 -7.44
CA ASN A 47 -7.88 -5.49 -8.86
C ASN A 47 -6.69 -4.61 -9.28
N VAL A 48 -5.90 -5.08 -10.24
CA VAL A 48 -4.75 -4.35 -10.76
C VAL A 48 -5.22 -3.09 -11.50
N GLY A 49 -4.91 -1.91 -10.94
CA GLY A 49 -5.35 -0.65 -11.51
C GLY A 49 -6.31 0.14 -10.60
N ASP A 50 -6.74 -0.49 -9.50
CA ASP A 50 -7.57 0.22 -8.51
C ASP A 50 -6.72 1.19 -7.66
N GLU A 51 -6.98 2.49 -7.80
CA GLU A 51 -6.30 3.51 -6.99
C GLU A 51 -6.99 3.69 -5.63
N ILE A 52 -6.28 3.39 -4.56
CA ILE A 52 -6.84 3.46 -3.19
C ILE A 52 -5.99 4.38 -2.29
N ILE A 53 -6.64 5.04 -1.33
CA ILE A 53 -5.93 5.87 -0.36
C ILE A 53 -5.36 5.02 0.79
N VAL A 54 -4.03 4.93 0.85
CA VAL A 54 -3.35 4.10 1.85
C VAL A 54 -2.32 4.90 2.65
N GLN A 55 -2.14 4.53 3.92
CA GLN A 55 -1.17 5.18 4.80
C GLN A 55 0.13 4.39 4.87
N ALA A 56 1.26 5.05 4.63
CA ALA A 56 2.57 4.41 4.69
C ALA A 56 2.95 4.06 6.13
N ILE A 57 2.99 2.77 6.46
CA ILE A 57 3.27 2.32 7.82
C ILE A 57 4.76 2.44 8.16
N ASP A 58 5.58 1.63 7.48
CA ASP A 58 7.04 1.62 7.71
C ASP A 58 7.83 1.75 6.40
N VAL A 59 8.97 2.42 6.46
CA VAL A 59 9.88 2.55 5.31
C VAL A 59 11.26 1.97 5.64
N ARG A 60 11.56 0.78 5.11
CA ARG A 60 12.78 0.06 5.45
C ARG A 60 13.78 0.10 4.28
N PRO A 61 14.80 0.98 4.34
CA PRO A 61 15.81 1.11 3.27
C PRO A 61 16.67 -0.14 3.11
N GLU A 62 17.28 -0.59 4.20
CA GLU A 62 18.14 -1.79 4.20
C GLU A 62 17.37 -3.05 3.74
N LYS A 63 16.08 -3.11 4.06
CA LYS A 63 15.25 -4.26 3.73
C LYS A 63 14.55 -4.09 2.37
N ARG A 64 14.53 -2.86 1.86
CA ARG A 64 13.84 -2.54 0.59
C ARG A 64 12.34 -2.80 0.69
N GLU A 65 11.78 -2.59 1.89
CA GLU A 65 10.34 -2.82 2.13
C GLU A 65 9.63 -1.51 2.51
N ILE A 66 8.44 -1.31 1.94
CA ILE A 66 7.59 -0.17 2.30
C ILE A 66 6.14 -0.64 2.56
N ASP A 67 5.71 -0.61 3.81
CA ASP A 67 4.39 -1.13 4.18
C ASP A 67 3.28 -0.08 4.02
N PHE A 68 2.10 -0.52 3.57
CA PHE A 68 0.93 0.34 3.47
C PHE A 68 -0.24 -0.21 4.30
N LYS A 69 -1.10 0.68 4.76
CA LYS A 69 -2.30 0.28 5.51
C LYS A 69 -3.57 0.84 4.86
N TYR A 70 -4.63 0.05 4.86
CA TYR A 70 -5.92 0.48 4.31
C TYR A 70 -6.72 1.21 5.39
N ILE A 71 -7.22 2.39 5.07
CA ILE A 71 -7.93 3.22 6.06
C ILE A 71 -9.25 3.78 5.50
N PRO A 72 -10.27 3.91 6.36
CA PRO A 72 -11.50 4.62 6.02
C PRO A 72 -11.34 6.14 6.23
N LEU A 73 -11.16 6.88 5.13
CA LEU A 73 -10.88 8.31 5.20
C LEU A 73 -12.01 9.09 5.89
N GLU A 74 -11.67 9.80 6.96
CA GLU A 74 -12.63 10.66 7.67
C GLU A 74 -12.38 12.16 7.37
N MET A 1 8.90 13.02 -4.84
CA MET A 1 8.25 12.70 -3.54
C MET A 1 8.95 11.53 -2.82
N ASP A 2 9.53 11.81 -1.65
CA ASP A 2 10.09 10.75 -0.80
C ASP A 2 9.11 10.48 0.37
N VAL A 3 8.86 9.21 0.66
CA VAL A 3 7.82 8.82 1.62
C VAL A 3 8.37 8.60 3.04
N GLU A 4 7.78 9.29 4.00
CA GLU A 4 8.11 9.12 5.42
C GLU A 4 7.11 8.15 6.10
N PRO A 5 7.52 7.49 7.21
CA PRO A 5 6.63 6.60 7.98
C PRO A 5 5.42 7.34 8.58
N GLY A 6 4.31 6.62 8.73
CA GLY A 6 3.10 7.19 9.34
C GLY A 6 2.40 8.25 8.49
N LYS A 7 2.69 8.29 7.20
CA LYS A 7 2.14 9.32 6.30
C LYS A 7 1.04 8.76 5.37
N PHE A 8 0.10 9.64 5.02
CA PHE A 8 -1.05 9.27 4.18
C PHE A 8 -0.75 9.49 2.69
N TYR A 9 -1.02 8.49 1.85
CA TYR A 9 -0.79 8.60 0.39
C TYR A 9 -1.80 7.80 -0.45
N LYS A 10 -2.12 8.35 -1.62
CA LYS A 10 -2.90 7.62 -2.64
C LYS A 10 -1.97 6.72 -3.48
N GLY A 11 -2.37 5.47 -3.66
CA GLY A 11 -1.59 4.55 -4.47
C GLY A 11 -2.44 3.74 -5.46
N VAL A 12 -1.78 2.94 -6.29
CA VAL A 12 -2.47 2.09 -7.26
C VAL A 12 -1.90 0.66 -7.28
N VAL A 13 -2.78 -0.33 -7.35
CA VAL A 13 -2.38 -1.74 -7.31
C VAL A 13 -1.74 -2.22 -8.65
N THR A 14 -0.58 -2.88 -8.55
CA THR A 14 0.12 -3.41 -9.72
C THR A 14 -0.03 -4.93 -9.85
N ARG A 15 0.05 -5.65 -8.73
CA ARG A 15 -0.17 -7.10 -8.71
C ARG A 15 -0.64 -7.57 -7.32
N ILE A 16 -1.55 -8.55 -7.31
CA ILE A 16 -2.12 -9.09 -6.07
C ILE A 16 -1.42 -10.39 -5.65
N GLU A 17 -0.69 -10.34 -4.54
CA GLU A 17 -0.08 -11.54 -3.96
C GLU A 17 -0.93 -12.09 -2.81
N LYS A 18 -0.82 -13.38 -2.55
CA LYS A 18 -1.60 -14.04 -1.50
C LYS A 18 -1.19 -13.58 -0.08
N TYR A 19 -0.12 -12.78 -0.01
CA TYR A 19 0.37 -12.24 1.26
C TYR A 19 0.38 -10.70 1.26
N GLY A 20 -0.19 -10.10 0.21
CA GLY A 20 -0.24 -8.65 0.12
C GLY A 20 -0.35 -8.13 -1.31
N ALA A 21 -0.78 -6.88 -1.46
CA ALA A 21 -0.90 -6.25 -2.78
C ALA A 21 0.20 -5.20 -3.00
N PHE A 22 0.96 -5.33 -4.09
CA PHE A 22 2.00 -4.34 -4.42
C PHE A 22 1.39 -3.07 -5.01
N ILE A 23 1.62 -1.95 -4.34
CA ILE A 23 1.00 -0.67 -4.71
C ILE A 23 2.06 0.43 -4.94
N ASN A 24 1.95 1.14 -6.06
CA ASN A 24 2.85 2.26 -6.36
C ASN A 24 2.27 3.59 -5.85
N LEU A 25 3.04 4.30 -5.02
CA LEU A 25 2.67 5.66 -4.60
C LEU A 25 3.23 6.70 -5.57
N ASN A 26 4.37 6.36 -6.18
CA ASN A 26 5.09 7.25 -7.08
C ASN A 26 5.87 6.44 -8.13
N GLU A 27 6.33 7.13 -9.18
CA GLU A 27 7.16 6.52 -10.23
C GLU A 27 8.26 5.60 -9.67
N GLN A 28 8.92 6.02 -8.58
CA GLN A 28 10.00 5.23 -7.98
C GLN A 28 9.62 4.63 -6.61
N VAL A 29 8.37 4.80 -6.18
CA VAL A 29 7.96 4.34 -4.84
C VAL A 29 6.92 3.21 -4.91
N ARG A 30 7.39 1.98 -4.70
CA ARG A 30 6.52 0.80 -4.61
C ARG A 30 6.45 0.27 -3.17
N GLY A 31 5.28 -0.22 -2.75
CA GLY A 31 5.12 -0.77 -1.41
C GLY A 31 4.22 -2.00 -1.36
N LEU A 32 3.92 -2.49 -0.16
CA LEU A 32 3.12 -3.71 0.01
C LEU A 32 1.95 -3.49 1.02
N LEU A 33 0.73 -3.71 0.55
CA LEU A 33 -0.47 -3.61 1.40
C LEU A 33 -0.88 -5.00 1.92
N ARG A 34 -0.83 -5.19 3.24
CA ARG A 34 -1.03 -6.52 3.85
C ARG A 34 -2.49 -6.75 4.31
N PRO A 35 -2.96 -8.02 4.23
CA PRO A 35 -4.37 -8.39 4.55
C PRO A 35 -4.87 -7.91 5.93
N ARG A 36 -4.07 -8.16 6.98
CA ARG A 36 -4.48 -7.83 8.36
C ARG A 36 -4.70 -6.31 8.55
N ASP A 37 -4.00 -5.49 7.78
CA ASP A 37 -4.10 -4.03 7.91
C ASP A 37 -5.17 -3.44 6.97
N MET A 38 -6.00 -4.31 6.40
CA MET A 38 -7.12 -3.87 5.57
C MET A 38 -8.40 -3.66 6.41
N ILE A 39 -9.20 -2.66 6.05
CA ILE A 39 -10.46 -2.37 6.77
C ILE A 39 -11.70 -2.72 5.93
N SER A 40 -12.04 -1.84 4.97
CA SER A 40 -13.21 -2.04 4.11
C SER A 40 -12.91 -3.02 2.96
N LEU A 41 -11.79 -2.80 2.28
CA LEU A 41 -11.38 -3.65 1.15
C LEU A 41 -10.49 -4.82 1.62
N ARG A 42 -10.69 -5.99 1.01
CA ARG A 42 -9.79 -7.13 1.21
C ARG A 42 -9.09 -7.50 -0.11
N LEU A 43 -7.95 -8.18 -0.03
CA LEU A 43 -7.18 -8.54 -1.24
C LEU A 43 -8.03 -9.32 -2.24
N GLU A 44 -9.03 -10.03 -1.73
CA GLU A 44 -9.95 -10.80 -2.56
C GLU A 44 -10.70 -9.91 -3.56
N ASN A 45 -10.98 -8.67 -3.15
CA ASN A 45 -11.77 -7.74 -3.96
C ASN A 45 -10.89 -6.76 -4.75
N LEU A 46 -9.57 -6.83 -4.54
CA LEU A 46 -8.65 -5.90 -5.20
C LEU A 46 -8.17 -6.44 -6.55
N ASN A 47 -8.06 -5.56 -7.53
CA ASN A 47 -7.59 -5.92 -8.88
C ASN A 47 -6.44 -5.02 -9.34
N VAL A 48 -5.72 -5.44 -10.36
CA VAL A 48 -4.60 -4.67 -10.91
C VAL A 48 -5.08 -3.38 -11.58
N GLY A 49 -4.73 -2.23 -11.00
CA GLY A 49 -5.11 -0.95 -11.56
C GLY A 49 -6.06 -0.14 -10.69
N ASP A 50 -6.49 -0.70 -9.56
CA ASP A 50 -7.37 0.00 -8.64
C ASP A 50 -6.60 0.99 -7.74
N GLU A 51 -7.17 2.18 -7.57
CA GLU A 51 -6.60 3.17 -6.65
C GLU A 51 -7.04 2.89 -5.20
N ILE A 52 -6.11 3.00 -4.26
CA ILE A 52 -6.40 2.78 -2.85
C ILE A 52 -5.69 3.81 -1.96
N ILE A 53 -6.41 4.37 -0.99
CA ILE A 53 -5.83 5.30 -0.02
C ILE A 53 -5.17 4.53 1.14
N VAL A 54 -3.84 4.58 1.21
CA VAL A 54 -3.09 3.81 2.22
C VAL A 54 -2.16 4.71 3.04
N GLN A 55 -1.93 4.33 4.30
CA GLN A 55 -0.94 4.99 5.14
C GLN A 55 0.33 4.14 5.21
N ALA A 56 1.48 4.75 4.92
CA ALA A 56 2.76 4.04 4.98
C ALA A 56 3.14 3.70 6.42
N ILE A 57 2.91 2.44 6.81
CA ILE A 57 3.24 1.97 8.16
C ILE A 57 4.74 2.15 8.45
N ASP A 58 5.57 1.36 7.76
CA ASP A 58 7.02 1.42 7.93
C ASP A 58 7.72 1.59 6.58
N VAL A 59 8.60 2.59 6.50
CA VAL A 59 9.46 2.78 5.33
C VAL A 59 10.86 2.26 5.64
N ARG A 60 11.20 1.09 5.09
CA ARG A 60 12.45 0.42 5.42
C ARG A 60 13.40 0.34 4.23
N PRO A 61 14.37 1.27 4.13
CA PRO A 61 15.39 1.24 3.08
C PRO A 61 16.35 0.05 3.23
N GLU A 62 16.41 -0.50 4.45
CA GLU A 62 17.21 -1.70 4.74
C GLU A 62 16.82 -2.87 3.81
N LYS A 63 15.54 -2.97 3.50
CA LYS A 63 15.01 -4.02 2.63
C LYS A 63 14.34 -3.40 1.39
N ARG A 64 14.32 -2.07 1.32
CA ARG A 64 13.62 -1.34 0.24
C ARG A 64 12.11 -1.63 0.28
N GLU A 65 11.62 -2.01 1.45
CA GLU A 65 10.21 -2.42 1.62
C GLU A 65 9.41 -1.38 2.41
N ILE A 66 8.25 -0.99 1.87
CA ILE A 66 7.34 -0.06 2.56
C ILE A 66 5.98 -0.73 2.83
N ASP A 67 5.61 -0.87 4.09
CA ASP A 67 4.35 -1.50 4.48
C ASP A 67 3.19 -0.49 4.44
N PHE A 68 2.05 -0.92 3.89
CA PHE A 68 0.87 -0.05 3.80
C PHE A 68 -0.29 -0.54 4.69
N LYS A 69 -1.11 0.39 5.15
CA LYS A 69 -2.32 0.09 5.90
C LYS A 69 -3.53 0.76 5.23
N TYR A 70 -4.68 0.08 5.23
CA TYR A 70 -5.89 0.62 4.60
C TYR A 70 -6.68 1.48 5.60
N ILE A 71 -7.01 2.70 5.18
CA ILE A 71 -7.74 3.64 6.04
C ILE A 71 -8.91 4.29 5.29
N PRO A 72 -9.98 4.68 6.00
CA PRO A 72 -11.13 5.38 5.39
C PRO A 72 -10.87 6.89 5.23
N LEU A 73 -11.55 7.51 4.26
CA LEU A 73 -11.40 8.95 4.00
C LEU A 73 -12.19 9.76 5.04
N GLU A 74 -11.47 10.42 5.95
CA GLU A 74 -12.09 11.23 7.00
C GLU A 74 -11.84 12.74 6.77
N MET A 1 9.15 12.98 -4.95
CA MET A 1 8.20 12.44 -3.93
C MET A 1 8.78 11.20 -3.23
N ASP A 2 9.18 11.37 -1.96
CA ASP A 2 9.63 10.24 -1.14
C ASP A 2 8.76 10.12 0.11
N VAL A 3 8.59 8.90 0.62
CA VAL A 3 7.63 8.62 1.69
C VAL A 3 8.30 8.35 3.04
N GLU A 4 7.77 8.99 4.08
CA GLU A 4 8.20 8.77 5.47
C GLU A 4 7.17 7.92 6.23
N PRO A 5 7.56 7.31 7.37
CA PRO A 5 6.60 6.57 8.23
C PRO A 5 5.51 7.48 8.83
N GLY A 6 4.26 7.01 8.80
CA GLY A 6 3.13 7.79 9.32
C GLY A 6 2.42 8.63 8.24
N LYS A 7 2.96 8.66 7.03
CA LYS A 7 2.42 9.50 5.95
C LYS A 7 1.15 8.90 5.28
N PHE A 8 0.30 9.78 4.78
CA PHE A 8 -0.94 9.39 4.09
C PHE A 8 -0.83 9.59 2.56
N TYR A 9 -1.00 8.52 1.78
CA TYR A 9 -0.92 8.62 0.31
C TYR A 9 -1.86 7.62 -0.40
N LYS A 10 -2.37 8.02 -1.57
CA LYS A 10 -3.10 7.09 -2.45
C LYS A 10 -2.16 6.49 -3.50
N GLY A 11 -2.11 5.17 -3.56
CA GLY A 11 -1.27 4.49 -4.54
C GLY A 11 -2.06 3.56 -5.45
N VAL A 12 -1.39 2.97 -6.43
CA VAL A 12 -2.04 2.06 -7.37
C VAL A 12 -1.59 0.60 -7.17
N VAL A 13 -2.55 -0.32 -7.18
CA VAL A 13 -2.26 -1.75 -7.04
C VAL A 13 -1.64 -2.33 -8.32
N THR A 14 -0.43 -2.86 -8.22
CA THR A 14 0.27 -3.43 -9.38
C THR A 14 0.03 -4.94 -9.50
N ARG A 15 0.03 -5.63 -8.37
CA ARG A 15 -0.14 -7.10 -8.37
C ARG A 15 -0.69 -7.63 -7.04
N ILE A 16 -1.51 -8.67 -7.12
CA ILE A 16 -2.10 -9.30 -5.92
C ILE A 16 -1.31 -10.52 -5.47
N GLU A 17 -0.81 -10.49 -4.24
CA GLU A 17 -0.03 -11.58 -3.67
C GLU A 17 -0.88 -12.46 -2.73
N LYS A 18 -0.38 -13.64 -2.41
CA LYS A 18 -1.05 -14.53 -1.45
C LYS A 18 -0.99 -13.97 -0.02
N TYR A 19 -0.06 -13.04 0.20
CA TYR A 19 0.15 -12.44 1.53
C TYR A 19 -0.19 -10.93 1.54
N GLY A 20 -0.86 -10.47 0.50
CA GLY A 20 -1.22 -9.05 0.40
C GLY A 20 -1.23 -8.55 -1.04
N ALA A 21 -0.96 -7.26 -1.24
CA ALA A 21 -0.86 -6.69 -2.58
C ALA A 21 0.19 -5.58 -2.63
N PHE A 22 1.00 -5.54 -3.70
CA PHE A 22 2.01 -4.51 -3.86
C PHE A 22 1.42 -3.23 -4.46
N ILE A 23 1.60 -2.11 -3.76
CA ILE A 23 1.09 -0.82 -4.20
C ILE A 23 2.21 0.20 -4.39
N ASN A 24 2.21 0.89 -5.53
CA ASN A 24 3.19 1.96 -5.79
C ASN A 24 2.55 3.34 -5.59
N LEU A 25 3.14 4.13 -4.70
CA LEU A 25 2.68 5.51 -4.45
C LEU A 25 3.30 6.48 -5.47
N ASN A 26 4.47 6.10 -5.98
CA ASN A 26 5.24 6.94 -6.90
C ASN A 26 6.23 6.08 -7.71
N GLU A 27 6.75 6.64 -8.80
CA GLU A 27 7.75 5.96 -9.65
C GLU A 27 8.93 5.40 -8.82
N GLN A 28 9.22 6.03 -7.69
CA GLN A 28 10.34 5.61 -6.82
C GLN A 28 9.86 5.06 -5.47
N VAL A 29 8.55 4.86 -5.32
CA VAL A 29 7.96 4.43 -4.05
C VAL A 29 7.10 3.16 -4.21
N ARG A 30 7.56 2.06 -3.59
CA ARG A 30 6.87 0.78 -3.66
C ARG A 30 6.69 0.17 -2.25
N GLY A 31 5.53 -0.43 -2.00
CA GLY A 31 5.27 -1.04 -0.69
C GLY A 31 4.29 -2.21 -0.74
N LEU A 32 3.99 -2.77 0.43
CA LEU A 32 3.11 -3.94 0.53
C LEU A 32 1.91 -3.67 1.45
N LEU A 33 0.71 -3.93 0.95
CA LEU A 33 -0.52 -3.82 1.73
C LEU A 33 -1.01 -5.20 2.17
N ARG A 34 -1.16 -5.40 3.48
CA ARG A 34 -1.50 -6.72 4.04
C ARG A 34 -2.99 -6.83 4.41
N PRO A 35 -3.63 -8.00 4.17
CA PRO A 35 -5.07 -8.19 4.42
C PRO A 35 -5.47 -7.99 5.90
N ARG A 36 -4.49 -8.04 6.79
CA ARG A 36 -4.73 -7.82 8.22
C ARG A 36 -4.93 -6.32 8.53
N ASP A 37 -4.30 -5.48 7.72
CA ASP A 37 -4.36 -4.02 7.89
C ASP A 37 -5.49 -3.40 7.03
N MET A 38 -6.34 -4.25 6.47
CA MET A 38 -7.45 -3.80 5.62
C MET A 38 -8.73 -3.59 6.43
N ILE A 39 -9.36 -2.42 6.29
CA ILE A 39 -10.59 -2.10 7.03
C ILE A 39 -11.86 -2.52 6.26
N SER A 40 -11.91 -2.22 4.95
CA SER A 40 -13.13 -2.46 4.16
C SER A 40 -12.85 -3.07 2.78
N LEU A 41 -11.61 -3.46 2.50
CA LEU A 41 -11.25 -4.05 1.20
C LEU A 41 -10.49 -5.38 1.33
N ARG A 42 -11.07 -6.43 0.77
CA ARG A 42 -10.43 -7.75 0.71
C ARG A 42 -9.58 -7.90 -0.57
N LEU A 43 -8.50 -8.69 -0.50
CA LEU A 43 -7.63 -8.92 -1.65
C LEU A 43 -8.42 -9.40 -2.88
N GLU A 44 -9.49 -10.14 -2.63
CA GLU A 44 -10.37 -10.67 -3.67
C GLU A 44 -10.94 -9.55 -4.56
N ASN A 45 -11.17 -8.39 -3.96
CA ASN A 45 -11.80 -7.26 -4.64
C ASN A 45 -10.77 -6.28 -5.22
N LEU A 46 -9.49 -6.56 -5.03
CA LEU A 46 -8.43 -5.69 -5.52
C LEU A 46 -7.93 -6.16 -6.90
N ASN A 47 -8.02 -5.27 -7.90
CA ASN A 47 -7.59 -5.61 -9.27
C ASN A 47 -6.37 -4.76 -9.69
N VAL A 48 -5.60 -5.28 -10.66
CA VAL A 48 -4.43 -4.56 -11.17
C VAL A 48 -4.83 -3.22 -11.81
N GLY A 49 -4.42 -2.12 -11.20
CA GLY A 49 -4.76 -0.79 -11.70
C GLY A 49 -5.65 0.01 -10.76
N ASP A 50 -6.25 -0.65 -9.77
CA ASP A 50 -7.11 0.04 -8.79
C ASP A 50 -6.29 0.95 -7.86
N GLU A 51 -6.76 2.19 -7.70
CA GLU A 51 -6.09 3.19 -6.87
C GLU A 51 -6.67 3.21 -5.44
N ILE A 52 -5.85 2.83 -4.46
CA ILE A 52 -6.29 2.73 -3.06
C ILE A 52 -5.56 3.74 -2.14
N ILE A 53 -6.28 4.26 -1.15
CA ILE A 53 -5.71 5.17 -0.16
C ILE A 53 -5.14 4.40 1.04
N VAL A 54 -3.83 4.51 1.27
CA VAL A 54 -3.16 3.78 2.35
C VAL A 54 -2.21 4.68 3.17
N GLN A 55 -1.99 4.29 4.42
CA GLN A 55 -1.00 4.97 5.28
C GLN A 55 0.30 4.15 5.35
N ALA A 56 1.42 4.81 5.10
CA ALA A 56 2.72 4.14 5.15
C ALA A 56 3.24 4.01 6.59
N ILE A 57 3.04 2.83 7.19
CA ILE A 57 3.44 2.59 8.58
C ILE A 57 4.96 2.78 8.78
N ASP A 58 5.75 1.96 8.08
CA ASP A 58 7.21 2.04 8.15
C ASP A 58 7.86 2.02 6.75
N VAL A 59 9.06 2.61 6.64
CA VAL A 59 9.77 2.71 5.36
C VAL A 59 11.23 2.28 5.51
N ARG A 60 11.64 1.24 4.77
CA ARG A 60 13.03 0.76 4.82
C ARG A 60 13.67 0.73 3.42
N PRO A 61 14.45 1.78 3.07
CA PRO A 61 15.10 1.90 1.75
C PRO A 61 16.05 0.73 1.42
N GLU A 62 16.63 0.10 2.45
CA GLU A 62 17.49 -1.08 2.25
C GLU A 62 16.72 -2.23 1.56
N LYS A 63 15.46 -2.40 1.95
CA LYS A 63 14.60 -3.45 1.38
C LYS A 63 13.76 -2.93 0.21
N ARG A 64 13.65 -1.60 0.12
CA ARG A 64 12.77 -0.94 -0.87
C ARG A 64 11.32 -1.37 -0.65
N GLU A 65 11.01 -1.75 0.60
CA GLU A 65 9.68 -2.19 0.99
C GLU A 65 9.06 -1.24 2.03
N ILE A 66 7.91 -0.67 1.69
CA ILE A 66 7.17 0.16 2.62
C ILE A 66 5.92 -0.57 3.15
N ASP A 67 5.72 -0.52 4.46
CA ASP A 67 4.60 -1.20 5.10
C ASP A 67 3.33 -0.33 5.04
N PHE A 68 2.27 -0.85 4.42
CA PHE A 68 1.03 -0.07 4.24
C PHE A 68 -0.11 -0.55 5.14
N LYS A 69 -1.07 0.34 5.34
CA LYS A 69 -2.30 0.06 6.09
C LYS A 69 -3.49 0.76 5.41
N TYR A 70 -4.66 0.15 5.46
CA TYR A 70 -5.85 0.73 4.81
C TYR A 70 -6.58 1.67 5.78
N ILE A 71 -6.89 2.88 5.32
CA ILE A 71 -7.55 3.88 6.15
C ILE A 71 -8.76 4.51 5.43
N PRO A 72 -9.84 4.85 6.16
CA PRO A 72 -11.04 5.48 5.60
C PRO A 72 -10.86 6.98 5.31
N LEU A 73 -11.80 7.56 4.56
CA LEU A 73 -11.77 8.99 4.21
C LEU A 73 -13.18 9.55 4.05
N GLU A 74 -13.51 10.61 4.79
CA GLU A 74 -14.86 11.20 4.74
C GLU A 74 -14.82 12.75 4.75
N MET A 1 9.40 12.39 -5.10
CA MET A 1 8.72 12.13 -3.79
C MET A 1 9.08 10.75 -3.25
N ASP A 2 9.61 10.71 -2.03
CA ASP A 2 9.81 9.45 -1.30
C ASP A 2 8.82 9.38 -0.13
N VAL A 3 8.66 8.20 0.47
CA VAL A 3 7.63 8.02 1.50
C VAL A 3 8.23 7.87 2.91
N GLU A 4 7.60 8.53 3.88
CA GLU A 4 8.01 8.45 5.28
C GLU A 4 7.00 7.66 6.13
N PRO A 5 7.46 6.91 7.14
CA PRO A 5 6.57 6.09 8.01
C PRO A 5 5.49 6.91 8.72
N GLY A 6 4.23 6.48 8.57
CA GLY A 6 3.11 7.15 9.24
C GLY A 6 2.37 8.15 8.36
N LYS A 7 2.84 8.35 7.13
CA LYS A 7 2.26 9.36 6.23
C LYS A 7 1.09 8.82 5.39
N PHE A 8 0.14 9.72 5.08
CA PHE A 8 -1.03 9.39 4.26
C PHE A 8 -0.74 9.61 2.76
N TYR A 9 -0.94 8.56 1.95
CA TYR A 9 -0.75 8.68 0.49
C TYR A 9 -1.80 7.86 -0.29
N LYS A 10 -1.91 8.18 -1.58
CA LYS A 10 -2.76 7.42 -2.51
C LYS A 10 -1.90 6.78 -3.60
N GLY A 11 -2.25 5.56 -4.01
CA GLY A 11 -1.48 4.89 -5.05
C GLY A 11 -2.32 3.89 -5.85
N VAL A 12 -1.67 3.22 -6.80
CA VAL A 12 -2.34 2.25 -7.66
C VAL A 12 -1.76 0.84 -7.50
N VAL A 13 -2.63 -0.17 -7.52
CA VAL A 13 -2.21 -1.57 -7.37
C VAL A 13 -1.52 -2.13 -8.63
N THR A 14 -0.31 -2.65 -8.45
CA THR A 14 0.47 -3.24 -9.56
C THR A 14 0.15 -4.72 -9.75
N ARG A 15 0.17 -5.48 -8.65
CA ARG A 15 -0.18 -6.91 -8.69
C ARG A 15 -0.67 -7.40 -7.31
N ILE A 16 -1.53 -8.41 -7.33
CA ILE A 16 -2.08 -8.99 -6.10
C ILE A 16 -1.28 -10.23 -5.67
N GLU A 17 -0.55 -10.12 -4.57
CA GLU A 17 0.24 -11.22 -4.02
C GLU A 17 -0.54 -11.98 -2.94
N LYS A 18 -0.18 -13.24 -2.71
CA LYS A 18 -0.86 -14.07 -1.71
C LYS A 18 -0.42 -13.71 -0.28
N TYR A 19 0.29 -12.59 -0.14
CA TYR A 19 0.68 -12.05 1.18
C TYR A 19 0.47 -10.52 1.24
N GLY A 20 -0.18 -9.96 0.24
CA GLY A 20 -0.41 -8.52 0.19
C GLY A 20 -0.50 -7.98 -1.25
N ALA A 21 -0.74 -6.69 -1.39
CA ALA A 21 -0.80 -6.07 -2.73
C ALA A 21 0.24 -4.95 -2.88
N PHE A 22 1.07 -5.04 -3.92
CA PHE A 22 2.09 -4.01 -4.18
C PHE A 22 1.48 -2.76 -4.83
N ILE A 23 1.59 -1.63 -4.15
CA ILE A 23 0.99 -0.37 -4.61
C ILE A 23 2.04 0.71 -4.88
N ASN A 24 1.94 1.38 -6.04
CA ASN A 24 2.85 2.48 -6.38
C ASN A 24 2.27 3.83 -5.97
N LEU A 25 2.97 4.54 -5.08
CA LEU A 25 2.58 5.89 -4.68
C LEU A 25 3.20 6.95 -5.60
N ASN A 26 4.23 6.54 -6.33
CA ASN A 26 4.98 7.42 -7.23
C ASN A 26 5.68 6.58 -8.31
N GLU A 27 6.10 7.22 -9.40
CA GLU A 27 6.79 6.53 -10.49
C GLU A 27 8.00 5.74 -9.99
N GLN A 28 8.70 6.27 -8.99
CA GLN A 28 9.89 5.62 -8.43
C GLN A 28 9.66 5.08 -7.00
N VAL A 29 8.38 4.90 -6.63
CA VAL A 29 8.04 4.40 -5.28
C VAL A 29 6.99 3.28 -5.33
N ARG A 30 7.35 2.15 -4.70
CA ARG A 30 6.49 0.96 -4.67
C ARG A 30 6.45 0.34 -3.25
N GLY A 31 5.26 0.00 -2.76
CA GLY A 31 5.13 -0.58 -1.42
C GLY A 31 4.24 -1.82 -1.38
N LEU A 32 3.90 -2.27 -0.18
CA LEU A 32 3.13 -3.50 0.02
C LEU A 32 1.99 -3.30 1.04
N LEU A 33 0.76 -3.55 0.60
CA LEU A 33 -0.42 -3.43 1.47
C LEU A 33 -0.78 -4.78 2.11
N ARG A 34 -0.85 -4.82 3.44
CA ARG A 34 -1.08 -6.07 4.18
C ARG A 34 -2.57 -6.43 4.29
N PRO A 35 -2.90 -7.74 4.29
CA PRO A 35 -4.30 -8.21 4.41
C PRO A 35 -4.93 -7.84 5.78
N ARG A 36 -4.16 -8.01 6.85
CA ARG A 36 -4.66 -7.80 8.21
C ARG A 36 -4.94 -6.31 8.50
N ASP A 37 -4.32 -5.43 7.72
CA ASP A 37 -4.50 -3.99 7.88
C ASP A 37 -5.55 -3.42 6.92
N MET A 38 -6.28 -4.31 6.26
CA MET A 38 -7.39 -3.91 5.38
C MET A 38 -8.71 -3.80 6.17
N ILE A 39 -9.14 -2.57 6.43
CA ILE A 39 -10.37 -2.32 7.22
C ILE A 39 -11.64 -2.75 6.47
N SER A 40 -11.96 -2.04 5.39
CA SER A 40 -13.20 -2.29 4.62
C SER A 40 -12.97 -3.24 3.44
N LEU A 41 -11.91 -3.00 2.67
CA LEU A 41 -11.61 -3.80 1.49
C LEU A 41 -10.87 -5.11 1.83
N ARG A 42 -11.03 -6.10 0.97
CA ARG A 42 -10.28 -7.37 1.05
C ARG A 42 -9.35 -7.51 -0.15
N LEU A 43 -8.19 -8.14 0.02
CA LEU A 43 -7.33 -8.47 -1.14
C LEU A 43 -8.13 -9.28 -2.17
N GLU A 44 -9.08 -10.06 -1.66
CA GLU A 44 -9.99 -10.88 -2.48
C GLU A 44 -10.81 -10.02 -3.47
N ASN A 45 -10.95 -8.73 -3.17
CA ASN A 45 -11.76 -7.82 -3.99
C ASN A 45 -10.90 -6.77 -4.71
N LEU A 46 -9.59 -6.85 -4.56
CA LEU A 46 -8.68 -5.88 -5.18
C LEU A 46 -8.21 -6.36 -6.56
N ASN A 47 -8.21 -5.46 -7.53
CA ASN A 47 -7.82 -5.79 -8.91
C ASN A 47 -6.60 -4.99 -9.36
N VAL A 48 -5.78 -5.58 -10.22
CA VAL A 48 -4.62 -4.89 -10.79
C VAL A 48 -5.05 -3.61 -11.54
N GLY A 49 -4.66 -2.46 -11.01
CA GLY A 49 -5.04 -1.18 -11.61
C GLY A 49 -5.93 -0.32 -10.72
N ASP A 50 -6.44 -0.88 -9.62
CA ASP A 50 -7.28 -0.12 -8.70
C ASP A 50 -6.47 0.90 -7.87
N GLU A 51 -6.92 2.15 -7.86
CA GLU A 51 -6.30 3.19 -7.02
C GLU A 51 -6.86 3.15 -5.59
N ILE A 52 -5.99 3.01 -4.60
CA ILE A 52 -6.39 2.91 -3.20
C ILE A 52 -5.63 3.92 -2.31
N ILE A 53 -6.34 4.50 -1.34
CA ILE A 53 -5.73 5.39 -0.35
C ILE A 53 -5.20 4.60 0.85
N VAL A 54 -3.89 4.70 1.12
CA VAL A 54 -3.25 3.90 2.18
C VAL A 54 -2.30 4.73 3.04
N GLN A 55 -2.22 4.39 4.32
CA GLN A 55 -1.24 5.00 5.23
C GLN A 55 0.00 4.11 5.35
N ALA A 56 1.18 4.68 5.11
CA ALA A 56 2.43 3.94 5.19
C ALA A 56 2.76 3.56 6.64
N ILE A 57 2.87 2.25 6.92
CA ILE A 57 3.26 1.77 8.24
C ILE A 57 4.77 1.91 8.45
N ASP A 58 5.54 1.18 7.64
CA ASP A 58 7.01 1.23 7.70
C ASP A 58 7.62 1.42 6.32
N VAL A 59 8.50 2.41 6.20
CA VAL A 59 9.31 2.58 4.99
C VAL A 59 10.78 2.38 5.35
N ARG A 60 11.35 1.23 4.99
CA ARG A 60 12.69 0.86 5.43
C ARG A 60 13.62 0.51 4.26
N PRO A 61 14.45 1.48 3.81
CA PRO A 61 15.42 1.27 2.71
C PRO A 61 16.46 0.18 3.05
N GLU A 62 16.68 -0.04 4.34
CA GLU A 62 17.59 -1.10 4.83
C GLU A 62 17.20 -2.47 4.22
N LYS A 63 15.89 -2.66 4.03
CA LYS A 63 15.35 -3.88 3.42
C LYS A 63 14.63 -3.56 2.10
N ARG A 64 14.50 -2.27 1.78
CA ARG A 64 13.75 -1.81 0.61
C ARG A 64 12.28 -2.28 0.66
N GLU A 65 11.79 -2.52 1.88
CA GLU A 65 10.40 -2.95 2.10
C GLU A 65 9.54 -1.80 2.63
N ILE A 66 8.30 -1.72 2.16
CA ILE A 66 7.36 -0.69 2.60
C ILE A 66 5.99 -1.30 2.90
N ASP A 67 5.56 -1.21 4.15
CA ASP A 67 4.25 -1.75 4.56
C ASP A 67 3.15 -0.67 4.53
N PHE A 68 1.97 -1.03 4.05
CA PHE A 68 0.82 -0.09 3.99
C PHE A 68 -0.37 -0.57 4.83
N LYS A 69 -1.24 0.38 5.18
CA LYS A 69 -2.47 0.08 5.94
C LYS A 69 -3.67 0.83 5.34
N TYR A 70 -4.86 0.23 5.41
CA TYR A 70 -6.08 0.88 4.93
C TYR A 70 -6.72 1.70 6.07
N ILE A 71 -7.18 2.91 5.75
CA ILE A 71 -7.74 3.83 6.77
C ILE A 71 -9.08 4.44 6.31
N PRO A 72 -10.03 4.65 7.26
CA PRO A 72 -11.31 5.31 6.97
C PRO A 72 -11.16 6.82 6.72
N LEU A 73 -11.97 7.36 5.80
CA LEU A 73 -11.88 8.76 5.38
C LEU A 73 -12.73 9.68 6.28
N GLU A 74 -12.13 10.76 6.77
CA GLU A 74 -12.81 11.76 7.61
C GLU A 74 -13.32 12.96 6.79
N MET A 1 7.99 12.57 -5.32
CA MET A 1 7.28 12.54 -4.00
C MET A 1 7.99 11.58 -3.02
N ASP A 2 8.36 12.10 -1.86
CA ASP A 2 9.00 11.29 -0.81
C ASP A 2 7.95 10.70 0.14
N VAL A 3 8.30 9.59 0.79
CA VAL A 3 7.39 8.92 1.73
C VAL A 3 8.06 8.68 3.11
N GLU A 4 7.34 9.04 4.17
CA GLU A 4 7.82 8.83 5.55
C GLU A 4 6.84 7.94 6.34
N PRO A 5 7.35 7.16 7.32
CA PRO A 5 6.52 6.29 8.17
C PRO A 5 5.44 7.07 8.94
N GLY A 6 4.19 6.99 8.46
CA GLY A 6 3.07 7.68 9.11
C GLY A 6 2.36 8.68 8.20
N LYS A 7 2.74 8.72 6.92
CA LYS A 7 2.14 9.67 5.97
C LYS A 7 1.07 9.00 5.09
N PHE A 8 0.11 9.81 4.61
CA PHE A 8 -0.99 9.32 3.77
C PHE A 8 -0.71 9.56 2.27
N TYR A 9 -0.91 8.54 1.45
CA TYR A 9 -0.71 8.66 -0.01
C TYR A 9 -1.70 7.82 -0.81
N LYS A 10 -2.09 8.32 -1.99
CA LYS A 10 -2.98 7.60 -2.91
C LYS A 10 -2.17 6.83 -3.95
N GLY A 11 -2.23 5.51 -3.92
CA GLY A 11 -1.43 4.69 -4.83
C GLY A 11 -2.26 3.71 -5.66
N VAL A 12 -1.65 3.09 -6.65
CA VAL A 12 -2.34 2.15 -7.54
C VAL A 12 -1.83 0.71 -7.36
N VAL A 13 -2.76 -0.25 -7.39
CA VAL A 13 -2.41 -1.67 -7.25
C VAL A 13 -1.72 -2.24 -8.50
N THR A 14 -0.58 -2.89 -8.31
CA THR A 14 0.20 -3.46 -9.41
C THR A 14 -0.16 -4.93 -9.67
N ARG A 15 -0.08 -5.76 -8.65
CA ARG A 15 -0.41 -7.19 -8.76
C ARG A 15 -0.89 -7.77 -7.41
N ILE A 16 -1.66 -8.86 -7.48
CA ILE A 16 -2.20 -9.49 -6.27
C ILE A 16 -1.34 -10.68 -5.80
N GLU A 17 -0.83 -10.61 -4.57
CA GLU A 17 0.01 -11.66 -4.00
C GLU A 17 -0.78 -12.52 -2.98
N LYS A 18 -0.15 -13.60 -2.52
CA LYS A 18 -0.75 -14.45 -1.47
C LYS A 18 -0.63 -13.81 -0.09
N TYR A 19 0.32 -12.88 0.05
CA TYR A 19 0.58 -12.21 1.33
C TYR A 19 0.18 -10.73 1.31
N GLY A 20 -0.53 -10.32 0.26
CA GLY A 20 -0.95 -8.92 0.13
C GLY A 20 -0.94 -8.44 -1.32
N ALA A 21 -0.79 -7.14 -1.52
CA ALA A 21 -0.70 -6.56 -2.87
C ALA A 21 0.32 -5.42 -2.92
N PHE A 22 1.12 -5.39 -3.98
CA PHE A 22 2.12 -4.32 -4.17
C PHE A 22 1.48 -3.06 -4.76
N ILE A 23 1.69 -1.92 -4.10
CA ILE A 23 1.11 -0.65 -4.54
C ILE A 23 2.18 0.40 -4.86
N ASN A 24 2.03 1.08 -5.99
CA ASN A 24 2.92 2.19 -6.36
C ASN A 24 2.31 3.54 -5.96
N LEU A 25 2.99 4.24 -5.05
CA LEU A 25 2.58 5.61 -4.68
C LEU A 25 3.13 6.62 -5.70
N ASN A 26 4.27 6.26 -6.29
CA ASN A 26 4.92 7.09 -7.29
C ASN A 26 5.79 6.20 -8.20
N GLU A 27 6.20 6.71 -9.36
CA GLU A 27 7.06 5.97 -10.29
C GLU A 27 8.25 5.29 -9.57
N GLN A 28 8.92 6.04 -8.70
CA GLN A 28 10.10 5.54 -7.98
C GLN A 28 9.74 4.98 -6.58
N VAL A 29 8.45 4.99 -6.23
CA VAL A 29 8.03 4.59 -4.87
C VAL A 29 7.00 3.43 -4.90
N ARG A 30 7.43 2.26 -4.40
CA ARG A 30 6.57 1.08 -4.34
C ARG A 30 6.56 0.46 -2.93
N GLY A 31 5.45 -0.17 -2.55
CA GLY A 31 5.36 -0.82 -1.24
C GLY A 31 4.40 -2.00 -1.23
N LEU A 32 4.10 -2.52 -0.03
CA LEU A 32 3.25 -3.71 0.12
C LEU A 32 2.08 -3.46 1.09
N LEU A 33 0.88 -3.87 0.69
CA LEU A 33 -0.32 -3.76 1.53
C LEU A 33 -0.85 -5.16 1.92
N ARG A 34 -1.03 -5.38 3.23
CA ARG A 34 -1.42 -6.71 3.74
C ARG A 34 -2.91 -6.76 4.16
N PRO A 35 -3.56 -7.95 4.04
CA PRO A 35 -4.99 -8.11 4.37
C PRO A 35 -5.32 -7.79 5.86
N ARG A 36 -4.36 -8.03 6.75
CA ARG A 36 -4.54 -7.74 8.18
C ARG A 36 -4.62 -6.24 8.46
N ASP A 37 -4.12 -5.44 7.52
CA ASP A 37 -4.13 -3.97 7.64
C ASP A 37 -5.29 -3.35 6.82
N MET A 38 -6.15 -4.21 6.29
CA MET A 38 -7.28 -3.78 5.46
C MET A 38 -8.58 -3.75 6.26
N ILE A 39 -9.20 -2.58 6.33
CA ILE A 39 -10.44 -2.40 7.11
C ILE A 39 -11.68 -2.95 6.37
N SER A 40 -11.95 -2.43 5.17
CA SER A 40 -13.13 -2.85 4.39
C SER A 40 -12.75 -3.72 3.18
N LEU A 41 -11.70 -3.33 2.46
CA LEU A 41 -11.32 -4.01 1.22
C LEU A 41 -10.41 -5.23 1.46
N ARG A 42 -10.89 -6.41 1.08
CA ARG A 42 -10.07 -7.63 1.08
C ARG A 42 -9.34 -7.81 -0.26
N LEU A 43 -8.26 -8.59 -0.24
CA LEU A 43 -7.48 -8.86 -1.47
C LEU A 43 -8.38 -9.45 -2.57
N GLU A 44 -9.35 -10.24 -2.15
CA GLU A 44 -10.30 -10.89 -3.06
C GLU A 44 -11.14 -9.87 -3.85
N ASN A 45 -11.21 -8.64 -3.34
CA ASN A 45 -12.00 -7.57 -3.97
C ASN A 45 -11.11 -6.57 -4.72
N LEU A 46 -9.79 -6.72 -4.59
CA LEU A 46 -8.84 -5.78 -5.19
C LEU A 46 -8.50 -6.17 -6.64
N ASN A 47 -8.41 -5.17 -7.52
CA ASN A 47 -8.10 -5.39 -8.94
C ASN A 47 -6.82 -4.65 -9.34
N VAL A 48 -6.07 -5.22 -10.28
CA VAL A 48 -4.91 -4.53 -10.84
C VAL A 48 -5.34 -3.25 -11.56
N GLY A 49 -4.96 -2.10 -11.01
CA GLY A 49 -5.38 -0.82 -11.58
C GLY A 49 -6.26 0.00 -10.64
N ASP A 50 -6.65 -0.58 -9.51
CA ASP A 50 -7.41 0.18 -8.50
C ASP A 50 -6.53 1.20 -7.77
N GLU A 51 -7.08 2.39 -7.56
CA GLU A 51 -6.37 3.49 -6.90
C GLU A 51 -6.85 3.64 -5.44
N ILE A 52 -6.03 3.21 -4.49
CA ILE A 52 -6.43 3.21 -3.07
C ILE A 52 -5.60 4.19 -2.23
N ILE A 53 -6.25 4.84 -1.27
CA ILE A 53 -5.57 5.73 -0.32
C ILE A 53 -5.09 4.95 0.90
N VAL A 54 -3.77 4.83 1.04
CA VAL A 54 -3.18 4.06 2.15
C VAL A 54 -2.18 4.91 2.96
N GLN A 55 -1.95 4.51 4.21
CA GLN A 55 -0.96 5.17 5.06
C GLN A 55 0.30 4.28 5.22
N ALA A 56 1.47 4.88 5.05
CA ALA A 56 2.73 4.14 5.19
C ALA A 56 3.05 3.86 6.66
N ILE A 57 3.18 2.58 7.02
CA ILE A 57 3.50 2.19 8.39
C ILE A 57 5.02 2.29 8.65
N ASP A 58 5.79 1.41 8.01
CA ASP A 58 7.26 1.38 8.16
C ASP A 58 7.98 1.44 6.81
N VAL A 59 9.08 2.19 6.77
CA VAL A 59 9.93 2.29 5.58
C VAL A 59 11.36 1.83 5.90
N ARG A 60 11.73 0.63 5.45
CA ARG A 60 13.08 0.10 5.70
C ARG A 60 13.98 0.18 4.45
N PRO A 61 14.84 1.22 4.37
CA PRO A 61 15.79 1.37 3.25
C PRO A 61 16.74 0.16 3.12
N GLU A 62 17.14 -0.39 4.26
CA GLU A 62 17.97 -1.61 4.31
C GLU A 62 17.38 -2.75 3.46
N LYS A 63 16.05 -2.87 3.46
CA LYS A 63 15.35 -3.93 2.72
C LYS A 63 14.61 -3.35 1.50
N ARG A 64 14.51 -2.03 1.43
CA ARG A 64 13.71 -1.33 0.40
C ARG A 64 12.23 -1.74 0.48
N GLU A 65 11.83 -2.26 1.64
CA GLU A 65 10.46 -2.75 1.85
C GLU A 65 9.63 -1.76 2.68
N ILE A 66 8.50 -1.33 2.12
CA ILE A 66 7.59 -0.40 2.80
C ILE A 66 6.22 -1.04 3.06
N ASP A 67 5.77 -0.99 4.31
CA ASP A 67 4.45 -1.55 4.68
C ASP A 67 3.35 -0.48 4.65
N PHE A 68 2.18 -0.83 4.15
CA PHE A 68 1.04 0.11 4.06
C PHE A 68 -0.13 -0.33 4.95
N LYS A 69 -1.08 0.58 5.13
CA LYS A 69 -2.30 0.32 5.90
C LYS A 69 -3.52 0.97 5.24
N TYR A 70 -4.67 0.30 5.27
CA TYR A 70 -5.91 0.87 4.75
C TYR A 70 -6.63 1.67 5.84
N ILE A 71 -7.00 2.91 5.54
CA ILE A 71 -7.62 3.80 6.53
C ILE A 71 -9.11 4.05 6.24
N PRO A 72 -9.97 3.96 7.27
CA PRO A 72 -11.39 4.34 7.14
C PRO A 72 -11.57 5.87 7.25
N LEU A 73 -11.45 6.56 6.11
CA LEU A 73 -11.52 8.02 6.07
C LEU A 73 -12.96 8.53 6.18
N GLU A 74 -13.11 9.75 6.72
CA GLU A 74 -14.41 10.39 6.87
C GLU A 74 -14.62 11.50 5.82
N MET A 1 9.97 13.70 -4.12
CA MET A 1 8.99 12.94 -3.31
C MET A 1 9.71 12.04 -2.28
N ASP A 2 9.30 12.16 -1.02
CA ASP A 2 9.85 11.32 0.04
C ASP A 2 8.74 10.80 0.97
N VAL A 3 8.73 9.49 1.21
CA VAL A 3 7.70 8.86 2.04
C VAL A 3 8.20 8.61 3.47
N GLU A 4 7.49 9.16 4.45
CA GLU A 4 7.82 8.95 5.86
C GLU A 4 6.79 8.04 6.55
N PRO A 5 7.23 7.23 7.54
CA PRO A 5 6.33 6.32 8.28
C PRO A 5 5.22 7.07 9.03
N GLY A 6 4.01 7.06 8.47
CA GLY A 6 2.88 7.75 9.07
C GLY A 6 2.15 8.67 8.09
N LYS A 7 2.77 8.97 6.95
CA LYS A 7 2.19 9.88 5.96
C LYS A 7 1.07 9.22 5.12
N PHE A 8 0.09 10.04 4.72
CA PHE A 8 -1.05 9.58 3.91
C PHE A 8 -0.78 9.80 2.41
N TYR A 9 -0.87 8.74 1.60
CA TYR A 9 -0.65 8.85 0.14
C TYR A 9 -1.67 8.01 -0.65
N LYS A 10 -1.82 8.33 -1.94
CA LYS A 10 -2.62 7.50 -2.85
C LYS A 10 -1.71 6.65 -3.73
N GLY A 11 -1.92 5.33 -3.72
CA GLY A 11 -1.10 4.43 -4.52
C GLY A 11 -1.93 3.53 -5.42
N VAL A 12 -1.28 2.90 -6.40
CA VAL A 12 -1.97 2.01 -7.33
C VAL A 12 -1.50 0.56 -7.19
N VAL A 13 -2.46 -0.38 -7.19
CA VAL A 13 -2.15 -1.81 -7.09
C VAL A 13 -1.45 -2.33 -8.35
N THR A 14 -0.20 -2.77 -8.20
CA THR A 14 0.59 -3.27 -9.33
C THR A 14 0.35 -4.76 -9.57
N ARG A 15 0.34 -5.56 -8.50
CA ARG A 15 0.12 -7.00 -8.61
C ARG A 15 -0.47 -7.60 -7.33
N ILE A 16 -1.30 -8.64 -7.49
CA ILE A 16 -1.94 -9.31 -6.36
C ILE A 16 -1.15 -10.58 -5.95
N GLU A 17 -0.92 -10.74 -4.65
CA GLU A 17 -0.19 -11.91 -4.13
C GLU A 17 -1.03 -12.66 -3.09
N LYS A 18 -0.56 -13.86 -2.71
CA LYS A 18 -1.27 -14.69 -1.73
C LYS A 18 -0.99 -14.26 -0.28
N TYR A 19 -0.27 -13.15 -0.13
CA TYR A 19 0.05 -12.60 1.20
C TYR A 19 -0.20 -11.07 1.25
N GLY A 20 -0.81 -10.55 0.20
CA GLY A 20 -1.06 -9.10 0.12
C GLY A 20 -1.01 -8.59 -1.32
N ALA A 21 -1.06 -7.28 -1.49
CA ALA A 21 -1.00 -6.66 -2.81
C ALA A 21 0.10 -5.59 -2.87
N PHE A 22 0.99 -5.68 -3.85
CA PHE A 22 2.06 -4.69 -4.01
C PHE A 22 1.54 -3.40 -4.64
N ILE A 23 1.72 -2.29 -3.93
CA ILE A 23 1.22 -0.99 -4.35
C ILE A 23 2.35 0.04 -4.48
N ASN A 24 2.38 0.74 -5.60
CA ASN A 24 3.37 1.82 -5.80
C ASN A 24 2.69 3.20 -5.70
N LEU A 25 3.26 4.08 -4.87
CA LEU A 25 2.72 5.44 -4.70
C LEU A 25 3.16 6.36 -5.84
N ASN A 26 4.22 5.96 -6.53
CA ASN A 26 4.86 6.81 -7.55
C ASN A 26 5.90 6.02 -8.35
N GLU A 27 6.26 6.56 -9.52
CA GLU A 27 7.27 5.95 -10.40
C GLU A 27 8.55 5.53 -9.66
N GLN A 28 8.88 6.22 -8.56
CA GLN A 28 10.11 5.93 -7.79
C GLN A 28 9.82 5.41 -6.37
N VAL A 29 8.57 5.00 -6.11
CA VAL A 29 8.18 4.52 -4.76
C VAL A 29 7.50 3.13 -4.81
N ARG A 30 8.09 2.17 -4.07
CA ARG A 30 7.58 0.79 -4.03
C ARG A 30 7.05 0.42 -2.62
N GLY A 31 5.87 -0.20 -2.55
CA GLY A 31 5.31 -0.60 -1.26
C GLY A 31 4.45 -1.87 -1.32
N LEU A 32 3.93 -2.28 -0.16
CA LEU A 32 3.13 -3.50 -0.03
C LEU A 32 1.98 -3.34 0.99
N LEU A 33 0.79 -3.74 0.59
CA LEU A 33 -0.41 -3.69 1.47
C LEU A 33 -0.86 -5.12 1.84
N ARG A 34 -1.01 -5.39 3.14
CA ARG A 34 -1.30 -6.75 3.61
C ARG A 34 -2.67 -6.85 4.31
N PRO A 35 -3.35 -8.04 4.22
CA PRO A 35 -4.71 -8.25 4.74
C PRO A 35 -4.93 -7.78 6.20
N ARG A 36 -3.94 -7.95 7.07
CA ARG A 36 -4.09 -7.51 8.47
C ARG A 36 -4.32 -6.01 8.57
N ASP A 37 -3.85 -5.27 7.58
CA ASP A 37 -3.98 -3.81 7.55
C ASP A 37 -5.20 -3.36 6.72
N MET A 38 -5.99 -4.32 6.25
CA MET A 38 -7.16 -4.03 5.41
C MET A 38 -8.46 -3.95 6.23
N ILE A 39 -9.10 -2.78 6.22
CA ILE A 39 -10.34 -2.56 6.97
C ILE A 39 -11.58 -3.00 6.17
N SER A 40 -11.97 -2.22 5.15
CA SER A 40 -13.22 -2.46 4.41
C SER A 40 -13.01 -3.28 3.13
N LEU A 41 -11.76 -3.60 2.80
CA LEU A 41 -11.45 -4.31 1.55
C LEU A 41 -10.83 -5.70 1.79
N ARG A 42 -11.24 -6.66 0.97
CA ARG A 42 -10.68 -8.02 0.98
C ARG A 42 -9.69 -8.21 -0.19
N LEU A 43 -8.65 -9.03 0.00
CA LEU A 43 -7.74 -9.38 -1.09
C LEU A 43 -8.52 -9.98 -2.28
N GLU A 44 -9.64 -10.61 -1.97
CA GLU A 44 -10.50 -11.24 -2.96
C GLU A 44 -11.13 -10.22 -3.93
N ASN A 45 -11.24 -8.97 -3.46
CA ASN A 45 -11.94 -7.92 -4.22
C ASN A 45 -10.96 -6.93 -4.87
N LEU A 46 -9.67 -7.04 -4.58
CA LEU A 46 -8.68 -6.07 -5.07
C LEU A 46 -8.33 -6.33 -6.54
N ASN A 47 -8.21 -5.25 -7.32
CA ASN A 47 -7.94 -5.35 -8.76
C ASN A 47 -6.61 -4.65 -9.12
N VAL A 48 -5.88 -5.25 -10.06
CA VAL A 48 -4.68 -4.62 -10.59
C VAL A 48 -5.03 -3.30 -11.29
N GLY A 49 -4.58 -2.18 -10.72
CA GLY A 49 -4.93 -0.87 -11.26
C GLY A 49 -5.81 -0.04 -10.31
N ASP A 50 -6.21 -0.64 -9.18
CA ASP A 50 -6.96 0.11 -8.15
C ASP A 50 -6.08 1.19 -7.49
N GLU A 51 -6.54 2.43 -7.58
CA GLU A 51 -5.85 3.57 -6.96
C GLU A 51 -6.48 3.91 -5.60
N ILE A 52 -5.84 3.43 -4.53
CA ILE A 52 -6.40 3.54 -3.18
C ILE A 52 -5.54 4.46 -2.27
N ILE A 53 -6.20 5.22 -1.41
CA ILE A 53 -5.51 6.08 -0.44
C ILE A 53 -5.12 5.27 0.82
N VAL A 54 -3.82 5.10 1.04
CA VAL A 54 -3.31 4.30 2.17
C VAL A 54 -2.30 5.08 3.03
N GLN A 55 -2.02 4.57 4.22
CA GLN A 55 -1.03 5.19 5.12
C GLN A 55 0.25 4.34 5.19
N ALA A 56 1.40 4.98 5.09
CA ALA A 56 2.69 4.28 5.17
C ALA A 56 3.03 3.90 6.62
N ILE A 57 2.89 2.61 6.95
CA ILE A 57 3.21 2.11 8.30
C ILE A 57 4.70 2.32 8.63
N ASP A 58 5.57 1.56 7.97
CA ASP A 58 7.02 1.70 8.13
C ASP A 58 7.71 1.80 6.75
N VAL A 59 8.68 2.71 6.65
CA VAL A 59 9.48 2.84 5.44
C VAL A 59 10.85 2.15 5.65
N ARG A 60 11.02 0.98 5.04
CA ARG A 60 12.25 0.20 5.24
C ARG A 60 13.17 0.22 4.00
N PRO A 61 14.19 1.12 3.99
CA PRO A 61 15.17 1.20 2.89
C PRO A 61 16.04 -0.07 2.81
N GLU A 62 16.16 -0.77 3.93
CA GLU A 62 16.91 -2.04 4.00
C GLU A 62 16.34 -3.08 3.02
N LYS A 63 15.02 -3.09 2.86
CA LYS A 63 14.36 -4.01 1.92
C LYS A 63 13.88 -3.25 0.67
N ARG A 64 13.90 -1.92 0.75
CA ARG A 64 13.40 -1.05 -0.34
C ARG A 64 11.89 -1.26 -0.58
N GLU A 65 11.21 -1.72 0.47
CA GLU A 65 9.76 -1.94 0.44
C GLU A 65 9.09 -1.16 1.59
N ILE A 66 8.00 -0.46 1.28
CA ILE A 66 7.28 0.33 2.29
C ILE A 66 5.95 -0.36 2.65
N ASP A 67 5.67 -0.46 3.94
CA ASP A 67 4.46 -1.13 4.42
C ASP A 67 3.27 -0.16 4.41
N PHE A 68 2.15 -0.57 3.82
CA PHE A 68 0.96 0.29 3.74
C PHE A 68 -0.19 -0.27 4.59
N LYS A 69 -1.07 0.62 5.04
CA LYS A 69 -2.24 0.24 5.82
C LYS A 69 -3.50 0.91 5.27
N TYR A 70 -4.64 0.22 5.33
CA TYR A 70 -5.92 0.78 4.90
C TYR A 70 -6.58 1.51 6.08
N ILE A 71 -6.67 2.82 5.97
CA ILE A 71 -7.18 3.66 7.06
C ILE A 71 -8.57 4.24 6.74
N PRO A 72 -9.39 4.47 7.77
CA PRO A 72 -10.67 5.18 7.61
C PRO A 72 -10.46 6.67 7.32
N LEU A 73 -10.77 7.09 6.09
CA LEU A 73 -10.54 8.48 5.67
C LEU A 73 -11.55 9.42 6.35
N GLU A 74 -11.13 10.04 7.46
CA GLU A 74 -11.97 10.97 8.21
C GLU A 74 -11.72 12.44 7.79
N MET A 1 9.55 12.84 -5.17
CA MET A 1 8.63 12.35 -4.12
C MET A 1 9.39 11.57 -3.03
N ASP A 2 8.93 11.65 -1.79
CA ASP A 2 9.53 10.90 -0.67
C ASP A 2 8.44 10.36 0.27
N VAL A 3 8.65 9.14 0.77
CA VAL A 3 7.67 8.49 1.66
C VAL A 3 8.27 8.13 3.01
N GLU A 4 7.56 8.48 4.09
CA GLU A 4 7.99 8.18 5.45
C GLU A 4 6.95 7.29 6.17
N PRO A 5 7.37 6.53 7.20
CA PRO A 5 6.45 5.68 7.97
C PRO A 5 5.38 6.50 8.73
N GLY A 6 4.17 6.57 8.17
CA GLY A 6 3.09 7.35 8.78
C GLY A 6 2.41 8.31 7.81
N LYS A 7 3.04 8.55 6.66
CA LYS A 7 2.52 9.51 5.66
C LYS A 7 1.27 8.99 4.95
N PHE A 8 0.43 9.92 4.49
CA PHE A 8 -0.81 9.58 3.75
C PHE A 8 -0.63 9.83 2.24
N TYR A 9 -0.87 8.79 1.43
CA TYR A 9 -0.76 8.92 -0.04
C TYR A 9 -1.80 8.03 -0.76
N LYS A 10 -2.10 8.37 -2.02
CA LYS A 10 -2.94 7.53 -2.86
C LYS A 10 -2.07 6.64 -3.77
N GLY A 11 -2.25 5.33 -3.66
CA GLY A 11 -1.46 4.41 -4.48
C GLY A 11 -2.34 3.51 -5.35
N VAL A 12 -1.77 2.95 -6.40
CA VAL A 12 -2.52 2.08 -7.32
C VAL A 12 -2.09 0.61 -7.19
N VAL A 13 -3.07 -0.28 -7.13
CA VAL A 13 -2.81 -1.72 -7.04
C VAL A 13 -2.28 -2.28 -8.37
N THR A 14 -1.04 -2.78 -8.35
CA THR A 14 -0.39 -3.33 -9.55
C THR A 14 -0.73 -4.82 -9.74
N ARG A 15 -0.56 -5.61 -8.68
CA ARG A 15 -0.85 -7.04 -8.73
C ARG A 15 -1.22 -7.59 -7.34
N ILE A 16 -2.00 -8.68 -7.33
CA ILE A 16 -2.47 -9.29 -6.08
C ILE A 16 -1.67 -10.56 -5.73
N GLU A 17 -1.09 -10.57 -4.54
CA GLU A 17 -0.35 -11.73 -4.03
C GLU A 17 -1.22 -12.54 -3.05
N LYS A 18 -0.66 -13.64 -2.54
CA LYS A 18 -1.34 -14.41 -1.49
C LYS A 18 -1.09 -13.82 -0.10
N TYR A 19 0.02 -13.08 0.03
CA TYR A 19 0.42 -12.48 1.32
C TYR A 19 0.17 -10.96 1.35
N GLY A 20 -0.21 -10.38 0.22
CA GLY A 20 -0.41 -8.94 0.14
C GLY A 20 -0.76 -8.46 -1.27
N ALA A 21 -0.70 -7.16 -1.49
CA ALA A 21 -0.91 -6.57 -2.81
C ALA A 21 0.09 -5.44 -3.06
N PHE A 22 0.82 -5.51 -4.17
CA PHE A 22 1.84 -4.49 -4.47
C PHE A 22 1.20 -3.20 -4.98
N ILE A 23 1.60 -2.08 -4.38
CA ILE A 23 1.02 -0.78 -4.69
C ILE A 23 2.13 0.27 -4.92
N ASN A 24 2.04 0.98 -6.04
CA ASN A 24 3.00 2.04 -6.35
C ASN A 24 2.38 3.43 -6.19
N LEU A 25 3.09 4.32 -5.50
CA LEU A 25 2.64 5.70 -5.30
C LEU A 25 3.16 6.62 -6.42
N ASN A 26 4.34 6.29 -6.93
CA ASN A 26 5.02 7.12 -7.94
C ASN A 26 6.05 6.29 -8.73
N GLU A 27 6.58 6.87 -9.81
CA GLU A 27 7.60 6.22 -10.66
C GLU A 27 8.61 5.37 -9.86
N GLN A 28 9.35 6.01 -8.95
CA GLN A 28 10.37 5.31 -8.14
C GLN A 28 9.87 4.92 -6.75
N VAL A 29 8.57 5.08 -6.50
CA VAL A 29 8.00 4.77 -5.18
C VAL A 29 7.14 3.50 -5.20
N ARG A 30 7.70 2.40 -4.72
CA ARG A 30 7.02 1.09 -4.66
C ARG A 30 6.67 0.71 -3.21
N GLY A 31 5.56 -0.01 -3.02
CA GLY A 31 5.17 -0.47 -1.69
C GLY A 31 4.34 -1.76 -1.71
N LEU A 32 3.97 -2.23 -0.52
CA LEU A 32 3.20 -3.48 -0.37
C LEU A 32 2.10 -3.35 0.70
N LEU A 33 0.87 -3.69 0.33
CA LEU A 33 -0.27 -3.65 1.25
C LEU A 33 -0.55 -5.04 1.84
N ARG A 34 -0.80 -5.11 3.15
CA ARG A 34 -1.01 -6.39 3.84
C ARG A 34 -2.49 -6.58 4.28
N PRO A 35 -2.99 -7.83 4.26
CA PRO A 35 -4.45 -8.13 4.44
C PRO A 35 -5.03 -7.76 5.81
N ARG A 36 -4.33 -8.08 6.89
CA ARG A 36 -4.87 -7.84 8.25
C ARG A 36 -4.88 -6.35 8.60
N ASP A 37 -4.12 -5.55 7.86
CA ASP A 37 -4.09 -4.10 8.06
C ASP A 37 -5.17 -3.40 7.22
N MET A 38 -6.03 -4.21 6.58
CA MET A 38 -7.17 -3.70 5.82
C MET A 38 -8.42 -3.59 6.70
N ILE A 39 -9.44 -2.89 6.22
CA ILE A 39 -10.70 -2.75 6.96
C ILE A 39 -11.84 -3.51 6.27
N SER A 40 -12.44 -2.91 5.23
CA SER A 40 -13.54 -3.55 4.49
C SER A 40 -13.02 -4.39 3.31
N LEU A 41 -12.10 -3.83 2.55
CA LEU A 41 -11.54 -4.50 1.36
C LEU A 41 -10.47 -5.53 1.75
N ARG A 42 -10.58 -6.72 1.17
CA ARG A 42 -9.55 -7.76 1.29
C ARG A 42 -8.68 -7.79 0.03
N LEU A 43 -7.51 -8.42 0.10
CA LEU A 43 -6.64 -8.59 -1.08
C LEU A 43 -7.42 -9.22 -2.24
N GLU A 44 -8.28 -10.16 -1.89
CA GLU A 44 -9.10 -10.91 -2.84
C GLU A 44 -10.03 -9.98 -3.64
N ASN A 45 -10.42 -8.85 -3.04
CA ASN A 45 -11.38 -7.93 -3.65
C ASN A 45 -10.68 -6.83 -4.44
N LEU A 46 -9.36 -6.71 -4.27
CA LEU A 46 -8.60 -5.64 -4.92
C LEU A 46 -8.32 -5.98 -6.39
N ASN A 47 -8.64 -5.05 -7.27
CA ASN A 47 -8.46 -5.23 -8.71
C ASN A 47 -7.26 -4.43 -9.23
N VAL A 48 -6.64 -4.91 -10.31
CA VAL A 48 -5.51 -4.19 -10.94
C VAL A 48 -5.98 -2.84 -11.50
N GLY A 49 -5.45 -1.76 -10.94
CA GLY A 49 -5.84 -0.42 -11.38
C GLY A 49 -6.56 0.39 -10.29
N ASP A 50 -6.95 -0.27 -9.19
CA ASP A 50 -7.61 0.43 -8.08
C ASP A 50 -6.65 1.41 -7.37
N GLU A 51 -6.94 2.71 -7.48
CA GLU A 51 -6.17 3.73 -6.77
C GLU A 51 -6.80 4.03 -5.41
N ILE A 52 -6.20 3.48 -4.35
CA ILE A 52 -6.72 3.62 -2.99
C ILE A 52 -5.83 4.52 -2.13
N ILE A 53 -6.43 5.29 -1.23
CA ILE A 53 -5.68 6.14 -0.30
C ILE A 53 -5.23 5.32 0.93
N VAL A 54 -3.93 5.09 1.04
CA VAL A 54 -3.37 4.26 2.10
C VAL A 54 -2.33 5.02 2.94
N GLN A 55 -2.15 4.58 4.19
CA GLN A 55 -1.13 5.15 5.07
C GLN A 55 0.07 4.22 5.17
N ALA A 56 1.27 4.77 5.01
CA ALA A 56 2.50 3.97 5.08
C ALA A 56 2.81 3.54 6.52
N ILE A 57 2.82 2.23 6.77
CA ILE A 57 3.16 1.69 8.10
C ILE A 57 4.65 1.90 8.41
N ASP A 58 5.49 1.18 7.67
CA ASP A 58 6.94 1.26 7.85
C ASP A 58 7.67 1.47 6.53
N VAL A 59 8.63 2.40 6.52
CA VAL A 59 9.60 2.50 5.44
C VAL A 59 10.97 2.01 5.96
N ARG A 60 11.33 0.80 5.58
CA ARG A 60 12.49 0.12 6.17
C ARG A 60 13.72 0.17 5.23
N PRO A 61 14.65 1.11 5.47
CA PRO A 61 15.79 1.37 4.56
C PRO A 61 16.76 0.17 4.45
N GLU A 62 16.98 -0.52 5.56
CA GLU A 62 17.84 -1.71 5.57
C GLU A 62 17.37 -2.75 4.54
N LYS A 63 16.06 -2.82 4.34
CA LYS A 63 15.47 -3.75 3.35
C LYS A 63 14.95 -3.01 2.11
N ARG A 64 14.88 -1.67 2.19
CA ARG A 64 14.27 -0.85 1.13
C ARG A 64 12.83 -1.30 0.82
N GLU A 65 12.14 -1.81 1.84
CA GLU A 65 10.75 -2.26 1.69
C GLU A 65 9.78 -1.28 2.38
N ILE A 66 8.63 -1.05 1.75
CA ILE A 66 7.62 -0.12 2.27
C ILE A 66 6.25 -0.81 2.39
N ASP A 67 5.70 -0.85 3.60
CA ASP A 67 4.39 -1.50 3.84
C ASP A 67 3.28 -0.45 4.05
N PHE A 68 2.09 -0.74 3.52
CA PHE A 68 0.95 0.19 3.60
C PHE A 68 -0.18 -0.35 4.48
N LYS A 69 -1.11 0.54 4.84
CA LYS A 69 -2.29 0.20 5.63
C LYS A 69 -3.56 0.83 5.02
N TYR A 70 -4.69 0.16 5.13
CA TYR A 70 -5.95 0.67 4.56
C TYR A 70 -6.67 1.58 5.57
N ILE A 71 -6.79 2.85 5.22
CA ILE A 71 -7.43 3.85 6.09
C ILE A 71 -8.79 4.33 5.51
N PRO A 72 -9.74 4.71 6.38
CA PRO A 72 -11.06 5.19 5.95
C PRO A 72 -10.99 6.53 5.17
N LEU A 73 -10.91 6.45 3.85
CA LEU A 73 -10.94 7.63 2.99
C LEU A 73 -12.36 8.25 2.95
N GLU A 74 -12.43 9.56 2.73
CA GLU A 74 -13.72 10.28 2.73
C GLU A 74 -13.90 11.17 1.47
N MET A 1 7.84 12.39 -5.95
CA MET A 1 7.55 12.35 -4.49
C MET A 1 8.25 11.19 -3.79
N ASP A 2 8.80 11.44 -2.60
CA ASP A 2 9.33 10.39 -1.72
C ASP A 2 8.40 10.19 -0.51
N VAL A 3 8.46 9.04 0.13
CA VAL A 3 7.49 8.66 1.16
C VAL A 3 8.06 8.72 2.60
N GLU A 4 7.21 9.12 3.54
CA GLU A 4 7.57 9.14 4.97
C GLU A 4 6.77 8.09 5.75
N PRO A 5 7.39 7.47 6.79
CA PRO A 5 6.69 6.53 7.67
C PRO A 5 5.58 7.19 8.51
N GLY A 6 4.45 6.49 8.65
CA GLY A 6 3.32 7.00 9.44
C GLY A 6 2.48 8.06 8.72
N LYS A 7 2.74 8.31 7.44
CA LYS A 7 2.04 9.38 6.72
C LYS A 7 1.01 8.83 5.70
N PHE A 8 0.12 9.72 5.25
CA PHE A 8 -1.02 9.37 4.37
C PHE A 8 -0.64 9.51 2.89
N TYR A 9 -0.88 8.45 2.10
CA TYR A 9 -0.55 8.48 0.66
C TYR A 9 -1.61 7.75 -0.19
N LYS A 10 -1.58 8.01 -1.49
CA LYS A 10 -2.46 7.33 -2.45
C LYS A 10 -1.64 6.58 -3.52
N GLY A 11 -1.93 5.29 -3.69
CA GLY A 11 -1.18 4.50 -4.65
C GLY A 11 -2.06 3.59 -5.51
N VAL A 12 -1.45 2.92 -6.49
CA VAL A 12 -2.18 2.03 -7.40
C VAL A 12 -1.73 0.56 -7.24
N VAL A 13 -2.69 -0.36 -7.25
CA VAL A 13 -2.39 -1.79 -7.11
C VAL A 13 -1.71 -2.38 -8.36
N THR A 14 -0.59 -3.06 -8.17
CA THR A 14 0.19 -3.65 -9.27
C THR A 14 -0.05 -5.17 -9.40
N ARG A 15 0.21 -5.92 -8.34
CA ARG A 15 -0.01 -7.37 -8.35
C ARG A 15 -0.58 -7.86 -7.01
N ILE A 16 -1.45 -8.87 -7.08
CA ILE A 16 -2.10 -9.42 -5.89
C ILE A 16 -1.38 -10.69 -5.39
N GLU A 17 -0.67 -10.59 -4.27
CA GLU A 17 -0.09 -11.76 -3.62
C GLU A 17 -1.04 -12.28 -2.53
N LYS A 18 -1.01 -13.58 -2.25
CA LYS A 18 -1.89 -14.16 -1.24
C LYS A 18 -1.60 -13.62 0.18
N TYR A 19 -0.46 -12.93 0.33
CA TYR A 19 -0.08 -12.32 1.62
C TYR A 19 -0.16 -10.78 1.57
N GLY A 20 -0.58 -10.24 0.42
CA GLY A 20 -0.69 -8.77 0.28
C GLY A 20 -0.56 -8.30 -1.16
N ALA A 21 -1.05 -7.10 -1.44
CA ALA A 21 -0.97 -6.52 -2.80
C ALA A 21 0.11 -5.43 -2.88
N PHE A 22 1.00 -5.55 -3.86
CA PHE A 22 2.06 -4.55 -4.05
C PHE A 22 1.51 -3.28 -4.69
N ILE A 23 1.76 -2.13 -4.05
CA ILE A 23 1.22 -0.85 -4.51
C ILE A 23 2.33 0.19 -4.73
N ASN A 24 2.24 0.93 -5.84
CA ASN A 24 3.19 2.02 -6.12
C ASN A 24 2.57 3.39 -5.80
N LEU A 25 3.24 4.18 -4.97
CA LEU A 25 2.78 5.53 -4.64
C LEU A 25 3.35 6.56 -5.63
N ASN A 26 4.39 6.15 -6.34
CA ASN A 26 5.10 7.01 -7.29
C ASN A 26 5.98 6.15 -8.20
N GLU A 27 6.40 6.68 -9.34
CA GLU A 27 7.25 5.93 -10.29
C GLU A 27 8.50 5.35 -9.60
N GLN A 28 9.06 6.09 -8.65
CA GLN A 28 10.26 5.65 -7.93
C GLN A 28 9.92 5.03 -6.55
N VAL A 29 8.64 4.77 -6.31
CA VAL A 29 8.18 4.31 -4.98
C VAL A 29 7.27 3.08 -5.07
N ARG A 30 7.70 1.99 -4.43
CA ARG A 30 6.93 0.74 -4.38
C ARG A 30 6.70 0.29 -2.92
N GLY A 31 5.58 -0.38 -2.66
CA GLY A 31 5.31 -0.90 -1.32
C GLY A 31 4.40 -2.12 -1.32
N LEU A 32 3.94 -2.53 -0.13
CA LEU A 32 3.09 -3.71 0.03
C LEU A 32 1.90 -3.43 0.96
N LEU A 33 0.71 -3.88 0.56
CA LEU A 33 -0.51 -3.71 1.36
C LEU A 33 -1.08 -5.09 1.77
N ARG A 34 -1.04 -5.40 3.06
CA ARG A 34 -1.47 -6.72 3.54
C ARG A 34 -2.94 -6.71 3.97
N PRO A 35 -3.67 -7.84 3.76
CA PRO A 35 -5.11 -7.92 4.07
C PRO A 35 -5.41 -7.75 5.56
N ARG A 36 -4.41 -8.05 6.40
CA ARG A 36 -4.55 -7.93 7.85
C ARG A 36 -4.39 -6.46 8.30
N ASP A 37 -3.98 -5.60 7.38
CA ASP A 37 -3.92 -4.15 7.62
C ASP A 37 -5.06 -3.43 6.87
N MET A 38 -5.98 -4.22 6.30
CA MET A 38 -7.12 -3.68 5.54
C MET A 38 -8.42 -3.72 6.33
N ILE A 39 -9.10 -2.58 6.42
CA ILE A 39 -10.35 -2.47 7.18
C ILE A 39 -11.47 -3.36 6.58
N SER A 40 -12.00 -2.97 5.42
CA SER A 40 -13.11 -3.70 4.79
C SER A 40 -12.74 -4.27 3.40
N LEU A 41 -11.79 -3.63 2.72
CA LEU A 41 -11.39 -4.09 1.38
C LEU A 41 -10.45 -5.30 1.45
N ARG A 42 -10.87 -6.42 0.87
CA ARG A 42 -10.07 -7.64 0.84
C ARG A 42 -9.34 -7.79 -0.51
N LEU A 43 -8.22 -8.52 -0.51
CA LEU A 43 -7.43 -8.75 -1.74
C LEU A 43 -8.29 -9.38 -2.84
N GLU A 44 -9.31 -10.14 -2.45
CA GLU A 44 -10.21 -10.80 -3.40
C GLU A 44 -10.95 -9.77 -4.28
N ASN A 45 -11.11 -8.55 -3.77
CA ASN A 45 -11.88 -7.53 -4.48
C ASN A 45 -10.96 -6.55 -5.23
N LEU A 46 -9.72 -6.41 -4.77
CA LEU A 46 -8.77 -5.45 -5.36
C LEU A 46 -8.22 -5.94 -6.71
N ASN A 47 -8.39 -5.12 -7.75
CA ASN A 47 -7.87 -5.45 -9.08
C ASN A 47 -6.63 -4.61 -9.42
N VAL A 48 -5.88 -5.04 -10.43
CA VAL A 48 -4.72 -4.28 -10.91
C VAL A 48 -5.15 -2.96 -11.55
N GLY A 49 -4.77 -1.84 -10.93
CA GLY A 49 -5.16 -0.52 -11.43
C GLY A 49 -6.05 0.28 -10.47
N ASP A 50 -6.45 -0.32 -9.36
CA ASP A 50 -7.22 0.40 -8.34
C ASP A 50 -6.34 1.39 -7.55
N GLU A 51 -6.73 2.66 -7.55
CA GLU A 51 -6.02 3.69 -6.79
C GLU A 51 -6.59 3.82 -5.37
N ILE A 52 -5.88 3.26 -4.40
CA ILE A 52 -6.35 3.21 -3.01
C ILE A 52 -5.56 4.18 -2.10
N ILE A 53 -6.25 4.81 -1.16
CA ILE A 53 -5.63 5.69 -0.17
C ILE A 53 -5.14 4.90 1.06
N VAL A 54 -3.83 4.78 1.20
CA VAL A 54 -3.24 3.97 2.28
C VAL A 54 -2.19 4.75 3.09
N GLN A 55 -2.03 4.36 4.35
CA GLN A 55 -1.02 4.96 5.21
C GLN A 55 0.25 4.09 5.23
N ALA A 56 1.38 4.70 4.92
CA ALA A 56 2.66 3.98 4.90
C ALA A 56 3.15 3.69 6.32
N ILE A 57 2.87 2.50 6.82
CA ILE A 57 3.24 2.10 8.20
C ILE A 57 4.75 2.30 8.45
N ASP A 58 5.58 1.48 7.81
CA ASP A 58 7.03 1.57 7.95
C ASP A 58 7.73 1.66 6.58
N VAL A 59 8.59 2.65 6.42
CA VAL A 59 9.43 2.77 5.22
C VAL A 59 10.86 2.30 5.53
N ARG A 60 11.20 1.11 5.05
CA ARG A 60 12.48 0.47 5.40
C ARG A 60 13.51 0.64 4.27
N PRO A 61 14.43 1.63 4.38
CA PRO A 61 15.42 1.93 3.31
C PRO A 61 16.37 0.76 3.06
N GLU A 62 16.92 0.21 4.14
CA GLU A 62 17.88 -0.90 4.06
C GLU A 62 17.32 -2.12 3.30
N LYS A 63 16.00 -2.33 3.35
CA LYS A 63 15.35 -3.46 2.66
C LYS A 63 14.53 -3.00 1.45
N ARG A 64 14.34 -1.68 1.32
CA ARG A 64 13.51 -1.10 0.26
C ARG A 64 12.07 -1.68 0.27
N GLU A 65 11.54 -1.87 1.47
CA GLU A 65 10.17 -2.36 1.66
C GLU A 65 9.31 -1.32 2.40
N ILE A 66 8.11 -1.07 1.92
CA ILE A 66 7.18 -0.13 2.57
C ILE A 66 5.85 -0.82 2.91
N ASP A 67 5.52 -0.87 4.20
CA ASP A 67 4.27 -1.50 4.64
C ASP A 67 3.09 -0.50 4.58
N PHE A 68 1.96 -0.93 4.03
CA PHE A 68 0.77 -0.06 3.92
C PHE A 68 -0.38 -0.55 4.80
N LYS A 69 -1.23 0.39 5.22
CA LYS A 69 -2.46 0.08 5.97
C LYS A 69 -3.64 0.86 5.39
N TYR A 70 -4.85 0.30 5.46
CA TYR A 70 -6.03 1.01 4.98
C TYR A 70 -6.62 1.87 6.10
N ILE A 71 -6.75 3.17 5.84
CA ILE A 71 -7.28 4.11 6.83
C ILE A 71 -8.70 4.55 6.47
N PRO A 72 -9.66 4.41 7.41
CA PRO A 72 -11.05 4.81 7.17
C PRO A 72 -11.22 6.34 7.08
N LEU A 73 -10.97 6.89 5.90
CA LEU A 73 -11.15 8.32 5.65
C LEU A 73 -12.60 8.76 5.91
N GLU A 74 -12.79 9.56 6.96
CA GLU A 74 -14.13 10.02 7.36
C GLU A 74 -14.65 11.16 6.47
N MET A 1 9.48 13.41 -4.67
CA MET A 1 8.65 12.64 -3.70
C MET A 1 9.51 11.67 -2.86
N ASP A 2 9.19 11.55 -1.57
CA ASP A 2 9.84 10.57 -0.70
C ASP A 2 8.86 10.09 0.39
N VAL A 3 8.84 8.78 0.64
CA VAL A 3 7.89 8.20 1.58
C VAL A 3 8.43 8.18 3.03
N GLU A 4 7.59 8.58 3.97
CA GLU A 4 7.94 8.61 5.39
C GLU A 4 6.93 7.82 6.24
N PRO A 5 7.40 7.17 7.33
CA PRO A 5 6.52 6.38 8.21
C PRO A 5 5.45 7.24 8.91
N GLY A 6 4.18 6.84 8.77
CA GLY A 6 3.08 7.54 9.42
C GLY A 6 2.38 8.54 8.50
N LYS A 7 2.87 8.70 7.28
CA LYS A 7 2.29 9.66 6.33
C LYS A 7 1.18 9.04 5.48
N PHE A 8 0.28 9.90 4.98
CA PHE A 8 -0.86 9.47 4.17
C PHE A 8 -0.56 9.60 2.67
N TYR A 9 -0.86 8.55 1.89
CA TYR A 9 -0.59 8.56 0.44
C TYR A 9 -1.73 7.92 -0.36
N LYS A 10 -1.76 8.20 -1.67
CA LYS A 10 -2.66 7.49 -2.60
C LYS A 10 -1.84 6.77 -3.68
N GLY A 11 -2.12 5.48 -3.88
CA GLY A 11 -1.37 4.70 -4.86
C GLY A 11 -2.23 3.73 -5.65
N VAL A 12 -1.63 3.06 -6.63
CA VAL A 12 -2.35 2.12 -7.49
C VAL A 12 -1.90 0.66 -7.27
N VAL A 13 -2.87 -0.26 -7.20
CA VAL A 13 -2.59 -1.69 -7.05
C VAL A 13 -2.04 -2.30 -8.36
N THR A 14 -0.84 -2.85 -8.30
CA THR A 14 -0.20 -3.42 -9.49
C THR A 14 -0.48 -4.93 -9.64
N ARG A 15 -0.17 -5.70 -8.60
CA ARG A 15 -0.44 -7.15 -8.61
C ARG A 15 -0.93 -7.66 -7.25
N ILE A 16 -1.79 -8.68 -7.27
CA ILE A 16 -2.36 -9.25 -6.04
C ILE A 16 -1.61 -10.54 -5.63
N GLU A 17 -0.83 -10.44 -4.55
CA GLU A 17 -0.17 -11.61 -3.97
C GLU A 17 -0.99 -12.15 -2.79
N LYS A 18 -0.81 -13.43 -2.48
CA LYS A 18 -1.58 -14.07 -1.40
C LYS A 18 -1.18 -13.56 0.00
N TYR A 19 -0.12 -12.74 0.05
CA TYR A 19 0.32 -12.11 1.29
C TYR A 19 0.14 -10.57 1.26
N GLY A 20 -0.48 -10.06 0.21
CA GLY A 20 -0.72 -8.63 0.08
C GLY A 20 -0.67 -8.11 -1.36
N ALA A 21 -1.10 -6.87 -1.55
CA ALA A 21 -1.08 -6.24 -2.88
C ALA A 21 0.02 -5.18 -2.98
N PHE A 22 0.87 -5.28 -4.00
CA PHE A 22 1.94 -4.30 -4.20
C PHE A 22 1.41 -3.03 -4.87
N ILE A 23 1.57 -1.90 -4.19
CA ILE A 23 1.02 -0.62 -4.63
C ILE A 23 2.12 0.39 -4.97
N ASN A 24 2.00 1.05 -6.12
CA ASN A 24 2.91 2.12 -6.52
C ASN A 24 2.38 3.50 -6.09
N LEU A 25 3.17 4.22 -5.29
CA LEU A 25 2.83 5.60 -4.91
C LEU A 25 3.43 6.59 -5.91
N ASN A 26 4.45 6.11 -6.63
CA ASN A 26 5.17 6.93 -7.61
C ASN A 26 5.99 6.02 -8.54
N GLU A 27 6.39 6.54 -9.69
CA GLU A 27 7.22 5.78 -10.65
C GLU A 27 8.41 5.09 -9.97
N GLN A 28 9.04 5.79 -9.03
CA GLN A 28 10.23 5.26 -8.33
C GLN A 28 9.89 4.71 -6.92
N VAL A 29 8.59 4.57 -6.61
CA VAL A 29 8.16 4.16 -5.27
C VAL A 29 7.11 3.02 -5.32
N ARG A 30 7.46 1.88 -4.72
CA ARG A 30 6.54 0.73 -4.62
C ARG A 30 6.56 0.13 -3.20
N GLY A 31 5.39 -0.24 -2.70
CA GLY A 31 5.29 -0.86 -1.37
C GLY A 31 4.31 -2.02 -1.32
N LEU A 32 4.08 -2.56 -0.12
CA LEU A 32 3.21 -3.74 0.05
C LEU A 32 2.06 -3.46 1.03
N LEU A 33 0.83 -3.68 0.58
CA LEU A 33 -0.36 -3.56 1.44
C LEU A 33 -0.89 -4.95 1.81
N ARG A 34 -0.81 -5.30 3.10
CA ARG A 34 -1.24 -6.63 3.58
C ARG A 34 -2.73 -6.65 3.95
N PRO A 35 -3.42 -7.76 3.66
CA PRO A 35 -4.88 -7.87 3.86
C PRO A 35 -5.31 -7.73 5.33
N ARG A 36 -4.46 -8.17 6.23
CA ARG A 36 -4.73 -8.07 7.67
C ARG A 36 -4.79 -6.60 8.13
N ASP A 37 -4.07 -5.73 7.43
CA ASP A 37 -4.03 -4.30 7.74
C ASP A 37 -5.11 -3.53 6.98
N MET A 38 -6.06 -4.26 6.39
CA MET A 38 -7.22 -3.68 5.72
C MET A 38 -8.36 -3.41 6.71
N ILE A 39 -9.31 -2.57 6.31
CA ILE A 39 -10.51 -2.30 7.11
C ILE A 39 -11.78 -2.86 6.43
N SER A 40 -12.02 -2.44 5.19
CA SER A 40 -13.21 -2.88 4.43
C SER A 40 -12.86 -3.78 3.24
N LEU A 41 -11.80 -3.42 2.51
CA LEU A 41 -11.40 -4.14 1.30
C LEU A 41 -10.59 -5.41 1.60
N ARG A 42 -10.90 -6.48 0.87
CA ARG A 42 -10.14 -7.74 0.95
C ARG A 42 -9.46 -8.04 -0.41
N LEU A 43 -8.32 -8.74 -0.37
CA LEU A 43 -7.59 -9.09 -1.61
C LEU A 43 -8.51 -9.76 -2.64
N GLU A 44 -9.45 -10.56 -2.15
CA GLU A 44 -10.39 -11.30 -2.99
C GLU A 44 -11.20 -10.38 -3.93
N ASN A 45 -11.28 -9.09 -3.58
CA ASN A 45 -12.10 -8.13 -4.34
C ASN A 45 -11.26 -7.07 -5.08
N LEU A 46 -9.94 -7.09 -4.87
CA LEU A 46 -9.07 -6.05 -5.45
C LEU A 46 -8.69 -6.37 -6.90
N ASN A 47 -8.53 -5.32 -7.71
CA ASN A 47 -8.22 -5.47 -9.14
C ASN A 47 -6.94 -4.71 -9.50
N VAL A 48 -6.27 -5.17 -10.55
CA VAL A 48 -5.10 -4.47 -11.08
C VAL A 48 -5.50 -3.12 -11.66
N GLY A 49 -5.05 -2.04 -11.03
CA GLY A 49 -5.41 -0.69 -11.49
C GLY A 49 -6.24 0.10 -10.47
N ASP A 50 -6.75 -0.58 -9.44
CA ASP A 50 -7.50 0.10 -8.37
C ASP A 50 -6.62 1.10 -7.61
N GLU A 51 -7.06 2.34 -7.56
CA GLU A 51 -6.36 3.41 -6.84
C GLU A 51 -6.83 3.49 -5.38
N ILE A 52 -5.98 3.06 -4.45
CA ILE A 52 -6.35 3.00 -3.03
C ILE A 52 -5.54 4.00 -2.17
N ILE A 53 -6.22 4.64 -1.22
CA ILE A 53 -5.56 5.52 -0.25
C ILE A 53 -5.01 4.73 0.93
N VAL A 54 -3.70 4.81 1.16
CA VAL A 54 -3.04 4.01 2.19
C VAL A 54 -2.06 4.83 3.04
N GLN A 55 -1.85 4.40 4.28
CA GLN A 55 -0.87 5.03 5.17
C GLN A 55 0.39 4.17 5.27
N ALA A 56 1.56 4.80 5.16
CA ALA A 56 2.83 4.09 5.24
C ALA A 56 3.16 3.66 6.68
N ILE A 57 3.04 2.36 6.97
CA ILE A 57 3.28 1.84 8.31
C ILE A 57 4.76 2.01 8.73
N ASP A 58 5.65 1.25 8.09
CA ASP A 58 7.08 1.33 8.36
C ASP A 58 7.88 1.54 7.06
N VAL A 59 8.89 2.39 7.12
CA VAL A 59 9.75 2.66 5.96
C VAL A 59 11.23 2.48 6.31
N ARG A 60 11.82 1.38 5.87
CA ARG A 60 13.24 1.10 6.13
C ARG A 60 14.04 1.00 4.81
N PRO A 61 14.77 2.07 4.43
CA PRO A 61 15.57 2.09 3.18
C PRO A 61 16.55 0.91 3.10
N GLU A 62 17.05 0.48 4.25
CA GLU A 62 17.97 -0.66 4.35
C GLU A 62 17.34 -1.95 3.77
N LYS A 63 16.02 -2.10 3.97
CA LYS A 63 15.30 -3.28 3.49
C LYS A 63 14.67 -3.03 2.10
N ARG A 64 14.57 -1.75 1.73
CA ARG A 64 13.92 -1.32 0.47
C ARG A 64 12.41 -1.67 0.48
N GLU A 65 11.86 -1.91 1.66
CA GLU A 65 10.47 -2.34 1.81
C GLU A 65 9.63 -1.28 2.54
N ILE A 66 8.42 -1.05 2.04
CA ILE A 66 7.49 -0.10 2.66
C ILE A 66 6.12 -0.74 2.87
N ASP A 67 5.70 -0.85 4.13
CA ASP A 67 4.39 -1.45 4.46
C ASP A 67 3.27 -0.40 4.39
N PHE A 68 2.12 -0.79 3.85
CA PHE A 68 0.95 0.08 3.76
C PHE A 68 -0.19 -0.43 4.65
N LYS A 69 -1.06 0.50 5.05
CA LYS A 69 -2.24 0.18 5.86
C LYS A 69 -3.49 0.88 5.31
N TYR A 70 -4.65 0.22 5.40
CA TYR A 70 -5.90 0.82 4.94
C TYR A 70 -6.53 1.64 6.07
N ILE A 71 -6.76 2.92 5.82
CA ILE A 71 -7.21 3.86 6.85
C ILE A 71 -8.57 4.49 6.53
N PRO A 72 -9.38 4.81 7.57
CA PRO A 72 -10.64 5.57 7.40
C PRO A 72 -10.36 7.03 6.99
N LEU A 73 -11.00 7.48 5.91
CA LEU A 73 -10.77 8.82 5.37
C LEU A 73 -11.46 9.88 6.25
N GLU A 74 -10.71 10.50 7.15
CA GLU A 74 -11.22 11.61 7.98
C GLU A 74 -10.39 12.89 7.78
#